data_7HML
# 
_entry.id   7HML 
# 
_audit_conform.dict_name       mmcif_pdbx.dic 
_audit_conform.dict_version    5.399 
_audit_conform.dict_location   http://mmcif.pdb.org/dictionaries/ascii/mmcif_pdbx.dic 
# 
loop_
_database_2.database_id 
_database_2.database_code 
_database_2.pdbx_database_accession 
_database_2.pdbx_DOI 
PDB   7HML         pdb_00007hml 10.2210/pdb7hml/pdb 
WWPDB D_1001407663 ?            ?                   
# 
_pdbx_audit_revision_history.ordinal             1 
_pdbx_audit_revision_history.data_content_type   'Structure model' 
_pdbx_audit_revision_history.major_revision      1 
_pdbx_audit_revision_history.minor_revision      0 
_pdbx_audit_revision_history.revision_date       2024-11-27 
# 
_pdbx_audit_revision_details.ordinal             1 
_pdbx_audit_revision_details.revision_ordinal    1 
_pdbx_audit_revision_details.data_content_type   'Structure model' 
_pdbx_audit_revision_details.provider            repository 
_pdbx_audit_revision_details.type                'Initial release' 
_pdbx_audit_revision_details.description         ? 
_pdbx_audit_revision_details.details             ? 
# 
_pdbx_database_status.entry_id                        7HML 
_pdbx_database_status.status_code                     REL 
_pdbx_database_status.status_code_sf                  REL 
_pdbx_database_status.status_code_mr                  ? 
_pdbx_database_status.status_code_cs                  ? 
_pdbx_database_status.recvd_initial_deposition_date   2024-11-04 
_pdbx_database_status.status_code_nmr_data            ? 
_pdbx_database_status.deposit_site                    RCSB 
_pdbx_database_status.process_site                    RCSB 
_pdbx_database_status.SG_entry                        ? 
_pdbx_database_status.pdb_format_compatible           Y 
_pdbx_database_status.methods_development_category    ? 
# 
_pdbx_contact_author.id                 1 
_pdbx_contact_author.email              knapp@pharmchem.uni-frankfurt.de 
_pdbx_contact_author.name_first         Stefan 
_pdbx_contact_author.name_last          Knapp 
_pdbx_contact_author.role               'principal investigator/group leader' 
_pdbx_contact_author.identifier_ORCID   0000-0001-5995-6494 
_pdbx_contact_author.name_mi            ? 
# 
loop_
_audit_author.name 
_audit_author.pdbx_ordinal 
'Kim, Y.'                              1 
'Marples, P.'                          2 
'Fearon, D.'                           3 
'von Delft, F.'                        4 
'Knapp, S.'                            5 
'Kraemer, A.'                          6 
'Structural Genomics Consortium (SGC)' 7 
# 
_citation.id                        primary 
_citation.title                     'PanDDA analysis group deposition' 
_citation.journal_abbrev            'To Be Published' 
_citation.journal_volume            ? 
_citation.page_first                ? 
_citation.page_last                 ? 
_citation.year                      ? 
_citation.journal_id_ASTM           ? 
_citation.country                   ? 
_citation.journal_id_ISSN           ? 
_citation.journal_id_CSD            0353 
_citation.book_publisher            ? 
_citation.pdbx_database_id_PubMed   ? 
_citation.pdbx_database_id_DOI      ? 
# 
loop_
_citation_author.citation_id 
_citation_author.name 
_citation_author.identifier_ORCID 
_citation_author.ordinal 
primary 'Kim, Y.'                              ? 1 
primary 'Marples, P.'                          ? 2 
primary 'Fearon, D.'                           ? 3 
primary 'von Delft, F.'                        ? 4 
primary 'Knapp, S.'                            ? 5 
primary 'Kraemer, A.'                          ? 6 
primary 'Structural Genomics Consortium (SGC)' ? 7 
# 
loop_
_entity.id 
_entity.type 
_entity.src_method 
_entity.pdbx_description 
_entity.formula_weight 
_entity.pdbx_number_of_molecules 
_entity.pdbx_ec 
_entity.pdbx_mutation 
_entity.pdbx_fragment 
_entity.details 
1 polymer     man 'E3 ubiquitin-protein ligase TRIM21'                  21596.361 1  2.3.2.27 ? ? ? 
2 non-polymer syn '1-(5-amino-1,3-dihydro-2H-isoindol-2-yl)ethan-1-one' 176.215   1  ?        ? ? ? 
3 non-polymer syn 1,2-ETHANEDIOL                                        62.068    2  ?        ? ? ? 
4 non-polymer syn 'SULFATE ION'                                         96.063    1  ?        ? ? ? 
5 water       nat water                                                 18.015    36 ?        ? ? ? 
# 
_entity_name_com.entity_id   1 
_entity_name_com.name        
;52 kDa Ro protein,52 kDa ribonucleoprotein autoantigen Ro/SS-A,Ro(SS-A),Sjoegren syndrome type A antigen,SS-A,Tripartite motif-containing protein 21
;
# 
_entity_poly.entity_id                      1 
_entity_poly.type                           'polypeptide(L)' 
_entity_poly.nstd_linkage                   no 
_entity_poly.nstd_monomer                   no 
_entity_poly.pdbx_seq_one_letter_code       
;MHHHHHHMVHITLDRNTANSWLIISKDRRQVRMGDTHQNVSDNKERFSNYPMVLGAQRFSSGKMYWEVDVTQKEAWDLGV
CRDSVQRKGQFSLSPENGFWTIWLWQDSYEAGTSPQTTLHIQVPPCQIGIFVDYEAGVVSFYNITDHGSLIYTFSECVFA
GPLRPFFNVGFNYSGGNAAPLKLCPLKM
;
_entity_poly.pdbx_seq_one_letter_code_can   
;MHHHHHHMVHITLDRNTANSWLIISKDRRQVRMGDTHQNVSDNKERFSNYPMVLGAQRFSSGKMYWEVDVTQKEAWDLGV
CRDSVQRKGQFSLSPENGFWTIWLWQDSYEAGTSPQTTLHIQVPPCQIGIFVDYEAGVVSFYNITDHGSLIYTFSECVFA
GPLRPFFNVGFNYSGGNAAPLKLCPLKM
;
_entity_poly.pdbx_strand_id                 B 
_entity_poly.pdbx_target_identifier         ? 
# 
loop_
_pdbx_entity_nonpoly.entity_id 
_pdbx_entity_nonpoly.name 
_pdbx_entity_nonpoly.comp_id 
2 '1-(5-amino-1,3-dihydro-2H-isoindol-2-yl)ethan-1-one' X1J 
3 1,2-ETHANEDIOL                                        EDO 
4 'SULFATE ION'                                         SO4 
5 water                                                 HOH 
# 
loop_
_entity_poly_seq.entity_id 
_entity_poly_seq.num 
_entity_poly_seq.mon_id 
_entity_poly_seq.hetero 
1 1   MET n 
1 2   HIS n 
1 3   HIS n 
1 4   HIS n 
1 5   HIS n 
1 6   HIS n 
1 7   HIS n 
1 8   MET n 
1 9   VAL n 
1 10  HIS n 
1 11  ILE n 
1 12  THR n 
1 13  LEU n 
1 14  ASP n 
1 15  ARG n 
1 16  ASN n 
1 17  THR n 
1 18  ALA n 
1 19  ASN n 
1 20  SER n 
1 21  TRP n 
1 22  LEU n 
1 23  ILE n 
1 24  ILE n 
1 25  SER n 
1 26  LYS n 
1 27  ASP n 
1 28  ARG n 
1 29  ARG n 
1 30  GLN n 
1 31  VAL n 
1 32  ARG n 
1 33  MET n 
1 34  GLY n 
1 35  ASP n 
1 36  THR n 
1 37  HIS n 
1 38  GLN n 
1 39  ASN n 
1 40  VAL n 
1 41  SER n 
1 42  ASP n 
1 43  ASN n 
1 44  LYS n 
1 45  GLU n 
1 46  ARG n 
1 47  PHE n 
1 48  SER n 
1 49  ASN n 
1 50  TYR n 
1 51  PRO n 
1 52  MET n 
1 53  VAL n 
1 54  LEU n 
1 55  GLY n 
1 56  ALA n 
1 57  GLN n 
1 58  ARG n 
1 59  PHE n 
1 60  SER n 
1 61  SER n 
1 62  GLY n 
1 63  LYS n 
1 64  MET n 
1 65  TYR n 
1 66  TRP n 
1 67  GLU n 
1 68  VAL n 
1 69  ASP n 
1 70  VAL n 
1 71  THR n 
1 72  GLN n 
1 73  LYS n 
1 74  GLU n 
1 75  ALA n 
1 76  TRP n 
1 77  ASP n 
1 78  LEU n 
1 79  GLY n 
1 80  VAL n 
1 81  CYS n 
1 82  ARG n 
1 83  ASP n 
1 84  SER n 
1 85  VAL n 
1 86  GLN n 
1 87  ARG n 
1 88  LYS n 
1 89  GLY n 
1 90  GLN n 
1 91  PHE n 
1 92  SER n 
1 93  LEU n 
1 94  SER n 
1 95  PRO n 
1 96  GLU n 
1 97  ASN n 
1 98  GLY n 
1 99  PHE n 
1 100 TRP n 
1 101 THR n 
1 102 ILE n 
1 103 TRP n 
1 104 LEU n 
1 105 TRP n 
1 106 GLN n 
1 107 ASP n 
1 108 SER n 
1 109 TYR n 
1 110 GLU n 
1 111 ALA n 
1 112 GLY n 
1 113 THR n 
1 114 SER n 
1 115 PRO n 
1 116 GLN n 
1 117 THR n 
1 118 THR n 
1 119 LEU n 
1 120 HIS n 
1 121 ILE n 
1 122 GLN n 
1 123 VAL n 
1 124 PRO n 
1 125 PRO n 
1 126 CYS n 
1 127 GLN n 
1 128 ILE n 
1 129 GLY n 
1 130 ILE n 
1 131 PHE n 
1 132 VAL n 
1 133 ASP n 
1 134 TYR n 
1 135 GLU n 
1 136 ALA n 
1 137 GLY n 
1 138 VAL n 
1 139 VAL n 
1 140 SER n 
1 141 PHE n 
1 142 TYR n 
1 143 ASN n 
1 144 ILE n 
1 145 THR n 
1 146 ASP n 
1 147 HIS n 
1 148 GLY n 
1 149 SER n 
1 150 LEU n 
1 151 ILE n 
1 152 TYR n 
1 153 THR n 
1 154 PHE n 
1 155 SER n 
1 156 GLU n 
1 157 CYS n 
1 158 VAL n 
1 159 PHE n 
1 160 ALA n 
1 161 GLY n 
1 162 PRO n 
1 163 LEU n 
1 164 ARG n 
1 165 PRO n 
1 166 PHE n 
1 167 PHE n 
1 168 ASN n 
1 169 VAL n 
1 170 GLY n 
1 171 PHE n 
1 172 ASN n 
1 173 TYR n 
1 174 SER n 
1 175 GLY n 
1 176 GLY n 
1 177 ASN n 
1 178 ALA n 
1 179 ALA n 
1 180 PRO n 
1 181 LEU n 
1 182 LYS n 
1 183 LEU n 
1 184 CYS n 
1 185 PRO n 
1 186 LEU n 
1 187 LYS n 
1 188 MET n 
# 
_entity_src_gen.entity_id                          1 
_entity_src_gen.pdbx_src_id                        1 
_entity_src_gen.pdbx_alt_source_flag               sample 
_entity_src_gen.pdbx_seq_type                      'Biological sequence' 
_entity_src_gen.pdbx_beg_seq_num                   1 
_entity_src_gen.pdbx_end_seq_num                   188 
_entity_src_gen.gene_src_common_name               'house mouse' 
_entity_src_gen.gene_src_genus                     ? 
_entity_src_gen.pdbx_gene_src_gene                 'Trim21, Ro52, Ssa1' 
_entity_src_gen.gene_src_species                   ? 
_entity_src_gen.gene_src_strain                    ? 
_entity_src_gen.gene_src_tissue                    ? 
_entity_src_gen.gene_src_tissue_fraction           ? 
_entity_src_gen.gene_src_details                   ? 
_entity_src_gen.pdbx_gene_src_fragment             ? 
_entity_src_gen.pdbx_gene_src_scientific_name      'Mus musculus' 
_entity_src_gen.pdbx_gene_src_ncbi_taxonomy_id     10090 
_entity_src_gen.pdbx_gene_src_variant              ? 
_entity_src_gen.pdbx_gene_src_cell_line            ? 
_entity_src_gen.pdbx_gene_src_atcc                 ? 
_entity_src_gen.pdbx_gene_src_organ                ? 
_entity_src_gen.pdbx_gene_src_organelle            ? 
_entity_src_gen.pdbx_gene_src_cell                 ? 
_entity_src_gen.pdbx_gene_src_cellular_location    ? 
_entity_src_gen.host_org_common_name               ? 
_entity_src_gen.pdbx_host_org_scientific_name      'Escherichia coli' 
_entity_src_gen.pdbx_host_org_ncbi_taxonomy_id     562 
_entity_src_gen.host_org_genus                     ? 
_entity_src_gen.pdbx_host_org_gene                 ? 
_entity_src_gen.pdbx_host_org_organ                ? 
_entity_src_gen.host_org_species                   ? 
_entity_src_gen.pdbx_host_org_tissue               ? 
_entity_src_gen.pdbx_host_org_tissue_fraction      ? 
_entity_src_gen.pdbx_host_org_strain               ? 
_entity_src_gen.pdbx_host_org_variant              ? 
_entity_src_gen.pdbx_host_org_cell_line            ? 
_entity_src_gen.pdbx_host_org_atcc                 ? 
_entity_src_gen.pdbx_host_org_culture_collection   ? 
_entity_src_gen.pdbx_host_org_cell                 ? 
_entity_src_gen.pdbx_host_org_organelle            ? 
_entity_src_gen.pdbx_host_org_cellular_location    ? 
_entity_src_gen.pdbx_host_org_vector_type          ? 
_entity_src_gen.pdbx_host_org_vector               ? 
_entity_src_gen.host_org_details                   ? 
_entity_src_gen.expression_system_id               ? 
_entity_src_gen.plasmid_name                       ? 
_entity_src_gen.plasmid_details                    ? 
_entity_src_gen.pdbx_description                   ? 
# 
loop_
_chem_comp.id 
_chem_comp.type 
_chem_comp.mon_nstd_flag 
_chem_comp.name 
_chem_comp.pdbx_synonyms 
_chem_comp.formula 
_chem_comp.formula_weight 
ALA 'L-peptide linking' y ALANINE                                               ?                 'C3 H7 N O2'     89.093  
ARG 'L-peptide linking' y ARGININE                                              ?                 'C6 H15 N4 O2 1' 175.209 
ASN 'L-peptide linking' y ASPARAGINE                                            ?                 'C4 H8 N2 O3'    132.118 
ASP 'L-peptide linking' y 'ASPARTIC ACID'                                       ?                 'C4 H7 N O4'     133.103 
CYS 'L-peptide linking' y CYSTEINE                                              ?                 'C3 H7 N O2 S'   121.158 
EDO non-polymer         . 1,2-ETHANEDIOL                                        'ETHYLENE GLYCOL' 'C2 H6 O2'       62.068  
GLN 'L-peptide linking' y GLUTAMINE                                             ?                 'C5 H10 N2 O3'   146.144 
GLU 'L-peptide linking' y 'GLUTAMIC ACID'                                       ?                 'C5 H9 N O4'     147.129 
GLY 'peptide linking'   y GLYCINE                                               ?                 'C2 H5 N O2'     75.067  
HIS 'L-peptide linking' y HISTIDINE                                             ?                 'C6 H10 N3 O2 1' 156.162 
HOH non-polymer         . WATER                                                 ?                 'H2 O'           18.015  
ILE 'L-peptide linking' y ISOLEUCINE                                            ?                 'C6 H13 N O2'    131.173 
LEU 'L-peptide linking' y LEUCINE                                               ?                 'C6 H13 N O2'    131.173 
LYS 'L-peptide linking' y LYSINE                                                ?                 'C6 H15 N2 O2 1' 147.195 
MET 'L-peptide linking' y METHIONINE                                            ?                 'C5 H11 N O2 S'  149.211 
PHE 'L-peptide linking' y PHENYLALANINE                                         ?                 'C9 H11 N O2'    165.189 
PRO 'L-peptide linking' y PROLINE                                               ?                 'C5 H9 N O2'     115.130 
SER 'L-peptide linking' y SERINE                                                ?                 'C3 H7 N O3'     105.093 
SO4 non-polymer         . 'SULFATE ION'                                         ?                 'O4 S -2'        96.063  
THR 'L-peptide linking' y THREONINE                                             ?                 'C4 H9 N O3'     119.119 
TRP 'L-peptide linking' y TRYPTOPHAN                                            ?                 'C11 H12 N2 O2'  204.225 
TYR 'L-peptide linking' y TYROSINE                                              ?                 'C9 H11 N O3'    181.189 
VAL 'L-peptide linking' y VALINE                                                ?                 'C5 H11 N O2'    117.146 
X1J non-polymer         . '1-(5-amino-1,3-dihydro-2H-isoindol-2-yl)ethan-1-one' ?                 'C10 H12 N2 O'   176.215 
# 
loop_
_pdbx_poly_seq_scheme.asym_id 
_pdbx_poly_seq_scheme.entity_id 
_pdbx_poly_seq_scheme.seq_id 
_pdbx_poly_seq_scheme.mon_id 
_pdbx_poly_seq_scheme.ndb_seq_num 
_pdbx_poly_seq_scheme.pdb_seq_num 
_pdbx_poly_seq_scheme.auth_seq_num 
_pdbx_poly_seq_scheme.pdb_mon_id 
_pdbx_poly_seq_scheme.auth_mon_id 
_pdbx_poly_seq_scheme.pdb_strand_id 
_pdbx_poly_seq_scheme.pdb_ins_code 
_pdbx_poly_seq_scheme.hetero 
A 1 1   MET 1   7   ?   ?   ?   B . n 
A 1 2   HIS 2   8   8   HIS HIS B . n 
A 1 3   HIS 3   9   9   HIS HIS B . n 
A 1 4   HIS 4   10  10  HIS HIS B . n 
A 1 5   HIS 5   11  11  HIS HIS B . n 
A 1 6   HIS 6   12  12  HIS HIS B . n 
A 1 7   HIS 7   13  13  HIS HIS B . n 
A 1 8   MET 8   14  14  MET MET B . n 
A 1 9   VAL 9   15  15  VAL VAL B . n 
A 1 10  HIS 10  16  16  HIS HIS B . n 
A 1 11  ILE 11  17  17  ILE ILE B . n 
A 1 12  THR 12  18  18  THR THR B . n 
A 1 13  LEU 13  19  19  LEU LEU B . n 
A 1 14  ASP 14  20  20  ASP ASP B . n 
A 1 15  ARG 15  21  21  ARG ARG B . n 
A 1 16  ASN 16  22  22  ASN ASN B . n 
A 1 17  THR 17  23  23  THR THR B . n 
A 1 18  ALA 18  24  24  ALA ALA B . n 
A 1 19  ASN 19  25  25  ASN ASN B . n 
A 1 20  SER 20  26  26  SER SER B . n 
A 1 21  TRP 21  27  27  TRP TRP B . n 
A 1 22  LEU 22  28  28  LEU LEU B . n 
A 1 23  ILE 23  29  29  ILE ILE B . n 
A 1 24  ILE 24  30  30  ILE ILE B . n 
A 1 25  SER 25  31  31  SER SER B . n 
A 1 26  LYS 26  32  32  LYS LYS B . n 
A 1 27  ASP 27  33  33  ASP ASP B . n 
A 1 28  ARG 28  34  34  ARG ARG B . n 
A 1 29  ARG 29  35  35  ARG ARG B . n 
A 1 30  GLN 30  36  36  GLN GLN B . n 
A 1 31  VAL 31  37  37  VAL VAL B . n 
A 1 32  ARG 32  38  38  ARG ARG B . n 
A 1 33  MET 33  39  39  MET MET B . n 
A 1 34  GLY 34  40  40  GLY GLY B . n 
A 1 35  ASP 35  41  41  ASP ASP B . n 
A 1 36  THR 36  42  42  THR THR B . n 
A 1 37  HIS 37  43  43  HIS HIS B . n 
A 1 38  GLN 38  44  44  GLN GLN B . n 
A 1 39  ASN 39  45  45  ASN ASN B . n 
A 1 40  VAL 40  46  46  VAL VAL B . n 
A 1 41  SER 41  47  47  SER SER B . n 
A 1 42  ASP 42  48  48  ASP ASP B . n 
A 1 43  ASN 43  49  49  ASN ASN B . n 
A 1 44  LYS 44  50  50  LYS LYS B . n 
A 1 45  GLU 45  51  51  GLU GLU B . n 
A 1 46  ARG 46  52  52  ARG ARG B . n 
A 1 47  PHE 47  53  53  PHE PHE B . n 
A 1 48  SER 48  54  54  SER SER B . n 
A 1 49  ASN 49  55  55  ASN ASN B . n 
A 1 50  TYR 50  56  56  TYR TYR B . n 
A 1 51  PRO 51  57  57  PRO PRO B . n 
A 1 52  MET 52  58  58  MET MET B . n 
A 1 53  VAL 53  59  59  VAL VAL B . n 
A 1 54  LEU 54  60  60  LEU LEU B . n 
A 1 55  GLY 55  61  61  GLY GLY B . n 
A 1 56  ALA 56  62  62  ALA ALA B . n 
A 1 57  GLN 57  63  63  GLN GLN B . n 
A 1 58  ARG 58  64  64  ARG ARG B . n 
A 1 59  PHE 59  65  65  PHE PHE B . n 
A 1 60  SER 60  66  66  SER SER B . n 
A 1 61  SER 61  67  67  SER SER B . n 
A 1 62  GLY 62  68  68  GLY GLY B . n 
A 1 63  LYS 63  69  69  LYS LYS B . n 
A 1 64  MET 64  70  70  MET MET B . n 
A 1 65  TYR 65  71  71  TYR TYR B . n 
A 1 66  TRP 66  72  72  TRP TRP B . n 
A 1 67  GLU 67  73  73  GLU GLU B . n 
A 1 68  VAL 68  74  74  VAL VAL B . n 
A 1 69  ASP 69  75  75  ASP ASP B . n 
A 1 70  VAL 70  76  76  VAL VAL B . n 
A 1 71  THR 71  77  77  THR THR B . n 
A 1 72  GLN 72  78  78  GLN GLN B . n 
A 1 73  LYS 73  79  79  LYS LYS B . n 
A 1 74  GLU 74  80  80  GLU GLU B . n 
A 1 75  ALA 75  81  81  ALA ALA B . n 
A 1 76  TRP 76  82  82  TRP TRP B . n 
A 1 77  ASP 77  83  83  ASP ASP B . n 
A 1 78  LEU 78  84  84  LEU LEU B . n 
A 1 79  GLY 79  85  85  GLY GLY B . n 
A 1 80  VAL 80  86  86  VAL VAL B . n 
A 1 81  CYS 81  87  87  CYS CYS B . n 
A 1 82  ARG 82  88  88  ARG ARG B . n 
A 1 83  ASP 83  89  89  ASP ASP B . n 
A 1 84  SER 84  90  90  SER SER B . n 
A 1 85  VAL 85  91  91  VAL VAL B . n 
A 1 86  GLN 86  92  92  GLN GLN B . n 
A 1 87  ARG 87  93  93  ARG ARG B . n 
A 1 88  LYS 88  94  94  LYS LYS B . n 
A 1 89  GLY 89  95  95  GLY GLY B . n 
A 1 90  GLN 90  96  96  GLN GLN B . n 
A 1 91  PHE 91  97  97  PHE PHE B . n 
A 1 92  SER 92  98  98  SER SER B . n 
A 1 93  LEU 93  99  99  LEU LEU B . n 
A 1 94  SER 94  100 100 SER SER B . n 
A 1 95  PRO 95  101 101 PRO PRO B . n 
A 1 96  GLU 96  102 102 GLU GLU B . n 
A 1 97  ASN 97  103 103 ASN ASN B . n 
A 1 98  GLY 98  104 104 GLY GLY B . n 
A 1 99  PHE 99  105 105 PHE PHE B . n 
A 1 100 TRP 100 106 106 TRP TRP B . n 
A 1 101 THR 101 107 107 THR THR B . n 
A 1 102 ILE 102 108 108 ILE ILE B . n 
A 1 103 TRP 103 109 109 TRP TRP B . n 
A 1 104 LEU 104 110 110 LEU LEU B . n 
A 1 105 TRP 105 111 111 TRP TRP B . n 
A 1 106 GLN 106 112 112 GLN GLN B . n 
A 1 107 ASP 107 113 113 ASP ASP B . n 
A 1 108 SER 108 114 114 SER SER B . n 
A 1 109 TYR 109 115 115 TYR TYR B . n 
A 1 110 GLU 110 116 116 GLU GLU B . n 
A 1 111 ALA 111 117 117 ALA ALA B . n 
A 1 112 GLY 112 118 118 GLY GLY B . n 
A 1 113 THR 113 119 119 THR THR B . n 
A 1 114 SER 114 120 120 SER SER B . n 
A 1 115 PRO 115 121 121 PRO PRO B . n 
A 1 116 GLN 116 122 122 GLN GLN B . n 
A 1 117 THR 117 123 123 THR THR B . n 
A 1 118 THR 118 124 124 THR THR B . n 
A 1 119 LEU 119 125 125 LEU LEU B . n 
A 1 120 HIS 120 126 126 HIS HIS B . n 
A 1 121 ILE 121 127 127 ILE ILE B . n 
A 1 122 GLN 122 128 128 GLN GLN B . n 
A 1 123 VAL 123 129 129 VAL VAL B . n 
A 1 124 PRO 124 130 130 PRO PRO B . n 
A 1 125 PRO 125 131 131 PRO PRO B . n 
A 1 126 CYS 126 132 132 CYS CYS B . n 
A 1 127 GLN 127 133 133 GLN GLN B . n 
A 1 128 ILE 128 134 134 ILE ILE B . n 
A 1 129 GLY 129 135 135 GLY GLY B . n 
A 1 130 ILE 130 136 136 ILE ILE B . n 
A 1 131 PHE 131 137 137 PHE PHE B . n 
A 1 132 VAL 132 138 138 VAL VAL B . n 
A 1 133 ASP 133 139 139 ASP ASP B . n 
A 1 134 TYR 134 140 140 TYR TYR B . n 
A 1 135 GLU 135 141 141 GLU GLU B . n 
A 1 136 ALA 136 142 142 ALA ALA B . n 
A 1 137 GLY 137 143 143 GLY GLY B . n 
A 1 138 VAL 138 144 144 VAL VAL B . n 
A 1 139 VAL 139 145 145 VAL VAL B . n 
A 1 140 SER 140 146 146 SER SER B . n 
A 1 141 PHE 141 147 147 PHE PHE B . n 
A 1 142 TYR 142 148 148 TYR TYR B . n 
A 1 143 ASN 143 149 149 ASN ASN B . n 
A 1 144 ILE 144 150 150 ILE ILE B . n 
A 1 145 THR 145 151 151 THR THR B . n 
A 1 146 ASP 146 152 152 ASP ASP B . n 
A 1 147 HIS 147 153 153 HIS HIS B . n 
A 1 148 GLY 148 154 154 GLY GLY B . n 
A 1 149 SER 149 155 155 SER SER B . n 
A 1 150 LEU 150 156 156 LEU LEU B . n 
A 1 151 ILE 151 157 157 ILE ILE B . n 
A 1 152 TYR 152 158 158 TYR TYR B . n 
A 1 153 THR 153 159 159 THR THR B . n 
A 1 154 PHE 154 160 160 PHE PHE B . n 
A 1 155 SER 155 161 161 SER SER B . n 
A 1 156 GLU 156 162 162 GLU GLU B . n 
A 1 157 CYS 157 163 163 CYS CYS B . n 
A 1 158 VAL 158 164 164 VAL VAL B . n 
A 1 159 PHE 159 165 165 PHE PHE B . n 
A 1 160 ALA 160 166 166 ALA ALA B . n 
A 1 161 GLY 161 167 167 GLY GLY B . n 
A 1 162 PRO 162 168 168 PRO PRO B . n 
A 1 163 LEU 163 169 169 LEU LEU B . n 
A 1 164 ARG 164 170 170 ARG ARG B . n 
A 1 165 PRO 165 171 171 PRO PRO B . n 
A 1 166 PHE 166 172 172 PHE PHE B . n 
A 1 167 PHE 167 173 173 PHE PHE B . n 
A 1 168 ASN 168 174 174 ASN ASN B . n 
A 1 169 VAL 169 175 175 VAL VAL B . n 
A 1 170 GLY 170 176 176 GLY GLY B . n 
A 1 171 PHE 171 177 177 PHE PHE B . n 
A 1 172 ASN 172 178 178 ASN ASN B . n 
A 1 173 TYR 173 179 179 TYR TYR B . n 
A 1 174 SER 174 180 180 SER SER B . n 
A 1 175 GLY 175 181 181 GLY GLY B . n 
A 1 176 GLY 176 182 182 GLY GLY B . n 
A 1 177 ASN 177 183 183 ASN ASN B . n 
A 1 178 ALA 178 184 184 ALA ALA B . n 
A 1 179 ALA 179 185 185 ALA ALA B . n 
A 1 180 PRO 180 186 186 PRO PRO B . n 
A 1 181 LEU 181 187 187 LEU LEU B . n 
A 1 182 LYS 182 188 188 LYS LYS B . n 
A 1 183 LEU 183 189 189 LEU LEU B . n 
A 1 184 CYS 184 190 190 CYS CYS B . n 
A 1 185 PRO 185 191 191 PRO PRO B . n 
A 1 186 LEU 186 192 192 LEU LEU B . n 
A 1 187 LYS 187 193 ?   ?   ?   B . n 
A 1 188 MET 188 194 ?   ?   ?   B . n 
# 
_pdbx_entity_instance_feature.ordinal        1 
_pdbx_entity_instance_feature.comp_id        X1J 
_pdbx_entity_instance_feature.asym_id        ? 
_pdbx_entity_instance_feature.seq_num        ? 
_pdbx_entity_instance_feature.auth_comp_id   X1J 
_pdbx_entity_instance_feature.auth_asym_id   ? 
_pdbx_entity_instance_feature.auth_seq_num   ? 
_pdbx_entity_instance_feature.feature_type   'SUBJECT OF INVESTIGATION' 
_pdbx_entity_instance_feature.details        ? 
# 
loop_
_pdbx_nonpoly_scheme.asym_id 
_pdbx_nonpoly_scheme.entity_id 
_pdbx_nonpoly_scheme.mon_id 
_pdbx_nonpoly_scheme.ndb_seq_num 
_pdbx_nonpoly_scheme.pdb_seq_num 
_pdbx_nonpoly_scheme.auth_seq_num 
_pdbx_nonpoly_scheme.pdb_mon_id 
_pdbx_nonpoly_scheme.auth_mon_id 
_pdbx_nonpoly_scheme.pdb_strand_id 
_pdbx_nonpoly_scheme.pdb_ins_code 
B 2 X1J 1  201 302 X1J LIG B . 
C 3 EDO 1  202 303 EDO EDO B . 
D 3 EDO 1  203 305 EDO EDO B . 
E 4 SO4 1  204 1   SO4 SO4 B . 
F 5 HOH 1  301 63  HOH HOH B . 
F 5 HOH 2  302 40  HOH HOH B . 
F 5 HOH 3  303 27  HOH HOH B . 
F 5 HOH 4  304 129 HOH HOH B . 
F 5 HOH 5  305 99  HOH HOH B . 
F 5 HOH 6  306 25  HOH HOH B . 
F 5 HOH 7  307 100 HOH HOH B . 
F 5 HOH 8  308 95  HOH HOH B . 
F 5 HOH 9  309 66  HOH HOH B . 
F 5 HOH 10 310 6   HOH HOH B . 
F 5 HOH 11 311 28  HOH HOH B . 
F 5 HOH 12 312 22  HOH HOH B . 
F 5 HOH 13 313 126 HOH HOH B . 
F 5 HOH 14 314 59  HOH HOH B . 
F 5 HOH 15 315 9   HOH HOH B . 
F 5 HOH 16 316 1   HOH HOH B . 
F 5 HOH 17 317 4   HOH HOH B . 
F 5 HOH 18 318 13  HOH HOH B . 
F 5 HOH 19 319 304 HOH HOH B . 
F 5 HOH 20 320 3   HOH HOH B . 
F 5 HOH 21 321 8   HOH HOH B . 
F 5 HOH 22 322 25  HOH HOH B . 
F 5 HOH 23 323 85  HOH HOH B . 
F 5 HOH 24 324 24  HOH HOH B . 
F 5 HOH 25 325 46  HOH HOH B . 
F 5 HOH 26 326 23  HOH HOH B . 
F 5 HOH 27 327 30  HOH HOH B . 
F 5 HOH 28 328 120 HOH HOH B . 
F 5 HOH 29 329 41  HOH HOH B . 
F 5 HOH 30 330 53  HOH HOH B . 
F 5 HOH 31 331 5   HOH HOH B . 
F 5 HOH 32 332 263 HOH HOH B . 
F 5 HOH 33 333 107 HOH HOH B . 
F 5 HOH 34 334 166 HOH HOH B . 
F 5 HOH 35 335 205 HOH HOH B . 
F 5 HOH 36 336 259 HOH HOH B . 
# 
loop_
_pdbx_unobs_or_zero_occ_atoms.id 
_pdbx_unobs_or_zero_occ_atoms.PDB_model_num 
_pdbx_unobs_or_zero_occ_atoms.polymer_flag 
_pdbx_unobs_or_zero_occ_atoms.occupancy_flag 
_pdbx_unobs_or_zero_occ_atoms.auth_asym_id 
_pdbx_unobs_or_zero_occ_atoms.auth_comp_id 
_pdbx_unobs_or_zero_occ_atoms.auth_seq_id 
_pdbx_unobs_or_zero_occ_atoms.PDB_ins_code 
_pdbx_unobs_or_zero_occ_atoms.auth_atom_id 
_pdbx_unobs_or_zero_occ_atoms.label_alt_id 
_pdbx_unobs_or_zero_occ_atoms.label_asym_id 
_pdbx_unobs_or_zero_occ_atoms.label_comp_id 
_pdbx_unobs_or_zero_occ_atoms.label_seq_id 
_pdbx_unobs_or_zero_occ_atoms.label_atom_id 
1 1 Y 1 B LEU 192 ? CG  ? A LEU 186 CG  
2 1 Y 1 B LEU 192 ? CD1 ? A LEU 186 CD1 
3 1 Y 1 B LEU 192 ? CD2 ? A LEU 186 CD2 
# 
loop_
_software.pdbx_ordinal 
_software.name 
_software.version 
_software.date 
_software.type 
_software.contact_author 
_software.contact_author_email 
_software.classification 
_software.location 
_software.language 
_software.citation_id 
1 REFMAC      5.8.0267 ?               program 'Garib N. Murshudov' garib@ysbl.york.ac.uk    refinement        
http://www.ccp4.ac.uk/dist/html/refmac5.html        Fortran_77 ? 
2 Aimless     0.7.7    23/04/21        program 'Phil Evans'         ?                        'data scaling'    
http://www.mrc-lmb.cam.ac.uk/harry/pre/aimless.html ?          ? 
3 PDB_EXTRACT 3.23     'SEP. 23, 2016' package PDB                  deposit@deposit.rcsb.org 'data extraction' 
http://sw-tools.pdb.org/apps/PDB_EXTRACT/           C++        ? 
4 XDS         .        ?               program ?                    ?                        'data reduction'  ? ?          ? 
5 REFMAC      .        ?               program ?                    ?                        phasing           ? ?          ? 
# 
_cell.entry_id           7HML 
_cell.length_a           95.522 
_cell.length_b           95.522 
_cell.length_c           45.692 
_cell.angle_alpha        90.000 
_cell.angle_beta         90.000 
_cell.angle_gamma        90.000 
_cell.Z_PDB              8 
_cell.pdbx_unique_axis   ? 
# 
_symmetry.entry_id                         7HML 
_symmetry.space_group_name_H-M             'I 4' 
_symmetry.pdbx_full_space_group_name_H-M   ? 
_symmetry.cell_setting                     ? 
_symmetry.Int_Tables_number                79 
# 
_exptl.crystals_number   1 
_exptl.entry_id          7HML 
_exptl.method            'X-RAY DIFFRACTION' 
# 
_exptl_crystal.id                    1 
_exptl_crystal.pdbx_mosaicity        0.000 
_exptl_crystal.pdbx_mosaicity_esd    ? 
_exptl_crystal.density_Matthews      2.41 
_exptl_crystal.density_diffrn        ? 
_exptl_crystal.density_meas          ? 
_exptl_crystal.density_meas_temp     ? 
_exptl_crystal.density_percent_sol   49.03 
_exptl_crystal.size_max              ? 
_exptl_crystal.size_mid              ? 
_exptl_crystal.size_min              ? 
_exptl_crystal.size_rad              ? 
_exptl_crystal.description           ? 
# 
_exptl_crystal_grow.crystal_id      1 
_exptl_crystal_grow.method          'VAPOR DIFFUSION, SITTING DROP' 
_exptl_crystal_grow.pH              8 
_exptl_crystal_grow.temp            293 
_exptl_crystal_grow.pdbx_details    '4 % PEG 400, 2 M AmmSO4, 0.1 M HEPES pH 8' 
_exptl_crystal_grow.temp_details    ? 
_exptl_crystal_grow.pdbx_pH_range   ? 
# 
_diffrn.id                     1 
_diffrn.ambient_temp           100 
_diffrn.crystal_id             1 
_diffrn.ambient_temp_details   ? 
# 
_diffrn_detector.detector               PIXEL 
_diffrn_detector.type                   'DECTRIS EIGER2 XE 9M' 
_diffrn_detector.pdbx_collection_date   2024-05-24 
_diffrn_detector.diffrn_id              1 
_diffrn_detector.details                ? 
# 
_diffrn_radiation.diffrn_id                        1 
_diffrn_radiation.wavelength_id                    1 
_diffrn_radiation.pdbx_diffrn_protocol             'SINGLE WAVELENGTH' 
_diffrn_radiation.pdbx_monochromatic_or_laue_m_l   ? 
_diffrn_radiation.monochromator                    ? 
_diffrn_radiation.pdbx_scattering_type             x-ray 
# 
_diffrn_radiation_wavelength.id           1 
_diffrn_radiation_wavelength.wavelength   0.92124 
_diffrn_radiation_wavelength.wt           1.0 
# 
_diffrn_source.diffrn_id                   1 
_diffrn_source.source                      SYNCHROTRON 
_diffrn_source.type                        'DIAMOND BEAMLINE I04-1' 
_diffrn_source.pdbx_wavelength_list        0.92124 
_diffrn_source.pdbx_synchrotron_site       Diamond 
_diffrn_source.pdbx_synchrotron_beamline   I04-1 
_diffrn_source.pdbx_wavelength             ? 
# 
_reflns.entry_id                     7HML 
_reflns.pdbx_diffrn_id               1 
_reflns.pdbx_ordinal                 1 
_reflns.observed_criterion_sigma_I   ? 
_reflns.observed_criterion_sigma_F   ? 
_reflns.d_resolution_low             33.760 
_reflns.d_resolution_high            1.260 
_reflns.number_obs                   54726 
_reflns.number_all                   ? 
_reflns.percent_possible_obs         98.100 
_reflns.pdbx_Rmerge_I_obs            0.052 
_reflns.pdbx_Rsym_value              ? 
_reflns.pdbx_netI_over_sigmaI        21.100 
_reflns.B_iso_Wilson_estimate        ? 
_reflns.pdbx_redundancy              10.500 
_reflns.pdbx_Rrim_I_all              0.055 
_reflns.pdbx_Rpim_I_all              0.016 
_reflns.pdbx_CC_half                 1.000 
_reflns.pdbx_netI_over_av_sigmaI     ? 
_reflns.pdbx_number_measured_all     575184 
_reflns.pdbx_scaling_rejects         0 
_reflns.pdbx_chi_squared             ? 
_reflns.Rmerge_F_all                 ? 
_reflns.Rmerge_F_obs                 ? 
_reflns.observed_criterion_F_max     ? 
_reflns.observed_criterion_F_min     ? 
_reflns.observed_criterion_I_max     ? 
_reflns.observed_criterion_I_min     ? 
_reflns.pdbx_d_res_high_opt          ? 
_reflns.pdbx_d_res_low_opt           ? 
_reflns.details                      ? 
# 
loop_
_reflns_shell.pdbx_diffrn_id 
_reflns_shell.pdbx_ordinal 
_reflns_shell.d_res_high 
_reflns_shell.d_res_low 
_reflns_shell.number_measured_obs 
_reflns_shell.number_measured_all 
_reflns_shell.number_unique_obs 
_reflns_shell.pdbx_rejects 
_reflns_shell.Rmerge_I_obs 
_reflns_shell.meanI_over_sigI_obs 
_reflns_shell.pdbx_Rsym_value 
_reflns_shell.pdbx_chi_squared 
_reflns_shell.pdbx_redundancy 
_reflns_shell.percent_possible_obs 
_reflns_shell.pdbx_netI_over_sigmaI_obs 
_reflns_shell.number_possible 
_reflns_shell.number_unique_all 
_reflns_shell.Rmerge_F_all 
_reflns_shell.Rmerge_F_obs 
_reflns_shell.Rmerge_I_all 
_reflns_shell.meanI_over_sigI_all 
_reflns_shell.percent_possible_all 
_reflns_shell.pdbx_Rrim_I_all 
_reflns_shell.pdbx_Rpim_I_all 
_reflns_shell.pdbx_CC_half 
1 1 1.260 1.280  ? 6503 2330 ? 1.039 ? ? ? 2.800  ? 0.500   ? ? ? ? ? ? 81.000 1.293 0.744 0.356 
1 2 6.780 33.760 ? 4856 391  ? 0.045 ? ? ? 12.400 ? 116.200 ? ? ? ? ? ? 99.400 0.048 0.016 0.996 
# 
_refine.entry_id                                 7HML 
_refine.pdbx_refine_id                           'X-RAY DIFFRACTION' 
_refine.ls_d_res_high                            1.2600 
_refine.ls_d_res_low                             33.7900 
_refine.pdbx_ls_sigma_F                          0.000 
_refine.pdbx_data_cutoff_high_absF               ? 
_refine.pdbx_data_cutoff_low_absF                ? 
_refine.ls_percent_reflns_obs                    98.0700 
_refine.ls_number_reflns_obs                     52004 
_refine.ls_number_reflns_all                     ? 
_refine.pdbx_ls_cross_valid_method               THROUGHOUT 
_refine.ls_matrix_type                           ? 
_refine.pdbx_R_Free_selection_details            RANDOM 
_refine.details                                  
'HYDROGENS HAVE BEEN ADDED IN THE RIDING POSITIONS U VALUES      : REFINED INDIVIDUALLY' 
_refine.ls_R_factor_all                          ? 
_refine.ls_R_factor_obs                          0.1827 
_refine.ls_R_factor_R_work                       0.1818 
_refine.ls_wR_factor_R_work                      ? 
_refine.ls_R_factor_R_free                       0.2010 
_refine.ls_wR_factor_R_free                      ? 
_refine.ls_percent_reflns_R_free                 4.9000 
_refine.ls_number_reflns_R_free                  2671 
_refine.ls_number_reflns_R_work                  ? 
_refine.ls_R_factor_R_free_error                 ? 
_refine.B_iso_mean                               18.5060 
_refine.solvent_model_param_bsol                 ? 
_refine.solvent_model_param_ksol                 ? 
_refine.pdbx_isotropic_thermal_model             ? 
_refine.aniso_B[1][1]                            0.0500 
_refine.aniso_B[2][2]                            0.0500 
_refine.aniso_B[3][3]                            -0.1000 
_refine.aniso_B[1][2]                            -0.0000 
_refine.aniso_B[1][3]                            -0.0000 
_refine.aniso_B[2][3]                            -0.0000 
_refine.correlation_coeff_Fo_to_Fc               0.9690 
_refine.correlation_coeff_Fo_to_Fc_free          0.9650 
_refine.overall_SU_R_Cruickshank_DPI             ? 
_refine.pdbx_overall_SU_R_free_Cruickshank_DPI   ? 
_refine.pdbx_overall_SU_R_Blow_DPI               ? 
_refine.pdbx_overall_SU_R_free_Blow_DPI          ? 
_refine.overall_SU_R_free                        ? 
_refine.pdbx_overall_ESU_R                       0.0500 
_refine.pdbx_overall_ESU_R_Free                  0.0510 
_refine.overall_SU_ML                            0.0430 
_refine.overall_SU_B                             1.0630 
_refine.solvent_model_details                    MASK 
_refine.pdbx_solvent_vdw_probe_radii             1.2000 
_refine.pdbx_solvent_ion_probe_radii             0.8000 
_refine.pdbx_solvent_shrinkage_radii             0.8000 
_refine.ls_number_parameters                     ? 
_refine.ls_number_restraints                     ? 
_refine.pdbx_starting_model                      ? 
_refine.pdbx_method_to_determine_struct          'FOURIER SYNTHESIS' 
_refine.pdbx_stereochemistry_target_values       'MAXIMUM LIKELIHOOD' 
_refine.pdbx_stereochem_target_val_spec_case     ? 
_refine.overall_FOM_work_R_set                   ? 
_refine.B_iso_max                                95.180 
_refine.B_iso_min                                9.340 
_refine.pdbx_overall_phase_error                 ? 
_refine.occupancy_max                            ? 
_refine.occupancy_min                            ? 
_refine.pdbx_diffrn_id                           1 
_refine.pdbx_TLS_residual_ADP_flag               ? 
_refine.pdbx_ls_sigma_I                          ? 
_refine.pdbx_data_cutoff_high_rms_absF           ? 
_refine.ls_R_factor_R_free_error_details         ? 
# 
_refine_hist.cycle_id                         final 
_refine_hist.pdbx_refine_id                   'X-RAY DIFFRACTION' 
_refine_hist.d_res_high                       1.2600 
_refine_hist.d_res_low                        33.7900 
_refine_hist.pdbx_number_atoms_ligand         26 
_refine_hist.number_atoms_solvent             36 
_refine_hist.number_atoms_total               1555 
_refine_hist.pdbx_number_residues_total       185 
_refine_hist.pdbx_B_iso_mean_ligand           37.36 
_refine_hist.pdbx_B_iso_mean_solvent          26.29 
_refine_hist.pdbx_number_atoms_protein        1493 
_refine_hist.pdbx_number_atoms_nucleic_acid   0 
# 
loop_
_refine_ls_restr.pdbx_refine_id 
_refine_ls_restr.type 
_refine_ls_restr.number 
_refine_ls_restr.dev_ideal 
_refine_ls_restr.dev_ideal_target 
_refine_ls_restr.weight 
_refine_ls_restr.pdbx_restraint_function 
'X-RAY DIFFRACTION' r_bond_refined_d       2111 0.013  0.014  ? ? 
'X-RAY DIFFRACTION' r_bond_other_d         1619 0.001  0.015  ? ? 
'X-RAY DIFFRACTION' r_angle_refined_deg    2512 1.897  1.641  ? ? 
'X-RAY DIFFRACTION' r_angle_other_deg      3732 1.449  1.579  ? ? 
'X-RAY DIFFRACTION' r_dihedral_angle_1_deg 235  7.086  5.000  ? ? 
'X-RAY DIFFRACTION' r_dihedral_angle_2_deg 109  27.322 21.009 ? ? 
'X-RAY DIFFRACTION' r_dihedral_angle_3_deg 285  11.278 15.000 ? ? 
'X-RAY DIFFRACTION' r_dihedral_angle_4_deg 15   20.499 15.000 ? ? 
'X-RAY DIFFRACTION' r_chiral_restr         217  0.090  0.200  ? ? 
'X-RAY DIFFRACTION' r_gen_planes_refined   2238 0.011  0.020  ? ? 
'X-RAY DIFFRACTION' r_gen_planes_other     496  0.002  0.020  ? ? 
'X-RAY DIFFRACTION' r_mcbond_it            1056 1.559  1.751  ? ? 
'X-RAY DIFFRACTION' r_mcbond_other         942  1.637  1.598  ? ? 
'X-RAY DIFFRACTION' r_mcangle_it           1129 2.643  2.406  ? ? 
# 
_refine_ls_shell.d_res_high                       1.2600 
_refine_ls_shell.d_res_low                        1.2930 
_refine_ls_shell.pdbx_total_number_of_bins_used   20 
_refine_ls_shell.percent_reflns_obs               81.9100 
_refine_ls_shell.number_reflns_R_work             3200 
_refine_ls_shell.R_factor_all                     ? 
_refine_ls_shell.R_factor_R_work                  0.3530 
_refine_ls_shell.R_factor_R_free                  0.3820 
_refine_ls_shell.percent_reflns_R_free            ? 
_refine_ls_shell.number_reflns_R_free             168 
_refine_ls_shell.R_factor_R_free_error            ? 
_refine_ls_shell.number_reflns_all                3368 
_refine_ls_shell.number_reflns_obs                ? 
_refine_ls_shell.pdbx_refine_id                   'X-RAY DIFFRACTION' 
# 
_struct.entry_id                  7HML 
_struct.title                     'PanDDA analysis group deposition -- Crystal Structure of TRIM21 in complex with Z1354416068' 
_struct.pdbx_model_details        ? 
_struct.pdbx_CASP_flag            ? 
_struct.pdbx_model_type_details   ? 
# 
_struct_keywords.entry_id        7HML 
_struct_keywords.text            'SGC - Diamond I04-1 fragment screening, PanDDA, XChemExplorer, TRIM21, LIGASE' 
_struct_keywords.pdbx_keywords   LIGASE 
# 
loop_
_struct_asym.id 
_struct_asym.pdbx_blank_PDB_chainid_flag 
_struct_asym.pdbx_modified 
_struct_asym.entity_id 
_struct_asym.details 
A N N 1 ? 
B N N 2 ? 
C N N 3 ? 
D N N 3 ? 
E N N 4 ? 
F N N 5 ? 
# 
_struct_ref.id                         1 
_struct_ref.db_name                    UNP 
_struct_ref.db_code                    RO52_MOUSE 
_struct_ref.pdbx_db_accession          Q62191 
_struct_ref.pdbx_db_isoform            ? 
_struct_ref.entity_id                  1 
_struct_ref.pdbx_seq_one_letter_code   
;VHITLDRNTANSWLIISKDRRQVRMGDTHQNVSDNKERFSNYPMVLGAQRFSSGKMYWEVDVTQKEAWDLGVCRDSVQRK
GQFSLSPENGFWTIWLWQDSYEAGTSPQTTLHIQVPPCQIGIFVDYEAGVVSFYNITDHGSLIYTFSECVFAGPLRPFFN
VGFNYSGGNAAPLKLCPLKM
;
_struct_ref.pdbx_align_begin           291 
# 
_struct_ref_seq.align_id                      1 
_struct_ref_seq.ref_id                        1 
_struct_ref_seq.pdbx_PDB_id_code              7HML 
_struct_ref_seq.pdbx_strand_id                B 
_struct_ref_seq.seq_align_beg                 9 
_struct_ref_seq.pdbx_seq_align_beg_ins_code   ? 
_struct_ref_seq.seq_align_end                 188 
_struct_ref_seq.pdbx_seq_align_end_ins_code   ? 
_struct_ref_seq.pdbx_db_accession             Q62191 
_struct_ref_seq.db_align_beg                  291 
_struct_ref_seq.pdbx_db_align_beg_ins_code    ? 
_struct_ref_seq.db_align_end                  470 
_struct_ref_seq.pdbx_db_align_end_ins_code    ? 
_struct_ref_seq.pdbx_auth_seq_align_beg       15 
_struct_ref_seq.pdbx_auth_seq_align_end       194 
# 
loop_
_struct_ref_seq_dif.align_id 
_struct_ref_seq_dif.pdbx_pdb_id_code 
_struct_ref_seq_dif.mon_id 
_struct_ref_seq_dif.pdbx_pdb_strand_id 
_struct_ref_seq_dif.seq_num 
_struct_ref_seq_dif.pdbx_pdb_ins_code 
_struct_ref_seq_dif.pdbx_seq_db_name 
_struct_ref_seq_dif.pdbx_seq_db_accession_code 
_struct_ref_seq_dif.db_mon_id 
_struct_ref_seq_dif.pdbx_seq_db_seq_num 
_struct_ref_seq_dif.details 
_struct_ref_seq_dif.pdbx_auth_seq_num 
_struct_ref_seq_dif.pdbx_ordinal 
1 7HML MET B 1 ? UNP Q62191 ? ? 'initiating methionine' 7  1 
1 7HML HIS B 2 ? UNP Q62191 ? ? 'expression tag'        8  2 
1 7HML HIS B 3 ? UNP Q62191 ? ? 'expression tag'        9  3 
1 7HML HIS B 4 ? UNP Q62191 ? ? 'expression tag'        10 4 
1 7HML HIS B 5 ? UNP Q62191 ? ? 'expression tag'        11 5 
1 7HML HIS B 6 ? UNP Q62191 ? ? 'expression tag'        12 6 
1 7HML HIS B 7 ? UNP Q62191 ? ? 'expression tag'        13 7 
1 7HML MET B 8 ? UNP Q62191 ? ? 'expression tag'        14 8 
# 
_pdbx_struct_assembly.id                   1 
_pdbx_struct_assembly.details              author_defined_assembly 
_pdbx_struct_assembly.method_details       ? 
_pdbx_struct_assembly.oligomeric_details   monomeric 
_pdbx_struct_assembly.oligomeric_count     1 
# 
_pdbx_struct_assembly_gen.assembly_id       1 
_pdbx_struct_assembly_gen.oper_expression   1 
_pdbx_struct_assembly_gen.asym_id_list      A,B,C,D,E,F 
# 
_pdbx_struct_oper_list.id                   1 
_pdbx_struct_oper_list.type                 'identity operation' 
_pdbx_struct_oper_list.name                 1_555 
_pdbx_struct_oper_list.symmetry_operation   x,y,z 
_pdbx_struct_oper_list.matrix[1][1]         1.0000000000 
_pdbx_struct_oper_list.matrix[1][2]         0.0000000000 
_pdbx_struct_oper_list.matrix[1][3]         0.0000000000 
_pdbx_struct_oper_list.vector[1]            0.0000000000 
_pdbx_struct_oper_list.matrix[2][1]         0.0000000000 
_pdbx_struct_oper_list.matrix[2][2]         1.0000000000 
_pdbx_struct_oper_list.matrix[2][3]         0.0000000000 
_pdbx_struct_oper_list.vector[2]            0.0000000000 
_pdbx_struct_oper_list.matrix[3][1]         0.0000000000 
_pdbx_struct_oper_list.matrix[3][2]         0.0000000000 
_pdbx_struct_oper_list.matrix[3][3]         1.0000000000 
_pdbx_struct_oper_list.vector[3]            0.0000000000 
# 
loop_
_struct_conf.conf_type_id 
_struct_conf.id 
_struct_conf.pdbx_PDB_helix_id 
_struct_conf.beg_label_comp_id 
_struct_conf.beg_label_asym_id 
_struct_conf.beg_label_seq_id 
_struct_conf.pdbx_beg_PDB_ins_code 
_struct_conf.end_label_comp_id 
_struct_conf.end_label_asym_id 
_struct_conf.end_label_seq_id 
_struct_conf.pdbx_end_PDB_ins_code 
_struct_conf.beg_auth_comp_id 
_struct_conf.beg_auth_asym_id 
_struct_conf.beg_auth_seq_id 
_struct_conf.end_auth_comp_id 
_struct_conf.end_auth_asym_id 
_struct_conf.end_auth_seq_id 
_struct_conf.pdbx_PDB_helix_class 
_struct_conf.details 
_struct_conf.pdbx_PDB_helix_length 
HELX_P HELX_P1 AA1 HIS A 4  ? MET A 8  ? HIS B 10  MET B 14  5 ? 5 
HELX_P HELX_P2 AA2 ASP A 14 ? ALA A 18 ? ASP B 20  ALA B 24  5 ? 5 
HELX_P HELX_P3 AA3 SER A 94 ? ASN A 97 ? SER B 100 ASN B 103 5 ? 4 
# 
_struct_conf_type.id          HELX_P 
_struct_conf_type.criteria    ? 
_struct_conf_type.reference   ? 
# 
_struct_mon_prot_cis.pdbx_id                1 
_struct_mon_prot_cis.label_comp_id          SER 
_struct_mon_prot_cis.label_seq_id           114 
_struct_mon_prot_cis.label_asym_id          A 
_struct_mon_prot_cis.label_alt_id           . 
_struct_mon_prot_cis.pdbx_PDB_ins_code      ? 
_struct_mon_prot_cis.auth_comp_id           SER 
_struct_mon_prot_cis.auth_seq_id            120 
_struct_mon_prot_cis.auth_asym_id           B 
_struct_mon_prot_cis.pdbx_label_comp_id_2   PRO 
_struct_mon_prot_cis.pdbx_label_seq_id_2    115 
_struct_mon_prot_cis.pdbx_label_asym_id_2   A 
_struct_mon_prot_cis.pdbx_PDB_ins_code_2    ? 
_struct_mon_prot_cis.pdbx_auth_comp_id_2    PRO 
_struct_mon_prot_cis.pdbx_auth_seq_id_2     121 
_struct_mon_prot_cis.pdbx_auth_asym_id_2    B 
_struct_mon_prot_cis.pdbx_PDB_model_num     1 
_struct_mon_prot_cis.pdbx_omega_angle       -0.83 
# 
loop_
_struct_sheet.id 
_struct_sheet.type 
_struct_sheet.number_strands 
_struct_sheet.details 
AA1 ? 7 ? 
AA2 ? 6 ? 
# 
loop_
_struct_sheet_order.sheet_id 
_struct_sheet_order.range_id_1 
_struct_sheet_order.range_id_2 
_struct_sheet_order.offset 
_struct_sheet_order.sense 
AA1 1 2 ? anti-parallel 
AA1 2 3 ? anti-parallel 
AA1 3 4 ? anti-parallel 
AA1 4 5 ? anti-parallel 
AA1 5 6 ? anti-parallel 
AA1 6 7 ? anti-parallel 
AA2 1 2 ? anti-parallel 
AA2 2 3 ? anti-parallel 
AA2 3 4 ? anti-parallel 
AA2 4 5 ? anti-parallel 
AA2 5 6 ? anti-parallel 
# 
loop_
_struct_sheet_range.sheet_id 
_struct_sheet_range.id 
_struct_sheet_range.beg_label_comp_id 
_struct_sheet_range.beg_label_asym_id 
_struct_sheet_range.beg_label_seq_id 
_struct_sheet_range.pdbx_beg_PDB_ins_code 
_struct_sheet_range.end_label_comp_id 
_struct_sheet_range.end_label_asym_id 
_struct_sheet_range.end_label_seq_id 
_struct_sheet_range.pdbx_end_PDB_ins_code 
_struct_sheet_range.beg_auth_comp_id 
_struct_sheet_range.beg_auth_asym_id 
_struct_sheet_range.beg_auth_seq_id 
_struct_sheet_range.end_auth_comp_id 
_struct_sheet_range.end_auth_asym_id 
_struct_sheet_range.end_auth_seq_id 
AA1 1 LEU A 22  ? ILE A 24  ? LEU B 28  ILE B 30  
AA1 2 GLN A 30  ? MET A 33  ? GLN B 36  MET B 39  
AA1 3 LEU A 181 ? LEU A 183 ? LEU B 187 LEU B 189 
AA1 4 LYS A 63  ? ASP A 69  ? LYS B 69  ASP B 75  
AA1 5 GLN A 127 ? ASP A 133 ? GLN B 133 ASP B 139 
AA1 6 VAL A 138 ? ASN A 143 ? VAL B 144 ASN B 149 
AA1 7 SER A 149 ? PHE A 154 ? SER B 155 PHE B 160 
AA2 1 MET A 52  ? LEU A 54  ? MET B 58  LEU B 60  
AA2 2 LEU A 163 ? ASN A 168 ? LEU B 169 ASN B 174 
AA2 3 TRP A 76  ? ARG A 82  ? TRP B 82  ARG B 88  
AA2 4 PHE A 99  ? TRP A 105 ? PHE B 105 TRP B 111 
AA2 5 SER A 108 ? ALA A 111 ? SER B 114 ALA B 117 
AA2 6 THR A 117 ? THR A 118 ? THR B 123 THR B 124 
# 
loop_
_pdbx_struct_sheet_hbond.sheet_id 
_pdbx_struct_sheet_hbond.range_id_1 
_pdbx_struct_sheet_hbond.range_id_2 
_pdbx_struct_sheet_hbond.range_1_label_atom_id 
_pdbx_struct_sheet_hbond.range_1_label_comp_id 
_pdbx_struct_sheet_hbond.range_1_label_asym_id 
_pdbx_struct_sheet_hbond.range_1_label_seq_id 
_pdbx_struct_sheet_hbond.range_1_PDB_ins_code 
_pdbx_struct_sheet_hbond.range_1_auth_atom_id 
_pdbx_struct_sheet_hbond.range_1_auth_comp_id 
_pdbx_struct_sheet_hbond.range_1_auth_asym_id 
_pdbx_struct_sheet_hbond.range_1_auth_seq_id 
_pdbx_struct_sheet_hbond.range_2_label_atom_id 
_pdbx_struct_sheet_hbond.range_2_label_comp_id 
_pdbx_struct_sheet_hbond.range_2_label_asym_id 
_pdbx_struct_sheet_hbond.range_2_label_seq_id 
_pdbx_struct_sheet_hbond.range_2_PDB_ins_code 
_pdbx_struct_sheet_hbond.range_2_auth_atom_id 
_pdbx_struct_sheet_hbond.range_2_auth_comp_id 
_pdbx_struct_sheet_hbond.range_2_auth_asym_id 
_pdbx_struct_sheet_hbond.range_2_auth_seq_id 
AA1 1 2 N ILE A 23  ? N ILE B 29  O ARG A 32  ? O ARG B 38  
AA1 2 3 N VAL A 31  ? N VAL B 37  O LEU A 181 ? O LEU B 187 
AA1 3 4 O LYS A 182 ? O LYS B 188 N ASP A 69  ? N ASP B 75  
AA1 4 5 N TRP A 66  ? N TRP B 72  O ILE A 130 ? O ILE B 136 
AA1 5 6 N PHE A 131 ? N PHE B 137 O SER A 140 ? O SER B 146 
AA1 6 7 N PHE A 141 ? N PHE B 147 O ILE A 151 ? O ILE B 157 
AA2 1 2 N VAL A 53  ? N VAL B 59  O PHE A 167 ? O PHE B 173 
AA2 2 3 O ARG A 164 ? O ARG B 170 N CYS A 81  ? N CYS B 87  
AA2 3 4 N VAL A 80  ? N VAL B 86  O TRP A 100 ? O TRP B 106 
AA2 4 5 N TRP A 105 ? N TRP B 111 O SER A 108 ? O SER B 114 
AA2 5 6 N ALA A 111 ? N ALA B 117 O THR A 117 ? O THR B 123 
# 
_pdbx_entry_details.entry_id                   7HML 
_pdbx_entry_details.compound_details           ? 
_pdbx_entry_details.source_details             ? 
_pdbx_entry_details.nonpolymer_details         ? 
_pdbx_entry_details.sequence_details           ? 
_pdbx_entry_details.has_ligand_of_interest     Y 
_pdbx_entry_details.has_protein_modification   N 
# 
_pdbx_validate_rmsd_angle.id                         1 
_pdbx_validate_rmsd_angle.PDB_model_num              1 
_pdbx_validate_rmsd_angle.auth_atom_id_1             CG 
_pdbx_validate_rmsd_angle.auth_asym_id_1             B 
_pdbx_validate_rmsd_angle.auth_comp_id_1             ARG 
_pdbx_validate_rmsd_angle.auth_seq_id_1              64 
_pdbx_validate_rmsd_angle.PDB_ins_code_1             ? 
_pdbx_validate_rmsd_angle.label_alt_id_1             ? 
_pdbx_validate_rmsd_angle.auth_atom_id_2             CD 
_pdbx_validate_rmsd_angle.auth_asym_id_2             B 
_pdbx_validate_rmsd_angle.auth_comp_id_2             ARG 
_pdbx_validate_rmsd_angle.auth_seq_id_2              64 
_pdbx_validate_rmsd_angle.PDB_ins_code_2             ? 
_pdbx_validate_rmsd_angle.label_alt_id_2             ? 
_pdbx_validate_rmsd_angle.auth_atom_id_3             NE 
_pdbx_validate_rmsd_angle.auth_asym_id_3             B 
_pdbx_validate_rmsd_angle.auth_comp_id_3             ARG 
_pdbx_validate_rmsd_angle.auth_seq_id_3              64 
_pdbx_validate_rmsd_angle.PDB_ins_code_3             ? 
_pdbx_validate_rmsd_angle.label_alt_id_3             ? 
_pdbx_validate_rmsd_angle.angle_value                126.81 
_pdbx_validate_rmsd_angle.angle_target_value         111.80 
_pdbx_validate_rmsd_angle.angle_deviation            15.01 
_pdbx_validate_rmsd_angle.angle_standard_deviation   2.10 
_pdbx_validate_rmsd_angle.linker_flag                N 
# 
_pdbx_validate_torsion.id              1 
_pdbx_validate_torsion.PDB_model_num   1 
_pdbx_validate_torsion.auth_comp_id    ASP 
_pdbx_validate_torsion.auth_asym_id    B 
_pdbx_validate_torsion.auth_seq_id     152 
_pdbx_validate_torsion.PDB_ins_code    ? 
_pdbx_validate_torsion.label_alt_id    ? 
_pdbx_validate_torsion.phi             -104.13 
_pdbx_validate_torsion.psi             51.75 
# 
_phasing.method   MR 
# 
loop_
_pdbx_unobs_or_zero_occ_residues.id 
_pdbx_unobs_or_zero_occ_residues.PDB_model_num 
_pdbx_unobs_or_zero_occ_residues.polymer_flag 
_pdbx_unobs_or_zero_occ_residues.occupancy_flag 
_pdbx_unobs_or_zero_occ_residues.auth_asym_id 
_pdbx_unobs_or_zero_occ_residues.auth_comp_id 
_pdbx_unobs_or_zero_occ_residues.auth_seq_id 
_pdbx_unobs_or_zero_occ_residues.PDB_ins_code 
_pdbx_unobs_or_zero_occ_residues.label_asym_id 
_pdbx_unobs_or_zero_occ_residues.label_comp_id 
_pdbx_unobs_or_zero_occ_residues.label_seq_id 
1 1 Y 1 B MET 7   ? A MET 1   
2 1 Y 1 B LYS 193 ? A LYS 187 
3 1 Y 1 B MET 194 ? A MET 188 
# 
loop_
_chem_comp_atom.comp_id 
_chem_comp_atom.atom_id 
_chem_comp_atom.type_symbol 
_chem_comp_atom.pdbx_aromatic_flag 
_chem_comp_atom.pdbx_stereo_config 
_chem_comp_atom.pdbx_ordinal 
ALA N    N N N 1   
ALA CA   C N S 2   
ALA C    C N N 3   
ALA O    O N N 4   
ALA CB   C N N 5   
ALA OXT  O N N 6   
ALA H    H N N 7   
ALA H2   H N N 8   
ALA HA   H N N 9   
ALA HB1  H N N 10  
ALA HB2  H N N 11  
ALA HB3  H N N 12  
ALA HXT  H N N 13  
ARG N    N N N 14  
ARG CA   C N S 15  
ARG C    C N N 16  
ARG O    O N N 17  
ARG CB   C N N 18  
ARG CG   C N N 19  
ARG CD   C N N 20  
ARG NE   N N N 21  
ARG CZ   C N N 22  
ARG NH1  N N N 23  
ARG NH2  N N N 24  
ARG OXT  O N N 25  
ARG H    H N N 26  
ARG H2   H N N 27  
ARG HA   H N N 28  
ARG HB2  H N N 29  
ARG HB3  H N N 30  
ARG HG2  H N N 31  
ARG HG3  H N N 32  
ARG HD2  H N N 33  
ARG HD3  H N N 34  
ARG HE   H N N 35  
ARG HH11 H N N 36  
ARG HH12 H N N 37  
ARG HH21 H N N 38  
ARG HH22 H N N 39  
ARG HXT  H N N 40  
ASN N    N N N 41  
ASN CA   C N S 42  
ASN C    C N N 43  
ASN O    O N N 44  
ASN CB   C N N 45  
ASN CG   C N N 46  
ASN OD1  O N N 47  
ASN ND2  N N N 48  
ASN OXT  O N N 49  
ASN H    H N N 50  
ASN H2   H N N 51  
ASN HA   H N N 52  
ASN HB2  H N N 53  
ASN HB3  H N N 54  
ASN HD21 H N N 55  
ASN HD22 H N N 56  
ASN HXT  H N N 57  
ASP N    N N N 58  
ASP CA   C N S 59  
ASP C    C N N 60  
ASP O    O N N 61  
ASP CB   C N N 62  
ASP CG   C N N 63  
ASP OD1  O N N 64  
ASP OD2  O N N 65  
ASP OXT  O N N 66  
ASP H    H N N 67  
ASP H2   H N N 68  
ASP HA   H N N 69  
ASP HB2  H N N 70  
ASP HB3  H N N 71  
ASP HD2  H N N 72  
ASP HXT  H N N 73  
CYS N    N N N 74  
CYS CA   C N R 75  
CYS C    C N N 76  
CYS O    O N N 77  
CYS CB   C N N 78  
CYS SG   S N N 79  
CYS OXT  O N N 80  
CYS H    H N N 81  
CYS H2   H N N 82  
CYS HA   H N N 83  
CYS HB2  H N N 84  
CYS HB3  H N N 85  
CYS HG   H N N 86  
CYS HXT  H N N 87  
EDO C1   C N N 88  
EDO O1   O N N 89  
EDO C2   C N N 90  
EDO O2   O N N 91  
EDO H11  H N N 92  
EDO H12  H N N 93  
EDO HO1  H N N 94  
EDO H21  H N N 95  
EDO H22  H N N 96  
EDO HO2  H N N 97  
GLN N    N N N 98  
GLN CA   C N S 99  
GLN C    C N N 100 
GLN O    O N N 101 
GLN CB   C N N 102 
GLN CG   C N N 103 
GLN CD   C N N 104 
GLN OE1  O N N 105 
GLN NE2  N N N 106 
GLN OXT  O N N 107 
GLN H    H N N 108 
GLN H2   H N N 109 
GLN HA   H N N 110 
GLN HB2  H N N 111 
GLN HB3  H N N 112 
GLN HG2  H N N 113 
GLN HG3  H N N 114 
GLN HE21 H N N 115 
GLN HE22 H N N 116 
GLN HXT  H N N 117 
GLU N    N N N 118 
GLU CA   C N S 119 
GLU C    C N N 120 
GLU O    O N N 121 
GLU CB   C N N 122 
GLU CG   C N N 123 
GLU CD   C N N 124 
GLU OE1  O N N 125 
GLU OE2  O N N 126 
GLU OXT  O N N 127 
GLU H    H N N 128 
GLU H2   H N N 129 
GLU HA   H N N 130 
GLU HB2  H N N 131 
GLU HB3  H N N 132 
GLU HG2  H N N 133 
GLU HG3  H N N 134 
GLU HE2  H N N 135 
GLU HXT  H N N 136 
GLY N    N N N 137 
GLY CA   C N N 138 
GLY C    C N N 139 
GLY O    O N N 140 
GLY OXT  O N N 141 
GLY H    H N N 142 
GLY H2   H N N 143 
GLY HA2  H N N 144 
GLY HA3  H N N 145 
GLY HXT  H N N 146 
HIS N    N N N 147 
HIS CA   C N S 148 
HIS C    C N N 149 
HIS O    O N N 150 
HIS CB   C N N 151 
HIS CG   C Y N 152 
HIS ND1  N Y N 153 
HIS CD2  C Y N 154 
HIS CE1  C Y N 155 
HIS NE2  N Y N 156 
HIS OXT  O N N 157 
HIS H    H N N 158 
HIS H2   H N N 159 
HIS HA   H N N 160 
HIS HB2  H N N 161 
HIS HB3  H N N 162 
HIS HD1  H N N 163 
HIS HD2  H N N 164 
HIS HE1  H N N 165 
HIS HE2  H N N 166 
HIS HXT  H N N 167 
HOH O    O N N 168 
HOH H1   H N N 169 
HOH H2   H N N 170 
ILE N    N N N 171 
ILE CA   C N S 172 
ILE C    C N N 173 
ILE O    O N N 174 
ILE CB   C N S 175 
ILE CG1  C N N 176 
ILE CG2  C N N 177 
ILE CD1  C N N 178 
ILE OXT  O N N 179 
ILE H    H N N 180 
ILE H2   H N N 181 
ILE HA   H N N 182 
ILE HB   H N N 183 
ILE HG12 H N N 184 
ILE HG13 H N N 185 
ILE HG21 H N N 186 
ILE HG22 H N N 187 
ILE HG23 H N N 188 
ILE HD11 H N N 189 
ILE HD12 H N N 190 
ILE HD13 H N N 191 
ILE HXT  H N N 192 
LEU N    N N N 193 
LEU CA   C N S 194 
LEU C    C N N 195 
LEU O    O N N 196 
LEU CB   C N N 197 
LEU CG   C N N 198 
LEU CD1  C N N 199 
LEU CD2  C N N 200 
LEU OXT  O N N 201 
LEU H    H N N 202 
LEU H2   H N N 203 
LEU HA   H N N 204 
LEU HB2  H N N 205 
LEU HB3  H N N 206 
LEU HG   H N N 207 
LEU HD11 H N N 208 
LEU HD12 H N N 209 
LEU HD13 H N N 210 
LEU HD21 H N N 211 
LEU HD22 H N N 212 
LEU HD23 H N N 213 
LEU HXT  H N N 214 
LYS N    N N N 215 
LYS CA   C N S 216 
LYS C    C N N 217 
LYS O    O N N 218 
LYS CB   C N N 219 
LYS CG   C N N 220 
LYS CD   C N N 221 
LYS CE   C N N 222 
LYS NZ   N N N 223 
LYS OXT  O N N 224 
LYS H    H N N 225 
LYS H2   H N N 226 
LYS HA   H N N 227 
LYS HB2  H N N 228 
LYS HB3  H N N 229 
LYS HG2  H N N 230 
LYS HG3  H N N 231 
LYS HD2  H N N 232 
LYS HD3  H N N 233 
LYS HE2  H N N 234 
LYS HE3  H N N 235 
LYS HZ1  H N N 236 
LYS HZ2  H N N 237 
LYS HZ3  H N N 238 
LYS HXT  H N N 239 
MET N    N N N 240 
MET CA   C N S 241 
MET C    C N N 242 
MET O    O N N 243 
MET CB   C N N 244 
MET CG   C N N 245 
MET SD   S N N 246 
MET CE   C N N 247 
MET OXT  O N N 248 
MET H    H N N 249 
MET H2   H N N 250 
MET HA   H N N 251 
MET HB2  H N N 252 
MET HB3  H N N 253 
MET HG2  H N N 254 
MET HG3  H N N 255 
MET HE1  H N N 256 
MET HE2  H N N 257 
MET HE3  H N N 258 
MET HXT  H N N 259 
PHE N    N N N 260 
PHE CA   C N S 261 
PHE C    C N N 262 
PHE O    O N N 263 
PHE CB   C N N 264 
PHE CG   C Y N 265 
PHE CD1  C Y N 266 
PHE CD2  C Y N 267 
PHE CE1  C Y N 268 
PHE CE2  C Y N 269 
PHE CZ   C Y N 270 
PHE OXT  O N N 271 
PHE H    H N N 272 
PHE H2   H N N 273 
PHE HA   H N N 274 
PHE HB2  H N N 275 
PHE HB3  H N N 276 
PHE HD1  H N N 277 
PHE HD2  H N N 278 
PHE HE1  H N N 279 
PHE HE2  H N N 280 
PHE HZ   H N N 281 
PHE HXT  H N N 282 
PRO N    N N N 283 
PRO CA   C N S 284 
PRO C    C N N 285 
PRO O    O N N 286 
PRO CB   C N N 287 
PRO CG   C N N 288 
PRO CD   C N N 289 
PRO OXT  O N N 290 
PRO H    H N N 291 
PRO HA   H N N 292 
PRO HB2  H N N 293 
PRO HB3  H N N 294 
PRO HG2  H N N 295 
PRO HG3  H N N 296 
PRO HD2  H N N 297 
PRO HD3  H N N 298 
PRO HXT  H N N 299 
SER N    N N N 300 
SER CA   C N S 301 
SER C    C N N 302 
SER O    O N N 303 
SER CB   C N N 304 
SER OG   O N N 305 
SER OXT  O N N 306 
SER H    H N N 307 
SER H2   H N N 308 
SER HA   H N N 309 
SER HB2  H N N 310 
SER HB3  H N N 311 
SER HG   H N N 312 
SER HXT  H N N 313 
SO4 S    S N N 314 
SO4 O1   O N N 315 
SO4 O2   O N N 316 
SO4 O3   O N N 317 
SO4 O4   O N N 318 
THR N    N N N 319 
THR CA   C N S 320 
THR C    C N N 321 
THR O    O N N 322 
THR CB   C N R 323 
THR OG1  O N N 324 
THR CG2  C N N 325 
THR OXT  O N N 326 
THR H    H N N 327 
THR H2   H N N 328 
THR HA   H N N 329 
THR HB   H N N 330 
THR HG1  H N N 331 
THR HG21 H N N 332 
THR HG22 H N N 333 
THR HG23 H N N 334 
THR HXT  H N N 335 
TRP N    N N N 336 
TRP CA   C N S 337 
TRP C    C N N 338 
TRP O    O N N 339 
TRP CB   C N N 340 
TRP CG   C Y N 341 
TRP CD1  C Y N 342 
TRP CD2  C Y N 343 
TRP NE1  N Y N 344 
TRP CE2  C Y N 345 
TRP CE3  C Y N 346 
TRP CZ2  C Y N 347 
TRP CZ3  C Y N 348 
TRP CH2  C Y N 349 
TRP OXT  O N N 350 
TRP H    H N N 351 
TRP H2   H N N 352 
TRP HA   H N N 353 
TRP HB2  H N N 354 
TRP HB3  H N N 355 
TRP HD1  H N N 356 
TRP HE1  H N N 357 
TRP HE3  H N N 358 
TRP HZ2  H N N 359 
TRP HZ3  H N N 360 
TRP HH2  H N N 361 
TRP HXT  H N N 362 
TYR N    N N N 363 
TYR CA   C N S 364 
TYR C    C N N 365 
TYR O    O N N 366 
TYR CB   C N N 367 
TYR CG   C Y N 368 
TYR CD1  C Y N 369 
TYR CD2  C Y N 370 
TYR CE1  C Y N 371 
TYR CE2  C Y N 372 
TYR CZ   C Y N 373 
TYR OH   O N N 374 
TYR OXT  O N N 375 
TYR H    H N N 376 
TYR H2   H N N 377 
TYR HA   H N N 378 
TYR HB2  H N N 379 
TYR HB3  H N N 380 
TYR HD1  H N N 381 
TYR HD2  H N N 382 
TYR HE1  H N N 383 
TYR HE2  H N N 384 
TYR HH   H N N 385 
TYR HXT  H N N 386 
VAL N    N N N 387 
VAL CA   C N S 388 
VAL C    C N N 389 
VAL O    O N N 390 
VAL CB   C N N 391 
VAL CG1  C N N 392 
VAL CG2  C N N 393 
VAL OXT  O N N 394 
VAL H    H N N 395 
VAL H2   H N N 396 
VAL HA   H N N 397 
VAL HB   H N N 398 
VAL HG11 H N N 399 
VAL HG12 H N N 400 
VAL HG13 H N N 401 
VAL HG21 H N N 402 
VAL HG22 H N N 403 
VAL HG23 H N N 404 
VAL HXT  H N N 405 
X1J C4   C Y N 406 
X1J C5   C Y N 407 
X1J C6   C Y N 408 
X1J C7   C N N 409 
X1J C8   C N N 410 
X1J C9   C N N 411 
X1J C10  C N N 412 
X1J N1   N N N 413 
X1J N2   N N N 414 
X1J C3   C Y N 415 
X1J C1   C Y N 416 
X1J C2   C Y N 417 
X1J O1   O N N 418 
X1J H3   H N N 419 
X1J H4   H N N 420 
X1J H5   H N N 421 
X1J H6   H N N 422 
X1J H7   H N N 423 
X1J H10  H N N 424 
X1J H11  H N N 425 
X1J H12  H N N 426 
X1J H9   H N N 427 
X1J H8   H N N 428 
X1J H1   H N N 429 
X1J H2   H N N 430 
# 
loop_
_chem_comp_bond.comp_id 
_chem_comp_bond.atom_id_1 
_chem_comp_bond.atom_id_2 
_chem_comp_bond.value_order 
_chem_comp_bond.pdbx_aromatic_flag 
_chem_comp_bond.pdbx_stereo_config 
_chem_comp_bond.pdbx_ordinal 
ALA N   CA   sing N N 1   
ALA N   H    sing N N 2   
ALA N   H2   sing N N 3   
ALA CA  C    sing N N 4   
ALA CA  CB   sing N N 5   
ALA CA  HA   sing N N 6   
ALA C   O    doub N N 7   
ALA C   OXT  sing N N 8   
ALA CB  HB1  sing N N 9   
ALA CB  HB2  sing N N 10  
ALA CB  HB3  sing N N 11  
ALA OXT HXT  sing N N 12  
ARG N   CA   sing N N 13  
ARG N   H    sing N N 14  
ARG N   H2   sing N N 15  
ARG CA  C    sing N N 16  
ARG CA  CB   sing N N 17  
ARG CA  HA   sing N N 18  
ARG C   O    doub N N 19  
ARG C   OXT  sing N N 20  
ARG CB  CG   sing N N 21  
ARG CB  HB2  sing N N 22  
ARG CB  HB3  sing N N 23  
ARG CG  CD   sing N N 24  
ARG CG  HG2  sing N N 25  
ARG CG  HG3  sing N N 26  
ARG CD  NE   sing N N 27  
ARG CD  HD2  sing N N 28  
ARG CD  HD3  sing N N 29  
ARG NE  CZ   sing N N 30  
ARG NE  HE   sing N N 31  
ARG CZ  NH1  sing N N 32  
ARG CZ  NH2  doub N N 33  
ARG NH1 HH11 sing N N 34  
ARG NH1 HH12 sing N N 35  
ARG NH2 HH21 sing N N 36  
ARG NH2 HH22 sing N N 37  
ARG OXT HXT  sing N N 38  
ASN N   CA   sing N N 39  
ASN N   H    sing N N 40  
ASN N   H2   sing N N 41  
ASN CA  C    sing N N 42  
ASN CA  CB   sing N N 43  
ASN CA  HA   sing N N 44  
ASN C   O    doub N N 45  
ASN C   OXT  sing N N 46  
ASN CB  CG   sing N N 47  
ASN CB  HB2  sing N N 48  
ASN CB  HB3  sing N N 49  
ASN CG  OD1  doub N N 50  
ASN CG  ND2  sing N N 51  
ASN ND2 HD21 sing N N 52  
ASN ND2 HD22 sing N N 53  
ASN OXT HXT  sing N N 54  
ASP N   CA   sing N N 55  
ASP N   H    sing N N 56  
ASP N   H2   sing N N 57  
ASP CA  C    sing N N 58  
ASP CA  CB   sing N N 59  
ASP CA  HA   sing N N 60  
ASP C   O    doub N N 61  
ASP C   OXT  sing N N 62  
ASP CB  CG   sing N N 63  
ASP CB  HB2  sing N N 64  
ASP CB  HB3  sing N N 65  
ASP CG  OD1  doub N N 66  
ASP CG  OD2  sing N N 67  
ASP OD2 HD2  sing N N 68  
ASP OXT HXT  sing N N 69  
CYS N   CA   sing N N 70  
CYS N   H    sing N N 71  
CYS N   H2   sing N N 72  
CYS CA  C    sing N N 73  
CYS CA  CB   sing N N 74  
CYS CA  HA   sing N N 75  
CYS C   O    doub N N 76  
CYS C   OXT  sing N N 77  
CYS CB  SG   sing N N 78  
CYS CB  HB2  sing N N 79  
CYS CB  HB3  sing N N 80  
CYS SG  HG   sing N N 81  
CYS OXT HXT  sing N N 82  
EDO C1  O1   sing N N 83  
EDO C1  C2   sing N N 84  
EDO C1  H11  sing N N 85  
EDO C1  H12  sing N N 86  
EDO O1  HO1  sing N N 87  
EDO C2  O2   sing N N 88  
EDO C2  H21  sing N N 89  
EDO C2  H22  sing N N 90  
EDO O2  HO2  sing N N 91  
GLN N   CA   sing N N 92  
GLN N   H    sing N N 93  
GLN N   H2   sing N N 94  
GLN CA  C    sing N N 95  
GLN CA  CB   sing N N 96  
GLN CA  HA   sing N N 97  
GLN C   O    doub N N 98  
GLN C   OXT  sing N N 99  
GLN CB  CG   sing N N 100 
GLN CB  HB2  sing N N 101 
GLN CB  HB3  sing N N 102 
GLN CG  CD   sing N N 103 
GLN CG  HG2  sing N N 104 
GLN CG  HG3  sing N N 105 
GLN CD  OE1  doub N N 106 
GLN CD  NE2  sing N N 107 
GLN NE2 HE21 sing N N 108 
GLN NE2 HE22 sing N N 109 
GLN OXT HXT  sing N N 110 
GLU N   CA   sing N N 111 
GLU N   H    sing N N 112 
GLU N   H2   sing N N 113 
GLU CA  C    sing N N 114 
GLU CA  CB   sing N N 115 
GLU CA  HA   sing N N 116 
GLU C   O    doub N N 117 
GLU C   OXT  sing N N 118 
GLU CB  CG   sing N N 119 
GLU CB  HB2  sing N N 120 
GLU CB  HB3  sing N N 121 
GLU CG  CD   sing N N 122 
GLU CG  HG2  sing N N 123 
GLU CG  HG3  sing N N 124 
GLU CD  OE1  doub N N 125 
GLU CD  OE2  sing N N 126 
GLU OE2 HE2  sing N N 127 
GLU OXT HXT  sing N N 128 
GLY N   CA   sing N N 129 
GLY N   H    sing N N 130 
GLY N   H2   sing N N 131 
GLY CA  C    sing N N 132 
GLY CA  HA2  sing N N 133 
GLY CA  HA3  sing N N 134 
GLY C   O    doub N N 135 
GLY C   OXT  sing N N 136 
GLY OXT HXT  sing N N 137 
HIS N   CA   sing N N 138 
HIS N   H    sing N N 139 
HIS N   H2   sing N N 140 
HIS CA  C    sing N N 141 
HIS CA  CB   sing N N 142 
HIS CA  HA   sing N N 143 
HIS C   O    doub N N 144 
HIS C   OXT  sing N N 145 
HIS CB  CG   sing N N 146 
HIS CB  HB2  sing N N 147 
HIS CB  HB3  sing N N 148 
HIS CG  ND1  sing Y N 149 
HIS CG  CD2  doub Y N 150 
HIS ND1 CE1  doub Y N 151 
HIS ND1 HD1  sing N N 152 
HIS CD2 NE2  sing Y N 153 
HIS CD2 HD2  sing N N 154 
HIS CE1 NE2  sing Y N 155 
HIS CE1 HE1  sing N N 156 
HIS NE2 HE2  sing N N 157 
HIS OXT HXT  sing N N 158 
HOH O   H1   sing N N 159 
HOH O   H2   sing N N 160 
ILE N   CA   sing N N 161 
ILE N   H    sing N N 162 
ILE N   H2   sing N N 163 
ILE CA  C    sing N N 164 
ILE CA  CB   sing N N 165 
ILE CA  HA   sing N N 166 
ILE C   O    doub N N 167 
ILE C   OXT  sing N N 168 
ILE CB  CG1  sing N N 169 
ILE CB  CG2  sing N N 170 
ILE CB  HB   sing N N 171 
ILE CG1 CD1  sing N N 172 
ILE CG1 HG12 sing N N 173 
ILE CG1 HG13 sing N N 174 
ILE CG2 HG21 sing N N 175 
ILE CG2 HG22 sing N N 176 
ILE CG2 HG23 sing N N 177 
ILE CD1 HD11 sing N N 178 
ILE CD1 HD12 sing N N 179 
ILE CD1 HD13 sing N N 180 
ILE OXT HXT  sing N N 181 
LEU N   CA   sing N N 182 
LEU N   H    sing N N 183 
LEU N   H2   sing N N 184 
LEU CA  C    sing N N 185 
LEU CA  CB   sing N N 186 
LEU CA  HA   sing N N 187 
LEU C   O    doub N N 188 
LEU C   OXT  sing N N 189 
LEU CB  CG   sing N N 190 
LEU CB  HB2  sing N N 191 
LEU CB  HB3  sing N N 192 
LEU CG  CD1  sing N N 193 
LEU CG  CD2  sing N N 194 
LEU CG  HG   sing N N 195 
LEU CD1 HD11 sing N N 196 
LEU CD1 HD12 sing N N 197 
LEU CD1 HD13 sing N N 198 
LEU CD2 HD21 sing N N 199 
LEU CD2 HD22 sing N N 200 
LEU CD2 HD23 sing N N 201 
LEU OXT HXT  sing N N 202 
LYS N   CA   sing N N 203 
LYS N   H    sing N N 204 
LYS N   H2   sing N N 205 
LYS CA  C    sing N N 206 
LYS CA  CB   sing N N 207 
LYS CA  HA   sing N N 208 
LYS C   O    doub N N 209 
LYS C   OXT  sing N N 210 
LYS CB  CG   sing N N 211 
LYS CB  HB2  sing N N 212 
LYS CB  HB3  sing N N 213 
LYS CG  CD   sing N N 214 
LYS CG  HG2  sing N N 215 
LYS CG  HG3  sing N N 216 
LYS CD  CE   sing N N 217 
LYS CD  HD2  sing N N 218 
LYS CD  HD3  sing N N 219 
LYS CE  NZ   sing N N 220 
LYS CE  HE2  sing N N 221 
LYS CE  HE3  sing N N 222 
LYS NZ  HZ1  sing N N 223 
LYS NZ  HZ2  sing N N 224 
LYS NZ  HZ3  sing N N 225 
LYS OXT HXT  sing N N 226 
MET N   CA   sing N N 227 
MET N   H    sing N N 228 
MET N   H2   sing N N 229 
MET CA  C    sing N N 230 
MET CA  CB   sing N N 231 
MET CA  HA   sing N N 232 
MET C   O    doub N N 233 
MET C   OXT  sing N N 234 
MET CB  CG   sing N N 235 
MET CB  HB2  sing N N 236 
MET CB  HB3  sing N N 237 
MET CG  SD   sing N N 238 
MET CG  HG2  sing N N 239 
MET CG  HG3  sing N N 240 
MET SD  CE   sing N N 241 
MET CE  HE1  sing N N 242 
MET CE  HE2  sing N N 243 
MET CE  HE3  sing N N 244 
MET OXT HXT  sing N N 245 
PHE N   CA   sing N N 246 
PHE N   H    sing N N 247 
PHE N   H2   sing N N 248 
PHE CA  C    sing N N 249 
PHE CA  CB   sing N N 250 
PHE CA  HA   sing N N 251 
PHE C   O    doub N N 252 
PHE C   OXT  sing N N 253 
PHE CB  CG   sing N N 254 
PHE CB  HB2  sing N N 255 
PHE CB  HB3  sing N N 256 
PHE CG  CD1  doub Y N 257 
PHE CG  CD2  sing Y N 258 
PHE CD1 CE1  sing Y N 259 
PHE CD1 HD1  sing N N 260 
PHE CD2 CE2  doub Y N 261 
PHE CD2 HD2  sing N N 262 
PHE CE1 CZ   doub Y N 263 
PHE CE1 HE1  sing N N 264 
PHE CE2 CZ   sing Y N 265 
PHE CE2 HE2  sing N N 266 
PHE CZ  HZ   sing N N 267 
PHE OXT HXT  sing N N 268 
PRO N   CA   sing N N 269 
PRO N   CD   sing N N 270 
PRO N   H    sing N N 271 
PRO CA  C    sing N N 272 
PRO CA  CB   sing N N 273 
PRO CA  HA   sing N N 274 
PRO C   O    doub N N 275 
PRO C   OXT  sing N N 276 
PRO CB  CG   sing N N 277 
PRO CB  HB2  sing N N 278 
PRO CB  HB3  sing N N 279 
PRO CG  CD   sing N N 280 
PRO CG  HG2  sing N N 281 
PRO CG  HG3  sing N N 282 
PRO CD  HD2  sing N N 283 
PRO CD  HD3  sing N N 284 
PRO OXT HXT  sing N N 285 
SER N   CA   sing N N 286 
SER N   H    sing N N 287 
SER N   H2   sing N N 288 
SER CA  C    sing N N 289 
SER CA  CB   sing N N 290 
SER CA  HA   sing N N 291 
SER C   O    doub N N 292 
SER C   OXT  sing N N 293 
SER CB  OG   sing N N 294 
SER CB  HB2  sing N N 295 
SER CB  HB3  sing N N 296 
SER OG  HG   sing N N 297 
SER OXT HXT  sing N N 298 
SO4 S   O1   doub N N 299 
SO4 S   O2   doub N N 300 
SO4 S   O3   sing N N 301 
SO4 S   O4   sing N N 302 
THR N   CA   sing N N 303 
THR N   H    sing N N 304 
THR N   H2   sing N N 305 
THR CA  C    sing N N 306 
THR CA  CB   sing N N 307 
THR CA  HA   sing N N 308 
THR C   O    doub N N 309 
THR C   OXT  sing N N 310 
THR CB  OG1  sing N N 311 
THR CB  CG2  sing N N 312 
THR CB  HB   sing N N 313 
THR OG1 HG1  sing N N 314 
THR CG2 HG21 sing N N 315 
THR CG2 HG22 sing N N 316 
THR CG2 HG23 sing N N 317 
THR OXT HXT  sing N N 318 
TRP N   CA   sing N N 319 
TRP N   H    sing N N 320 
TRP N   H2   sing N N 321 
TRP CA  C    sing N N 322 
TRP CA  CB   sing N N 323 
TRP CA  HA   sing N N 324 
TRP C   O    doub N N 325 
TRP C   OXT  sing N N 326 
TRP CB  CG   sing N N 327 
TRP CB  HB2  sing N N 328 
TRP CB  HB3  sing N N 329 
TRP CG  CD1  doub Y N 330 
TRP CG  CD2  sing Y N 331 
TRP CD1 NE1  sing Y N 332 
TRP CD1 HD1  sing N N 333 
TRP CD2 CE2  doub Y N 334 
TRP CD2 CE3  sing Y N 335 
TRP NE1 CE2  sing Y N 336 
TRP NE1 HE1  sing N N 337 
TRP CE2 CZ2  sing Y N 338 
TRP CE3 CZ3  doub Y N 339 
TRP CE3 HE3  sing N N 340 
TRP CZ2 CH2  doub Y N 341 
TRP CZ2 HZ2  sing N N 342 
TRP CZ3 CH2  sing Y N 343 
TRP CZ3 HZ3  sing N N 344 
TRP CH2 HH2  sing N N 345 
TRP OXT HXT  sing N N 346 
TYR N   CA   sing N N 347 
TYR N   H    sing N N 348 
TYR N   H2   sing N N 349 
TYR CA  C    sing N N 350 
TYR CA  CB   sing N N 351 
TYR CA  HA   sing N N 352 
TYR C   O    doub N N 353 
TYR C   OXT  sing N N 354 
TYR CB  CG   sing N N 355 
TYR CB  HB2  sing N N 356 
TYR CB  HB3  sing N N 357 
TYR CG  CD1  doub Y N 358 
TYR CG  CD2  sing Y N 359 
TYR CD1 CE1  sing Y N 360 
TYR CD1 HD1  sing N N 361 
TYR CD2 CE2  doub Y N 362 
TYR CD2 HD2  sing N N 363 
TYR CE1 CZ   doub Y N 364 
TYR CE1 HE1  sing N N 365 
TYR CE2 CZ   sing Y N 366 
TYR CE2 HE2  sing N N 367 
TYR CZ  OH   sing N N 368 
TYR OH  HH   sing N N 369 
TYR OXT HXT  sing N N 370 
VAL N   CA   sing N N 371 
VAL N   H    sing N N 372 
VAL N   H2   sing N N 373 
VAL CA  C    sing N N 374 
VAL CA  CB   sing N N 375 
VAL CA  HA   sing N N 376 
VAL C   O    doub N N 377 
VAL C   OXT  sing N N 378 
VAL CB  CG1  sing N N 379 
VAL CB  CG2  sing N N 380 
VAL CB  HB   sing N N 381 
VAL CG1 HG11 sing N N 382 
VAL CG1 HG12 sing N N 383 
VAL CG1 HG13 sing N N 384 
VAL CG2 HG21 sing N N 385 
VAL CG2 HG22 sing N N 386 
VAL CG2 HG23 sing N N 387 
VAL OXT HXT  sing N N 388 
X1J N2  C3   sing N N 389 
X1J C3  C2   doub Y N 390 
X1J C3  C4   sing Y N 391 
X1J C2  C1   sing Y N 392 
X1J C4  C5   doub Y N 393 
X1J C1  C6   doub Y N 394 
X1J C5  C6   sing Y N 395 
X1J C5  C7   sing N N 396 
X1J C6  C8   sing N N 397 
X1J C7  N1   sing N N 398 
X1J C8  N1   sing N N 399 
X1J N1  C9   sing N N 400 
X1J C9  O1   doub N N 401 
X1J C9  C10  sing N N 402 
X1J C4  H3   sing N N 403 
X1J C7  H4   sing N N 404 
X1J C7  H5   sing N N 405 
X1J C8  H6   sing N N 406 
X1J C8  H7   sing N N 407 
X1J C10 H10  sing N N 408 
X1J C10 H11  sing N N 409 
X1J C10 H12  sing N N 410 
X1J N2  H9   sing N N 411 
X1J N2  H8   sing N N 412 
X1J C1  H1   sing N N 413 
X1J C2  H2   sing N N 414 
# 
_pdbx_audit_support.ordinal                1 
_pdbx_audit_support.funding_organization   'European Union (EU)' 
_pdbx_audit_support.grant_number           875510 
_pdbx_audit_support.country                'European Union' 
# 
_pdbx_deposit_group.group_id            G_1002320 
_pdbx_deposit_group.group_description   
;PRYSPRY domain of murine TRIM21 screened against the DSI-poised Fragment Library by X-ray Crystallography at the XChem facility of Diamon Light Source
;
_pdbx_deposit_group.group_title         'PanDDA analysis group deposition' 
_pdbx_deposit_group.group_type          'changed state' 
# 
_pdbx_initial_refinement_model.id               1 
_pdbx_initial_refinement_model.entity_id_list   ? 
_pdbx_initial_refinement_model.type             'experimental model' 
_pdbx_initial_refinement_model.source_name      PDB 
_pdbx_initial_refinement_model.accession_code   2VOK 
_pdbx_initial_refinement_model.details          ? 
# 
_atom_sites.entry_id                    7HML 
_atom_sites.fract_transf_matrix[1][1]   -0.00192767 
_atom_sites.fract_transf_matrix[1][2]   -0.00901439 
_atom_sites.fract_transf_matrix[1][3]   0.00496234 
_atom_sites.fract_transf_matrix[2][1]   -0.00041309 
_atom_sites.fract_transf_matrix[2][2]   -0.00497680 
_atom_sites.fract_transf_matrix[2][3]   -0.00920113 
_atom_sites.fract_transf_matrix[3][1]   0.02149445 
_atom_sites.fract_transf_matrix[3][2]   -0.00395118 
_atom_sites.fract_transf_matrix[3][3]   0.00117215 
_atom_sites.fract_transf_vector[1]      -0.298567 
_atom_sites.fract_transf_vector[2]      -0.117118 
_atom_sites.fract_transf_vector[3]      -0.503739 
# 
loop_
_atom_type.symbol 
C 
N 
O 
S 
# 
loop_
_atom_site.group_PDB 
_atom_site.id 
_atom_site.type_symbol 
_atom_site.label_atom_id 
_atom_site.label_alt_id 
_atom_site.label_comp_id 
_atom_site.label_asym_id 
_atom_site.label_entity_id 
_atom_site.label_seq_id 
_atom_site.pdbx_PDB_ins_code 
_atom_site.Cartn_x 
_atom_site.Cartn_y 
_atom_site.Cartn_z 
_atom_site.occupancy 
_atom_site.B_iso_or_equiv 
_atom_site.pdbx_formal_charge 
_atom_site.auth_seq_id 
_atom_site.auth_comp_id 
_atom_site.auth_asym_id 
_atom_site.auth_atom_id 
_atom_site.pdbx_PDB_model_num 
ATOM   1    N N   . HIS A 1 2   ? 10.111  -14.529 9.718   1.00 90.67 ? 8   HIS B N   1 
ATOM   2    C CA  . HIS A 1 2   ? 8.713   -14.437 10.248  1.00 84.61 ? 8   HIS B CA  1 
ATOM   3    C C   . HIS A 1 2   ? 7.934   -15.711 9.894   1.00 84.51 ? 8   HIS B C   1 
ATOM   4    O O   . HIS A 1 2   ? 8.310   -16.389 8.908   1.00 90.87 ? 8   HIS B O   1 
ATOM   5    C CB  . HIS A 1 2   ? 8.019   -13.167 9.727   1.00 77.25 ? 8   HIS B CB  1 
ATOM   6    C CG  . HIS A 1 2   ? 7.629   -13.211 8.283   1.00 71.52 ? 8   HIS B CG  1 
ATOM   7    N ND1 . HIS A 1 2   ? 6.366   -13.596 7.871   1.00 70.05 ? 8   HIS B ND1 1 
ATOM   8    C CD2 . HIS A 1 2   ? 8.312   -12.902 7.158   1.00 68.95 ? 8   HIS B CD2 1 
ATOM   9    C CE1 . HIS A 1 2   ? 6.297   -13.540 6.556   1.00 69.21 ? 8   HIS B CE1 1 
ATOM   10   N NE2 . HIS A 1 2   ? 7.473   -13.112 6.092   1.00 66.44 ? 8   HIS B NE2 1 
ATOM   11   N N   . HIS A 1 3   ? 6.881   -16.005 10.662  1.00 79.96 ? 9   HIS B N   1 
ATOM   12   C CA  . HIS A 1 3   ? 5.952   -17.154 10.467  1.00 77.38 ? 9   HIS B CA  1 
ATOM   13   C C   . HIS A 1 3   ? 4.500   -16.637 10.409  1.00 66.61 ? 9   HIS B C   1 
ATOM   14   O O   . HIS A 1 3   ? 3.624   -17.258 11.049  1.00 64.34 ? 9   HIS B O   1 
ATOM   15   C CB  . HIS A 1 3   ? 6.221   -18.214 11.555  1.00 84.64 ? 9   HIS B CB  1 
ATOM   16   C CG  . HIS A 1 3   ? 7.629   -18.726 11.556  1.00 92.44 ? 9   HIS B CG  1 
ATOM   17   N ND1 . HIS A 1 3   ? 8.110   -19.598 10.585  1.00 91.76 ? 9   HIS B ND1 1 
ATOM   18   C CD2 . HIS A 1 3   ? 8.669   -18.491 12.390  1.00 95.18 ? 9   HIS B CD2 1 
ATOM   19   C CE1 . HIS A 1 3   ? 9.376   -19.874 10.827  1.00 91.74 ? 9   HIS B CE1 1 
ATOM   20   N NE2 . HIS A 1 3   ? 9.742   -19.211 11.931  1.00 94.13 ? 9   HIS B NE2 1 
ATOM   21   N N   . HIS A 1 4   ? 4.266   -15.556 9.639   1.00 53.53 ? 10  HIS B N   1 
ATOM   22   C CA  . HIS A 1 4   ? 2.981   -14.803 9.512   1.00 43.30 ? 10  HIS B CA  1 
ATOM   23   C C   . HIS A 1 4   ? 2.192   -15.294 8.292   1.00 42.16 ? 10  HIS B C   1 
ATOM   24   O O   . HIS A 1 4   ? 0.978   -15.009 8.210   1.00 35.32 ? 10  HIS B O   1 
ATOM   25   C CB  . HIS A 1 4   ? 3.247   -13.290 9.404   1.00 38.55 ? 10  HIS B CB  1 
ATOM   26   C CG  . HIS A 1 4   ? 3.869   -12.691 10.623  1.00 38.76 ? 10  HIS B CG  1 
ATOM   27   N ND1 . HIS A 1 4   ? 3.412   -12.967 11.918  1.00 36.83 ? 10  HIS B ND1 1 
ATOM   28   C CD2 . HIS A 1 4   ? 4.880   -11.807 10.765  1.00 35.93 ? 10  HIS B CD2 1 
ATOM   29   C CE1 . HIS A 1 4   ? 4.122   -12.281 12.789  1.00 43.11 ? 10  HIS B CE1 1 
ATOM   30   N NE2 . HIS A 1 4   ? 5.016   -11.551 12.110  1.00 40.01 ? 10  HIS B NE2 1 
ATOM   31   N N   . HIS A 1 5   ? 2.851   -16.043 7.397   1.00 42.51 ? 11  HIS B N   1 
ATOM   32   C CA  . HIS A 1 5   ? 2.291   -16.547 6.111   1.00 47.56 ? 11  HIS B CA  1 
ATOM   33   C C   . HIS A 1 5   ? 0.910   -17.199 6.314   1.00 44.96 ? 11  HIS B C   1 
ATOM   34   O O   . HIS A 1 5   ? 0.034   -16.983 5.434   1.00 43.41 ? 11  HIS B O   1 
ATOM   35   C CB  . HIS A 1 5   ? 3.276   -17.508 5.418   1.00 58.03 ? 11  HIS B CB  1 
ATOM   36   C CG  . HIS A 1 5   ? 4.656   -16.958 5.246   1.00 71.72 ? 11  HIS B CG  1 
ATOM   37   N ND1 . HIS A 1 5   ? 5.707   -17.309 6.088   1.00 85.94 ? 11  HIS B ND1 1 
ATOM   38   C CD2 . HIS A 1 5   ? 5.170   -16.089 4.345   1.00 78.60 ? 11  HIS B CD2 1 
ATOM   39   C CE1 . HIS A 1 5   ? 6.806   -16.682 5.707   1.00 86.83 ? 11  HIS B CE1 1 
ATOM   40   N NE2 . HIS A 1 5   ? 6.502   -15.925 4.639   1.00 84.00 ? 11  HIS B NE2 1 
ATOM   41   N N   . HIS A 1 6   ? 0.702   -17.937 7.422   1.00 42.04 ? 12  HIS B N   1 
ATOM   42   C CA  . HIS A 1 6   ? -0.548  -18.697 7.730   1.00 41.53 ? 12  HIS B CA  1 
ATOM   43   C C   . HIS A 1 6   ? -1.736  -17.786 8.086   1.00 37.84 ? 12  HIS B C   1 
ATOM   44   O O   . HIS A 1 6   ? -2.840  -18.321 8.161   1.00 39.86 ? 12  HIS B O   1 
ATOM   45   C CB  . HIS A 1 6   ? -0.312  -19.738 8.835   1.00 50.10 ? 12  HIS B CB  1 
ATOM   46   C CG  . HIS A 1 6   ? -0.065  -19.175 10.195  1.00 52.30 ? 12  HIS B CG  1 
ATOM   47   N ND1 . HIS A 1 6   ? -1.047  -19.141 11.173  1.00 60.87 ? 12  HIS B ND1 1 
ATOM   48   C CD2 . HIS A 1 6   ? 1.050   -18.662 10.760  1.00 57.14 ? 12  HIS B CD2 1 
ATOM   49   C CE1 . HIS A 1 6   ? -0.550  -18.616 12.278  1.00 53.87 ? 12  HIS B CE1 1 
ATOM   50   N NE2 . HIS A 1 6   ? 0.734   -18.312 12.053  1.00 60.00 ? 12  HIS B NE2 1 
ATOM   51   N N   . HIS A 1 7   ? -1.545  -16.472 8.300   1.00 30.41 ? 13  HIS B N   1 
ATOM   52   C CA  . HIS A 1 7   ? -2.646  -15.463 8.418   1.00 25.27 ? 13  HIS B CA  1 
ATOM   53   C C   . HIS A 1 7   ? -2.931  -14.848 7.056   1.00 23.16 ? 13  HIS B C   1 
ATOM   54   O O   . HIS A 1 7   ? -3.498  -13.737 7.019   1.00 19.22 ? 13  HIS B O   1 
ATOM   55   C CB  . HIS A 1 7   ? -2.282  -14.372 9.417   1.00 25.20 ? 13  HIS B CB  1 
ATOM   56   C CG  . HIS A 1 7   ? -2.015  -14.930 10.774  1.00 25.99 ? 13  HIS B CG  1 
ATOM   57   N ND1 . HIS A 1 7   ? -3.024  -15.510 11.511  1.00 26.22 ? 13  HIS B ND1 1 
ATOM   58   C CD2 . HIS A 1 7   ? -0.892  -14.955 11.522  1.00 27.46 ? 13  HIS B CD2 1 
ATOM   59   C CE1 . HIS A 1 7   ? -2.517  -15.922 12.665  1.00 25.50 ? 13  HIS B CE1 1 
ATOM   60   N NE2 . HIS A 1 7   ? -1.216  -15.610 12.707  1.00 28.74 ? 13  HIS B NE2 1 
ATOM   61   N N   . MET A 1 8   ? -2.482  -15.496 5.990   1.00 22.82 ? 14  MET B N   1 
ATOM   62   C CA  . MET A 1 8   ? -2.646  -14.991 4.605   1.00 26.14 ? 14  MET B CA  1 
ATOM   63   C C   . MET A 1 8   ? -4.125  -14.688 4.342   1.00 24.48 ? 14  MET B C   1 
ATOM   64   O O   . MET A 1 8   ? -5.031  -15.478 4.724   1.00 28.45 ? 14  MET B O   1 
ATOM   65   C CB  . MET A 1 8   ? -2.135  -16.028 3.596   1.00 31.56 ? 14  MET B CB  1 
ATOM   66   C CG  . MET A 1 8   ? -2.221  -15.609 2.124   1.00 39.30 ? 14  MET B CG  1 
ATOM   67   S SD  . MET A 1 8   ? -1.068  -14.272 1.614   1.00 49.16 ? 14  MET B SD  1 
ATOM   68   C CE  . MET A 1 8   ? 0.421   -15.221 1.334   1.00 35.40 ? 14  MET B CE  1 
ATOM   69   N N   . VAL A 1 9   ? -4.398  -13.564 3.684   1.00 20.03 ? 15  VAL B N   1 
ATOM   70   C CA  . VAL A 1 9   ? -5.762  -13.138 3.263   1.00 21.77 ? 15  VAL B CA  1 
ATOM   71   C C   . VAL A 1 9   ? -5.713  -12.830 1.751   1.00 21.67 ? 15  VAL B C   1 
ATOM   72   O O   . VAL A 1 9   ? -4.672  -12.340 1.234   1.00 21.21 ? 15  VAL B O   1 
ATOM   73   C CB  . VAL A 1 9   ? -6.324  -11.957 4.081   1.00 23.12 ? 15  VAL B CB  1 
ATOM   74   C CG1 . VAL A 1 9   ? -6.617  -12.388 5.509   1.00 26.09 ? 15  VAL B CG1 1 
ATOM   75   C CG2 . VAL A 1 9   ? -5.418  -10.735 4.110   1.00 24.39 ? 15  VAL B CG2 1 
ATOM   76   N N   . HIS A 1 10  ? -6.829  -13.056 1.061   1.00 22.23 ? 16  HIS B N   1 
ATOM   77   C CA  . HIS A 1 10  ? -6.959  -12.798 -0.389  1.00 21.56 ? 16  HIS B CA  1 
ATOM   78   C C   . HIS A 1 10  ? -7.447  -11.360 -0.554  1.00 20.87 ? 16  HIS B C   1 
ATOM   79   O O   . HIS A 1 10  ? -8.600  -11.041 -0.240  1.00 24.31 ? 16  HIS B O   1 
ATOM   80   C CB  . HIS A 1 10  ? -7.909  -13.802 -1.044  1.00 22.22 ? 16  HIS B CB  1 
ATOM   81   C CG  . HIS A 1 10  ? -8.011  -13.705 -2.534  1.00 27.39 ? 16  HIS B CG  1 
ATOM   82   N ND1 . HIS A 1 10  ? -7.048  -14.215 -3.383  1.00 31.58 ? 16  HIS B ND1 1 
ATOM   83   C CD2 . HIS A 1 10  ? -8.969  -13.157 -3.319  1.00 32.37 ? 16  HIS B CD2 1 
ATOM   84   C CE1 . HIS A 1 10  ? -7.411  -14.004 -4.643  1.00 27.84 ? 16  HIS B CE1 1 
ATOM   85   N NE2 . HIS A 1 10  ? -8.598  -13.337 -4.631  1.00 33.88 ? 16  HIS B NE2 1 
ATOM   86   N N   . ILE A 1 11  ? -6.538  -10.480 -0.940  1.00 16.43 ? 17  ILE B N   1 
ATOM   87   C CA  . ILE A 1 11  ? -6.876  -9.057  -1.124  1.00 17.75 ? 17  ILE B CA  1 
ATOM   88   C C   . ILE A 1 11  ? -7.272  -8.823  -2.593  1.00 17.19 ? 17  ILE B C   1 
ATOM   89   O O   . ILE A 1 11  ? -6.674  -9.394  -3.468  1.00 17.20 ? 17  ILE B O   1 
ATOM   90   C CB  . ILE A 1 11  ? -5.687  -8.166  -0.716  1.00 16.45 ? 17  ILE B CB  1 
ATOM   91   C CG1 . ILE A 1 11  ? -5.309  -8.381  0.758   1.00 17.80 ? 17  ILE B CG1 1 
ATOM   92   C CG2 . ILE A 1 11  ? -5.987  -6.712  -1.030  1.00 15.97 ? 17  ILE B CG2 1 
ATOM   93   C CD1 . ILE A 1 11  ? -6.453  -8.206  1.760   1.00 17.69 ? 17  ILE B CD1 1 
ATOM   94   N N   . THR A 1 12  ? -8.295  -8.022  -2.775  1.00 15.53 ? 18  THR B N   1 
ATOM   95   C CA  . THR A 1 12  ? -8.678  -7.525  -4.129  1.00 16.92 ? 18  THR B CA  1 
ATOM   96   C C   . THR A 1 12  ? -8.805  -6.010  -4.070  1.00 17.32 ? 18  THR B C   1 
ATOM   97   O O   . THR A 1 12  ? -9.032  -5.420  -2.987  1.00 18.44 ? 18  THR B O   1 
ATOM   98   C CB  . THR A 1 12  ? -9.964  -8.195  -4.632  1.00 19.30 ? 18  THR B CB  1 
ATOM   99   O OG1 . THR A 1 12  ? -11.020 -7.867  -3.759  1.00 20.53 ? 18  THR B OG1 1 
ATOM   100  C CG2 . THR A 1 12  ? -9.857  -9.702  -4.805  1.00 21.22 ? 18  THR B CG2 1 
ATOM   101  N N   . LEU A 1 13  ? -8.595  -5.370  -5.226  1.00 15.61 ? 19  LEU B N   1 
ATOM   102  C CA  . LEU A 1 13  ? -8.625  -3.894  -5.281  1.00 15.42 ? 19  LEU B CA  1 
ATOM   103  C C   . LEU A 1 13  ? -10.052 -3.381  -5.505  1.00 14.49 ? 19  LEU B C   1 
ATOM   104  O O   . LEU A 1 13  ? -10.801 -4.017  -6.309  1.00 17.11 ? 19  LEU B O   1 
ATOM   105  C CB  . LEU A 1 13  ? -7.702  -3.449  -6.399  1.00 15.98 ? 19  LEU B CB  1 
ATOM   106  C CG  . LEU A 1 13  ? -6.260  -3.868  -6.197  1.00 15.53 ? 19  LEU B CG  1 
ATOM   107  C CD1 . LEU A 1 13  ? -5.407  -3.629  -7.431  1.00 17.49 ? 19  LEU B CD1 1 
ATOM   108  C CD2 . LEU A 1 13  ? -5.679  -3.186  -4.954  1.00 17.49 ? 19  LEU B CD2 1 
ATOM   109  N N   . ASP A 1 14  ? -10.380 -2.272  -4.933  1.00 14.23 ? 20  ASP B N   1 
ATOM   110  C CA  . ASP A 1 14  ? -11.706 -1.613  -5.031  1.00 14.69 ? 20  ASP B CA  1 
ATOM   111  C C   . ASP A 1 14  ? -11.610 -0.475  -6.086  1.00 15.92 ? 20  ASP B C   1 
ATOM   112  O O   . ASP A 1 14  ? -11.134 0.606   -5.780  1.00 15.00 ? 20  ASP B O   1 
ATOM   113  C CB  . ASP A 1 14  ? -12.207 -1.099  -3.681  1.00 15.02 ? 20  ASP B CB  1 
ATOM   114  C CG  . ASP A 1 14  ? -13.577 -0.452  -3.669  1.00 20.64 ? 20  ASP B CG  1 
ATOM   115  O OD1 . ASP A 1 14  ? -14.087 -0.193  -4.785  1.00 20.15 ? 20  ASP B OD1 1 
ATOM   116  O OD2 . ASP A 1 14  ? -14.062 -0.070  -2.573  1.00 20.31 ? 20  ASP B OD2 1 
ATOM   117  N N   A ARG A 1 15  ? -12.083 -0.784  -7.305  0.25 16.97 ? 21  ARG B N   1 
ATOM   118  N N   B ARG A 1 15  ? -12.076 -0.756  -7.309  0.25 17.31 ? 21  ARG B N   1 
ATOM   119  C CA  A ARG A 1 15  ? -12.158 0.114   -8.499  0.25 18.57 ? 21  ARG B CA  1 
ATOM   120  C CA  B ARG A 1 15  ? -12.035 0.176   -8.475  0.25 18.84 ? 21  ARG B CA  1 
ATOM   121  C C   A ARG A 1 15  ? -12.742 1.493   -8.175  0.25 17.80 ? 21  ARG B C   1 
ATOM   122  C C   B ARG A 1 15  ? -12.746 1.510   -8.187  0.25 18.04 ? 21  ARG B C   1 
ATOM   123  O O   A ARG A 1 15  ? -12.367 2.499   -8.876  0.25 18.06 ? 21  ARG B O   1 
ATOM   124  O O   B ARG A 1 15  ? -12.440 2.530   -8.910  0.25 17.70 ? 21  ARG B O   1 
ATOM   125  C CB  A ARG A 1 15  ? -13.131 -0.452  -9.545  0.25 19.90 ? 21  ARG B CB  1 
ATOM   126  C CB  B ARG A 1 15  ? -12.740 -0.448  -9.689  0.25 21.33 ? 21  ARG B CB  1 
ATOM   127  C CG  A ARG A 1 15  ? -12.875 -1.892  -9.949  0.25 22.34 ? 21  ARG B CG  1 
ATOM   128  C CG  B ARG A 1 15  ? -11.942 -1.516  -10.416 0.25 24.19 ? 21  ARG B CG  1 
ATOM   129  C CD  A ARG A 1 15  ? -13.657 -2.309  -11.187 0.25 22.19 ? 21  ARG B CD  1 
ATOM   130  C CD  B ARG A 1 15  ? -12.384 -2.928  -10.071 0.25 28.02 ? 21  ARG B CD  1 
ATOM   131  N NE  A ARG A 1 15  ? -12.952 -3.394  -11.843 0.25 22.09 ? 21  ARG B NE  1 
ATOM   132  N NE  B ARG A 1 15  ? -13.429 -3.491  -10.933 0.25 30.94 ? 21  ARG B NE  1 
ATOM   133  C CZ  A ARG A 1 15  ? -11.906 -3.212  -12.622 0.25 21.50 ? 21  ARG B CZ  1 
ATOM   134  C CZ  B ARG A 1 15  ? -14.733 -3.519  -10.654 0.25 33.57 ? 21  ARG B CZ  1 
ATOM   135  N NH1 A ARG A 1 15  ? -11.512 -1.983  -12.886 0.25 22.88 ? 21  ARG B NH1 1 
ATOM   136  N NH1 B ARG A 1 15  ? -15.205 -2.993  -9.538  0.25 34.90 ? 21  ARG B NH1 1 
ATOM   137  N NH2 A ARG A 1 15  ? -11.287 -4.241  -13.162 0.25 22.95 ? 21  ARG B NH2 1 
ATOM   138  N NH2 B ARG A 1 15  ? -15.571 -4.070  -11.512 0.25 35.52 ? 21  ARG B NH2 1 
ATOM   139  N N   . ASN A 1 16  ? -13.715 1.536   -7.253  1.00 17.07 ? 22  ASN B N   1 
ATOM   140  C CA  . ASN A 1 16  ? -14.438 2.774   -6.938  1.00 18.17 ? 22  ASN B CA  1 
ATOM   141  C C   . ASN A 1 16  ? -13.578 3.783   -6.186  1.00 16.87 ? 22  ASN B C   1 
ATOM   142  O O   . ASN A 1 16  ? -13.849 4.977   -6.250  1.00 16.83 ? 22  ASN B O   1 
ATOM   143  C CB  . ASN A 1 16  ? -15.738 2.435   -6.201  1.00 21.69 ? 22  ASN B CB  1 
ATOM   144  C CG  . ASN A 1 16  ? -16.774 1.881   -7.155  1.00 29.11 ? 22  ASN B CG  1 
ATOM   145  O OD1 . ASN A 1 16  ? -16.703 2.089   -8.372  1.00 36.01 ? 22  ASN B OD1 1 
ATOM   146  N ND2 . ASN A 1 16  ? -17.722 1.144   -6.606  1.00 40.57 ? 22  ASN B ND2 1 
ATOM   147  N N   . THR A 1 17  ? -12.499 3.300   -5.532  1.00 14.32 ? 23  THR B N   1 
ATOM   148  C CA  . THR A 1 17  ? -11.592 4.147   -4.749  1.00 14.01 ? 23  THR B CA  1 
ATOM   149  C C   . THR A 1 17  ? -10.414 4.629   -5.605  1.00 12.99 ? 23  THR B C   1 
ATOM   150  O O   . THR A 1 17  ? -9.667  5.501   -5.150  1.00 13.21 ? 23  THR B O   1 
ATOM   151  C CB  . THR A 1 17  ? -11.050 3.452   -3.486  1.00 14.23 ? 23  THR B CB  1 
ATOM   152  O OG1 . THR A 1 17  ? -10.153 2.407   -3.884  1.00 14.21 ? 23  THR B OG1 1 
ATOM   153  C CG2 . THR A 1 17  ? -12.183 3.003   -2.569  1.00 14.98 ? 23  THR B CG2 1 
ATOM   154  N N   . ALA A 1 18  ? -10.248 4.056   -6.775  1.00 13.12 ? 24  ALA B N   1 
ATOM   155  C CA  . ALA A 1 18  ? -9.020  4.305   -7.582  1.00 12.72 ? 24  ALA B CA  1 
ATOM   156  C C   . ALA A 1 18  ? -8.989  5.734   -8.131  1.00 14.03 ? 24  ALA B C   1 
ATOM   157  O O   . ALA A 1 18  ? -10.008 6.225   -8.659  1.00 14.47 ? 24  ALA B O   1 
ATOM   158  C CB  . ALA A 1 18  ? -8.937  3.320   -8.706  1.00 13.36 ? 24  ALA B CB  1 
ATOM   159  N N   . ASN A 1 19  ? -7.831  6.341   -8.132  1.00 13.07 ? 25  ASN B N   1 
ATOM   160  C CA  . ASN A 1 19  ? -7.578  7.507   -9.011  1.00 12.69 ? 25  ASN B CA  1 
ATOM   161  C C   . ASN A 1 19  ? -8.029  7.128   -10.422 1.00 12.19 ? 25  ASN B C   1 
ATOM   162  O O   . ASN A 1 19  ? -7.867  6.001   -10.896 1.00 12.46 ? 25  ASN B O   1 
ATOM   163  C CB  . ASN A 1 19  ? -6.116  7.858   -8.897  1.00 13.29 ? 25  ASN B CB  1 
ATOM   164  C CG  . ASN A 1 19  ? -5.744  8.982   -9.822  1.00 15.45 ? 25  ASN B CG  1 
ATOM   165  O OD1 . ASN A 1 19  ? -5.480  8.777   -10.995 1.00 15.34 ? 25  ASN B OD1 1 
ATOM   166  N ND2 . ASN A 1 19  ? -5.710  10.146  -9.268  1.00 19.18 ? 25  ASN B ND2 1 
ATOM   167  N N   . SER A 1 20  ? -8.574  8.109   -11.121 1.00 12.75 ? 26  SER B N   1 
ATOM   168  C CA  . SER A 1 20  ? -9.203  7.944   -12.445 1.00 13.66 ? 26  SER B CA  1 
ATOM   169  C C   . SER A 1 20  ? -8.200  7.601   -13.535 1.00 13.11 ? 26  SER B C   1 
ATOM   170  O O   . SER A 1 20  ? -8.681  7.187   -14.601 1.00 14.54 ? 26  SER B O   1 
ATOM   171  C CB  . SER A 1 20  ? -9.963  9.202   -12.828 1.00 15.21 ? 26  SER B CB  1 
ATOM   172  O OG  . SER A 1 20  ? -9.065  10.291  -12.917 1.00 17.83 ? 26  SER B OG  1 
ATOM   173  N N   . TRP A 1 21  ? -6.894  7.635   -13.314 1.00 11.86 ? 27  TRP B N   1 
ATOM   174  C CA  . TRP A 1 21  ? -5.898  7.215   -14.328 1.00 13.22 ? 27  TRP B CA  1 
ATOM   175  C C   . TRP A 1 21  ? -5.464  5.770   -14.128 1.00 13.61 ? 27  TRP B C   1 
ATOM   176  O O   . TRP A 1 21  ? -4.684  5.285   -14.937 1.00 13.94 ? 27  TRP B O   1 
ATOM   177  C CB  . TRP A 1 21  ? -4.707  8.133   -14.281 1.00 13.66 ? 27  TRP B CB  1 
ATOM   178  C CG  . TRP A 1 21  ? -4.986  9.483   -14.890 1.00 15.09 ? 27  TRP B CG  1 
ATOM   179  C CD1 . TRP A 1 21  ? -6.069  10.295  -14.667 1.00 14.97 ? 27  TRP B CD1 1 
ATOM   180  C CD2 . TRP A 1 21  ? -4.142  10.157  -15.816 1.00 17.32 ? 27  TRP B CD2 1 
ATOM   181  N NE1 . TRP A 1 21  ? -5.944  11.448  -15.422 1.00 18.12 ? 27  TRP B NE1 1 
ATOM   182  C CE2 . TRP A 1 21  ? -4.754  11.403  -16.075 1.00 16.98 ? 27  TRP B CE2 1 
ATOM   183  C CE3 . TRP A 1 21  ? -2.906  9.850   -16.388 1.00 18.71 ? 27  TRP B CE3 1 
ATOM   184  C CZ2 . TRP A 1 21  ? -4.169  12.330  -16.952 1.00 21.10 ? 27  TRP B CZ2 1 
ATOM   185  C CZ3 . TRP A 1 21  ? -2.340  10.763  -17.260 1.00 22.03 ? 27  TRP B CZ3 1 
ATOM   186  C CH2 . TRP A 1 21  ? -2.944  11.999  -17.483 1.00 22.50 ? 27  TRP B CH2 1 
ATOM   187  N N   . LEU A 1 22  ? -5.954  5.104   -13.062 1.00 13.00 ? 28  LEU B N   1 
ATOM   188  C CA  . LEU A 1 22  ? -5.477  3.732   -12.788 1.00 13.75 ? 28  LEU B CA  1 
ATOM   189  C C   . LEU A 1 22  ? -6.265  2.735   -13.641 1.00 13.37 ? 28  LEU B C   1 
ATOM   190  O O   . LEU A 1 22  ? -7.474  2.878   -13.848 1.00 13.81 ? 28  LEU B O   1 
ATOM   191  C CB  . LEU A 1 22  ? -5.605  3.397   -11.297 1.00 11.90 ? 28  LEU B CB  1 
ATOM   192  C CG  . LEU A 1 22  ? -4.746  4.246   -10.373 1.00 13.08 ? 28  LEU B CG  1 
ATOM   193  C CD1 . LEU A 1 22  ? -4.887  3.785   -8.927  1.00 13.54 ? 28  LEU B CD1 1 
ATOM   194  C CD2 . LEU A 1 22  ? -3.301  4.209   -10.744 1.00 14.11 ? 28  LEU B CD2 1 
ATOM   195  N N   . ILE A 1 23  ? -5.582  1.654   -13.955 1.00 13.11 ? 29  ILE B N   1 
ATOM   196  C CA  . ILE A 1 23  ? -6.147  0.474   -14.656 1.00 13.97 ? 29  ILE B CA  1 
ATOM   197  C C   . ILE A 1 23  ? -5.946  -0.742  -13.757 1.00 14.47 ? 29  ILE B C   1 
ATOM   198  O O   . ILE A 1 23  ? -4.790  -1.136  -13.486 1.00 14.60 ? 29  ILE B O   1 
ATOM   199  C CB  . ILE A 1 23  ? -5.505  0.238   -15.996 1.00 15.00 ? 29  ILE B CB  1 
ATOM   200  C CG1 . ILE A 1 23  ? -5.605  1.464   -16.944 1.00 16.19 ? 29  ILE B CG1 1 
ATOM   201  C CG2 . ILE A 1 23  ? -6.090  -1.032  -16.663 1.00 16.81 ? 29  ILE B CG2 1 
ATOM   202  C CD1 . ILE A 1 23  ? -4.803  1.357   -18.178 1.00 18.25 ? 29  ILE B CD1 1 
ATOM   203  N N   . ILE A 1 24  ? -7.068  -1.247  -13.304 1.00 16.36 ? 30  ILE B N   1 
ATOM   204  C CA  . ILE A 1 24  ? -7.143  -2.439  -12.418 1.00 17.02 ? 30  ILE B CA  1 
ATOM   205  C C   . ILE A 1 24  ? -7.510  -3.625  -13.274 1.00 18.48 ? 30  ILE B C   1 
ATOM   206  O O   . ILE A 1 24  ? -8.498  -3.553  -14.069 1.00 19.60 ? 30  ILE B O   1 
ATOM   207  C CB  . ILE A 1 24  ? -8.125  -2.212  -11.286 1.00 17.56 ? 30  ILE B CB  1 
ATOM   208  C CG1 . ILE A 1 24  ? -7.619  -1.153  -10.311 1.00 20.96 ? 30  ILE B CG1 1 
ATOM   209  C CG2 . ILE A 1 24  ? -8.394  -3.513  -10.527 1.00 17.99 ? 30  ILE B CG2 1 
ATOM   210  C CD1 . ILE A 1 24  ? -8.570  -0.730  -9.368  1.00 24.60 ? 30  ILE B CD1 1 
ATOM   211  N N   . SER A 1 25  ? -6.809  -4.718  -13.127 1.00 17.31 ? 31  SER B N   1 
ATOM   212  C CA  . SER A 1 25  ? -7.037  -5.917  -13.946 1.00 17.60 ? 31  SER B CA  1 
ATOM   213  C C   . SER A 1 25  ? -8.412  -6.525  -13.645 1.00 16.45 ? 31  SER B C   1 
ATOM   214  O O   . SER A 1 25  ? -9.006  -6.286  -12.624 1.00 17.27 ? 31  SER B O   1 
ATOM   215  C CB  . SER A 1 25  ? -5.927  -6.862  -13.707 1.00 18.85 ? 31  SER B CB  1 
ATOM   216  O OG  . SER A 1 25  ? -5.928  -7.284  -12.346 1.00 18.38 ? 31  SER B OG  1 
ATOM   217  N N   . LYS A 1 26  ? -8.887  -7.349  -14.593 1.00 21.10 ? 32  LYS B N   1 
ATOM   218  C CA  . LYS A 1 26  ? -10.196 -8.047  -14.460 1.00 21.62 ? 32  LYS B CA  1 
ATOM   219  C C   . LYS A 1 26  ? -10.284 -8.804  -13.128 1.00 18.80 ? 32  LYS B C   1 
ATOM   220  O O   . LYS A 1 26  ? -11.342 -8.755  -12.518 1.00 22.46 ? 32  LYS B O   1 
ATOM   221  C CB  . LYS A 1 26  ? -10.346 -9.057  -15.605 1.00 25.48 ? 32  LYS B CB  1 
ATOM   222  C CG  . LYS A 1 26  ? -11.632 -9.845  -15.569 1.00 28.74 ? 32  LYS B CG  1 
ATOM   223  C CD  . LYS A 1 26  ? -11.931 -10.384 -16.930 1.00 28.34 ? 32  LYS B CD  1 
ATOM   224  C CE  . LYS A 1 26  ? -10.779 -11.158 -17.513 1.00 33.16 ? 32  LYS B CE  1 
ATOM   225  N NZ  . LYS A 1 26  ? -11.199 -11.673 -18.824 1.00 36.37 ? 32  LYS B NZ  1 
ATOM   226  N N   . ASP A 1 27  ? -9.193  -9.477  -12.736 1.00 19.79 ? 33  ASP B N   1 
ATOM   227  C CA  . ASP A 1 27  ? -9.185  -10.280 -11.479 1.00 19.19 ? 33  ASP B CA  1 
ATOM   228  C C   . ASP A 1 27  ? -9.039  -9.374  -10.236 1.00 17.95 ? 33  ASP B C   1 
ATOM   229  O O   . ASP A 1 27  ? -9.081  -9.917  -9.113  1.00 18.51 ? 33  ASP B O   1 
ATOM   230  C CB  . ASP A 1 27  ? -8.127  -11.376 -11.504 1.00 20.81 ? 33  ASP B CB  1 
ATOM   231  C CG  . ASP A 1 27  ? -6.688  -10.923 -11.500 1.00 22.17 ? 33  ASP B CG  1 
ATOM   232  O OD1 . ASP A 1 27  ? -6.436  -9.662  -11.452 1.00 21.26 ? 33  ASP B OD1 1 
ATOM   233  O OD2 . ASP A 1 27  ? -5.837  -11.818 -11.546 1.00 24.68 ? 33  ASP B OD2 1 
ATOM   234  N N   . ARG A 1 28  ? -8.907  -8.064  -10.385 1.00 16.71 ? 34  ARG B N   1 
ATOM   235  C CA  . ARG A 1 28  ? -8.788  -7.083  -9.283  1.00 16.41 ? 34  ARG B CA  1 
ATOM   236  C C   . ARG A 1 28  ? -7.532  -7.409  -8.444  1.00 13.85 ? 34  ARG B C   1 
ATOM   237  O O   . ARG A 1 28  ? -7.507  -6.958  -7.274  1.00 14.91 ? 34  ARG B O   1 
ATOM   238  C CB  . ARG A 1 28  ? -10.100 -6.989  -8.502  1.00 20.84 ? 34  ARG B CB  1 
ATOM   239  C CG  . ARG A 1 28  ? -11.253 -6.516  -9.385  1.00 25.64 ? 34  ARG B CG  1 
ATOM   240  C CD  . ARG A 1 28  ? -12.586 -6.335  -8.732  1.00 33.13 ? 34  ARG B CD  1 
ATOM   241  N NE  . ARG A 1 28  ? -13.002 -7.466  -7.943  1.00 41.14 ? 34  ARG B NE  1 
ATOM   242  C CZ  . ARG A 1 28  ? -12.978 -7.544  -6.601  1.00 55.21 ? 34  ARG B CZ  1 
ATOM   243  N NH1 . ARG A 1 28  ? -12.557 -6.530  -5.837  1.00 50.50 ? 34  ARG B NH1 1 
ATOM   244  N NH2 . ARG A 1 28  ? -13.403 -8.662  -6.024  1.00 60.54 ? 34  ARG B NH2 1 
ATOM   245  N N   . ARG A 1 29  ? -6.511  -7.986  -9.000  1.00 13.36 ? 35  ARG B N   1 
ATOM   246  C CA  . ARG A 1 29  ? -5.256  -8.305  -8.291  1.00 15.70 ? 35  ARG B CA  1 
ATOM   247  C C   . ARG A 1 29  ? -4.060  -7.513  -8.798  1.00 15.36 ? 35  ARG B C   1 
ATOM   248  O O   . ARG A 1 29  ? -2.995  -7.590  -8.150  1.00 15.60 ? 35  ARG B O   1 
ATOM   249  C CB  . ARG A 1 29  ? -4.941  -9.805  -8.376  1.00 16.02 ? 35  ARG B CB  1 
ATOM   250  C CG  . ARG A 1 29  ? -6.043  -10.645 -7.746  1.00 18.53 ? 35  ARG B CG  1 
ATOM   251  C CD  . ARG A 1 29  ? -5.950  -10.847 -6.270  1.00 20.92 ? 35  ARG B CD  1 
ATOM   252  N NE  . ARG A 1 29  ? -4.862  -11.789 -6.017  1.00 22.28 ? 35  ARG B NE  1 
ATOM   253  C CZ  . ARG A 1 29  ? -4.403  -12.099 -4.807  1.00 21.52 ? 35  ARG B CZ  1 
ATOM   254  N NH1 . ARG A 1 29  ? -4.938  -11.529 -3.761  1.00 22.33 ? 35  ARG B NH1 1 
ATOM   255  N NH2 . ARG A 1 29  ? -3.425  -12.969 -4.681  1.00 22.03 ? 35  ARG B NH2 1 
ATOM   256  N N   . GLN A 1 30  ? -4.156  -6.723  -9.869  1.00 13.74 ? 36  GLN B N   1 
ATOM   257  C CA  . GLN A 1 30  ? -3.064  -5.887  -10.409 1.00 14.88 ? 36  GLN B CA  1 
ATOM   258  C C   . GLN A 1 30  ? -3.571  -4.485  -10.710 1.00 13.53 ? 36  GLN B C   1 
ATOM   259  O O   . GLN A 1 30  ? -4.780  -4.289  -11.010 1.00 14.48 ? 36  GLN B O   1 
ATOM   260  C CB  . GLN A 1 30  ? -2.506  -6.464  -11.707 1.00 16.89 ? 36  GLN B CB  1 
ATOM   261  C CG  . GLN A 1 30  ? -2.212  -7.938  -11.604 1.00 20.61 ? 36  GLN B CG  1 
ATOM   262  C CD  . GLN A 1 30  ? -1.400  -8.369  -12.808 1.00 24.43 ? 36  GLN B CD  1 
ATOM   263  O OE1 . GLN A 1 30  ? -0.824  -7.557  -13.545 1.00 25.88 ? 36  GLN B OE1 1 
ATOM   264  N NE2 . GLN A 1 30  ? -1.347  -9.662  -13.013 1.00 29.56 ? 36  GLN B NE2 1 
ATOM   265  N N   . VAL A 1 31  ? -2.681  -3.518  -10.541 1.00 12.76 ? 37  VAL B N   1 
ATOM   266  C CA  . VAL A 1 31  ? -3.024  -2.113  -10.851 1.00 13.15 ? 37  VAL B CA  1 
ATOM   267  C C   . VAL A 1 31  ? -1.814  -1.441  -11.455 1.00 13.26 ? 37  VAL B C   1 
ATOM   268  O O   . VAL A 1 31  ? -0.699  -1.639  -10.969 1.00 12.52 ? 37  VAL B O   1 
ATOM   269  C CB  . VAL A 1 31  ? -3.562  -1.387  -9.628  1.00 12.30 ? 37  VAL B CB  1 
ATOM   270  C CG1 . VAL A 1 31  ? -2.585  -1.397  -8.440  1.00 12.31 ? 37  VAL B CG1 1 
ATOM   271  C CG2 . VAL A 1 31  ? -3.951  0.048   -9.973  1.00 13.60 ? 37  VAL B CG2 1 
ATOM   272  N N   . ARG A 1 32  ? -2.020  -0.615  -12.466 1.00 13.01 ? 38  ARG B N   1 
ATOM   273  C CA  . ARG A 1 32  ? -0.935  0.194   -13.051 1.00 13.83 ? 38  ARG B CA  1 
ATOM   274  C C   . ARG A 1 32  ? -1.487  1.567   -13.429 1.00 13.40 ? 38  ARG B C   1 
ATOM   275  O O   . ARG A 1 32  ? -2.701  1.758   -13.560 1.00 12.46 ? 38  ARG B O   1 
ATOM   276  C CB  . ARG A 1 32  ? -0.326  -0.487  -14.268 1.00 15.39 ? 38  ARG B CB  1 
ATOM   277  C CG  . ARG A 1 32  ? -1.272  -0.591  -15.445 1.00 18.11 ? 38  ARG B CG  1 
ATOM   278  C CD  . ARG A 1 32  ? -0.587  -1.435  -16.526 1.00 20.99 ? 38  ARG B CD  1 
ATOM   279  N NE  . ARG A 1 32  ? -1.468  -1.566  -17.665 1.00 25.10 ? 38  ARG B NE  1 
ATOM   280  C CZ  . ARG A 1 32  ? -1.548  -0.723  -18.673 1.00 22.13 ? 38  ARG B CZ  1 
ATOM   281  N NH1 . ARG A 1 32  ? -0.812  0.360   -18.736 1.00 26.84 ? 38  ARG B NH1 1 
ATOM   282  N NH2 . ARG A 1 32  ? -2.420  -1.006  -19.648 1.00 28.86 ? 38  ARG B NH2 1 
ATOM   283  N N   A MET A 1 33  ? -0.534  2.467   -13.652 0.32 13.48 ? 39  MET B N   1 
ATOM   284  N N   B MET A 1 33  ? -0.608  2.559   -13.561 0.27 14.20 ? 39  MET B N   1 
ATOM   285  C CA  A MET A 1 33  ? -0.780  3.850   -14.121 0.32 15.59 ? 39  MET B CA  1 
ATOM   286  C CA  B MET A 1 33  ? -1.069  3.924   -13.944 0.27 15.75 ? 39  MET B CA  1 
ATOM   287  C C   A MET A 1 33  ? -1.113  3.802   -15.617 0.32 14.79 ? 39  MET B C   1 
ATOM   288  C C   B MET A 1 33  ? -1.061  4.026   -15.465 0.27 15.03 ? 39  MET B C   1 
ATOM   289  O O   A MET A 1 33  ? -0.404  3.161   -16.404 0.32 15.91 ? 39  MET B O   1 
ATOM   290  O O   B MET A 1 33  ? 0.057   3.859   -16.064 0.27 14.02 ? 39  MET B O   1 
ATOM   291  C CB  A MET A 1 33  ? 0.456   4.708   -13.825 0.32 16.33 ? 39  MET B CB  1 
ATOM   292  C CB  B MET A 1 33  ? -0.212  5.060   -13.376 0.27 17.41 ? 39  MET B CB  1 
ATOM   293  C CG  A MET A 1 33  ? 0.278   6.210   -14.090 0.32 18.19 ? 39  MET B CG  1 
ATOM   294  C CG  B MET A 1 33  ? -0.693  6.474   -13.865 0.27 20.00 ? 39  MET B CG  1 
ATOM   295  S SD  A MET A 1 33  ? -1.165  6.931   -13.186 0.32 21.20 ? 39  MET B SD  1 
ATOM   296  S SD  B MET A 1 33  ? 0.056   7.738   -12.816 0.27 22.46 ? 39  MET B SD  1 
ATOM   297  C CE  A MET A 1 33  ? -0.823  8.687   -13.249 0.32 20.83 ? 39  MET B CE  1 
ATOM   298  C CE  B MET A 1 33  ? -0.936  9.143   -13.320 0.27 22.77 ? 39  MET B CE  1 
ATOM   299  N N   . GLY A 1 34  ? -2.260  4.331   -15.986 1.00 14.98 ? 40  GLY B N   1 
ATOM   300  C CA  . GLY A 1 34  ? -2.535  4.554   -17.420 1.00 16.89 ? 40  GLY B CA  1 
ATOM   301  C C   . GLY A 1 34  ? -1.875  5.830   -17.918 1.00 17.69 ? 40  GLY B C   1 
ATOM   302  O O   . GLY A 1 34  ? -1.334  6.634   -17.133 1.00 18.46 ? 40  GLY B O   1 
ATOM   303  N N   . ASP A 1 35  ? -1.817  5.968   -19.262 1.00 23.26 ? 41  ASP B N   1 
ATOM   304  C CA  . ASP A 1 35  ? -1.151  7.171   -19.854 1.00 25.18 ? 41  ASP B CA  1 
ATOM   305  C C   . ASP A 1 35  ? -2.206  8.297   -19.995 1.00 25.27 ? 41  ASP B C   1 
ATOM   306  O O   . ASP A 1 35  ? -1.814  9.411   -20.398 1.00 26.93 ? 41  ASP B O   1 
ATOM   307  C CB  . ASP A 1 35  ? -0.364  6.846   -21.141 1.00 29.58 ? 41  ASP B CB  1 
ATOM   308  C CG  . ASP A 1 35  ? 1.019   6.180   -20.964 1.00 40.68 ? 41  ASP B CG  1 
ATOM   309  O OD1 . ASP A 1 35  ? 1.720   6.457   -19.954 1.00 41.46 ? 41  ASP B OD1 1 
ATOM   310  O OD2 . ASP A 1 35  ? 1.433   5.407   -21.867 1.00 41.07 ? 41  ASP B OD2 1 
ATOM   311  N N   . THR A 1 36  ? -3.446  8.095   -19.562 1.00 19.39 ? 42  THR B N   1 
ATOM   312  C CA  . THR A 1 36  ? -4.561  9.101   -19.652 1.00 19.03 ? 42  THR B CA  1 
ATOM   313  C C   . THR A 1 36  ? -5.666  8.793   -18.635 1.00 15.79 ? 42  THR B C   1 
ATOM   314  O O   . THR A 1 36  ? -5.706  7.645   -17.992 1.00 15.50 ? 42  THR B O   1 
ATOM   315  C CB  . THR A 1 36  ? -5.084  9.087   -21.092 1.00 19.78 ? 42  THR B CB  1 
ATOM   316  O OG1 . THR A 1 36  ? -5.965  10.174  -21.292 1.00 23.22 ? 42  THR B OG1 1 
ATOM   317  C CG2 . THR A 1 36  ? -5.826  7.809   -21.381 1.00 22.71 ? 42  THR B CG2 1 
ATOM   318  N N   . HIS A 1 37  ? -6.672  9.654   -18.500 1.00 17.14 ? 43  HIS B N   1 
ATOM   319  C CA  . HIS A 1 37  ? -7.926  9.346   -17.760 1.00 16.08 ? 43  HIS B CA  1 
ATOM   320  C C   . HIS A 1 37  ? -8.577  8.083   -18.297 1.00 18.31 ? 43  HIS B C   1 
ATOM   321  O O   . HIS A 1 37  ? -8.765  7.981   -19.546 1.00 18.84 ? 43  HIS B O   1 
ATOM   322  C CB  . HIS A 1 37  ? -8.833  10.592  -17.813 1.00 15.87 ? 43  HIS B CB  1 
ATOM   323  C CG  . HIS A 1 37  ? -10.091 10.574  -17.021 1.00 15.18 ? 43  HIS B CG  1 
ATOM   324  N ND1 . HIS A 1 37  ? -11.188 9.758   -17.282 1.00 15.62 ? 43  HIS B ND1 1 
ATOM   325  C CD2 . HIS A 1 37  ? -10.452 11.355  -15.968 1.00 14.63 ? 43  HIS B CD2 1 
ATOM   326  C CE1 . HIS A 1 37  ? -12.146 10.040  -16.432 1.00 15.43 ? 43  HIS B CE1 1 
ATOM   327  N NE2 . HIS A 1 37  ? -11.710 11.039  -15.591 1.00 15.54 ? 43  HIS B NE2 1 
ATOM   328  N N   . GLN A 1 38  ? -9.050  7.190   -17.432 1.00 15.65 ? 44  GLN B N   1 
ATOM   329  C CA  . GLN A 1 38  ? -9.562  5.874   -17.846 1.00 15.54 ? 44  GLN B CA  1 
ATOM   330  C C   . GLN A 1 38  ? -11.084 5.858   -18.071 1.00 17.88 ? 44  GLN B C   1 
ATOM   331  O O   . GLN A 1 38  ? -11.701 4.761   -18.135 1.00 18.34 ? 44  GLN B O   1 
ATOM   332  C CB  . GLN A 1 38  ? -9.102  4.818   -16.842 1.00 15.14 ? 44  GLN B CB  1 
ATOM   333  C CG  . GLN A 1 38  ? -7.625  4.639   -16.896 1.00 15.38 ? 44  GLN B CG  1 
ATOM   334  C CD  . GLN A 1 38  ? -7.081  4.330   -18.264 1.00 15.33 ? 44  GLN B CD  1 
ATOM   335  O OE1 . GLN A 1 38  ? -6.149  4.953   -18.793 1.00 18.98 ? 44  GLN B OE1 1 
ATOM   336  N NE2 . GLN A 1 38  ? -7.688  3.355   -18.914 1.00 15.05 ? 44  GLN B NE2 1 
ATOM   337  N N   . ASN A 1 39  ? -11.699 7.010   -18.273 1.00 16.40 ? 45  ASN B N   1 
ATOM   338  C CA  . ASN A 1 39  ? -13.097 7.116   -18.802 1.00 15.01 ? 45  ASN B CA  1 
ATOM   339  C C   . ASN A 1 39  ? -14.101 6.605   -17.794 1.00 16.63 ? 45  ASN B C   1 
ATOM   340  O O   . ASN A 1 39  ? -15.162 6.096   -18.156 1.00 19.06 ? 45  ASN B O   1 
ATOM   341  C CB  . ASN A 1 39  ? -13.242 6.465   -20.201 1.00 15.58 ? 45  ASN B CB  1 
ATOM   342  C CG  . ASN A 1 39  ? -14.451 7.028   -20.937 1.00 15.92 ? 45  ASN B CG  1 
ATOM   343  O OD1 . ASN A 1 39  ? -14.775 8.208   -20.785 1.00 15.33 ? 45  ASN B OD1 1 
ATOM   344  N ND2 . ASN A 1 39  ? -15.123 6.208   -21.752 1.00 15.13 ? 45  ASN B ND2 1 
ATOM   345  N N   . VAL A 1 40  ? -13.855 6.896   -16.518 1.00 18.48 ? 46  VAL B N   1 
ATOM   346  C CA  . VAL A 1 40  ? -14.742 6.581   -15.364 1.00 19.47 ? 46  VAL B CA  1 
ATOM   347  C C   . VAL A 1 40  ? -15.402 7.876   -14.855 1.00 17.34 ? 46  VAL B C   1 
ATOM   348  O O   . VAL A 1 40  ? -14.788 8.909   -14.968 1.00 17.93 ? 46  VAL B O   1 
ATOM   349  C CB  . VAL A 1 40  ? -13.963 5.888   -14.221 1.00 20.01 ? 46  VAL B CB  1 
ATOM   350  C CG1 . VAL A 1 40  ? -13.531 4.495   -14.633 1.00 24.01 ? 46  VAL B CG1 1 
ATOM   351  C CG2 . VAL A 1 40  ? -12.763 6.694   -13.725 1.00 21.03 ? 46  VAL B CG2 1 
ATOM   352  N N   . SER A 1 41  ? -16.588 7.800   -14.255 1.00 19.26 ? 47  SER B N   1 
ATOM   353  C CA  . SER A 1 41  ? -17.188 8.941   -13.540 1.00 21.20 ? 47  SER B CA  1 
ATOM   354  C C   . SER A 1 41  ? -16.411 9.254   -12.260 1.00 20.02 ? 47  SER B C   1 
ATOM   355  O O   . SER A 1 41  ? -15.777 8.351   -11.669 1.00 18.61 ? 47  SER B O   1 
ATOM   356  C CB  . SER A 1 41  ? -18.653 8.681   -13.265 1.00 23.54 ? 47  SER B CB  1 
ATOM   357  O OG  . SER A 1 41  ? -18.815 7.496   -12.495 1.00 25.48 ? 47  SER B OG  1 
ATOM   358  N N   . ASP A 1 42  ? -16.464 10.489  -11.809 1.00 19.93 ? 48  ASP B N   1 
ATOM   359  C CA  . ASP A 1 42  ? -15.884 10.894  -10.520 1.00 19.40 ? 48  ASP B CA  1 
ATOM   360  C C   . ASP A 1 42  ? -16.828 10.459  -9.405  1.00 21.26 ? 48  ASP B C   1 
ATOM   361  O O   . ASP A 1 42  ? -18.042 10.298  -9.632  1.00 20.72 ? 48  ASP B O   1 
ATOM   362  C CB  . ASP A 1 42  ? -15.596 12.384  -10.502 1.00 21.12 ? 48  ASP B CB  1 
ATOM   363  C CG  . ASP A 1 42  ? -14.750 12.746  -9.304  1.00 26.43 ? 48  ASP B CG  1 
ATOM   364  O OD1 . ASP A 1 42  ? -13.792 11.936  -8.920  1.00 20.15 ? 48  ASP B OD1 1 
ATOM   365  O OD2 . ASP A 1 42  ? -15.159 13.754  -8.661  1.00 30.85 ? 48  ASP B OD2 1 
ATOM   366  N N   . ASN A 1 43  ? -16.288 10.322  -8.195  1.00 19.32 ? 49  ASN B N   1 
ATOM   367  C CA  . ASN A 1 43  ? -17.092 9.978   -7.000  1.00 19.93 ? 49  ASN B CA  1 
ATOM   368  C C   . ASN A 1 43  ? -16.276 10.423  -5.790  1.00 20.22 ? 49  ASN B C   1 
ATOM   369  O O   . ASN A 1 43  ? -15.060 10.783  -5.930  1.00 20.71 ? 49  ASN B O   1 
ATOM   370  C CB  . ASN A 1 43  ? -17.539 8.529   -6.960  1.00 19.51 ? 49  ASN B CB  1 
ATOM   371  C CG  . ASN A 1 43  ? -16.390 7.573   -6.718  1.00 19.90 ? 49  ASN B CG  1 
ATOM   372  O OD1 . ASN A 1 43  ? -15.653 7.752   -5.749  1.00 21.58 ? 49  ASN B OD1 1 
ATOM   373  N ND2 . ASN A 1 43  ? -16.199 6.611   -7.556  1.00 18.70 ? 49  ASN B ND2 1 
ATOM   374  N N   . LYS A 1 44  ? -16.900 10.424  -4.631  1.00 21.06 ? 50  LYS B N   1 
ATOM   375  C CA  . LYS A 1 44  ? -16.275 11.013  -3.428  1.00 22.63 ? 50  LYS B CA  1 
ATOM   376  C C   . LYS A 1 44  ? -15.188 10.064  -2.857  1.00 18.48 ? 50  LYS B C   1 
ATOM   377  O O   . LYS A 1 44  ? -14.362 10.559  -2.055  1.00 21.24 ? 50  LYS B O   1 
ATOM   378  C CB  . LYS A 1 44  ? -17.355 11.272  -2.361  1.00 25.84 ? 50  LYS B CB  1 
ATOM   379  C CG  . LYS A 1 44  ? -18.003 10.014  -1.827  1.00 30.85 ? 50  LYS B CG  1 
ATOM   380  C CD  . LYS A 1 44  ? -19.319 10.251  -1.085  1.00 40.89 ? 50  LYS B CD  1 
ATOM   381  C CE  . LYS A 1 44  ? -19.612 9.129   -0.113  1.00 47.62 ? 50  LYS B CE  1 
ATOM   382  N NZ  . LYS A 1 44  ? -20.687 9.513   0.835   1.00 54.81 ? 50  LYS B NZ  1 
ATOM   383  N N   . GLU A 1 45  ? -15.189 8.801   -3.258  1.00 18.30 ? 51  GLU B N   1 
ATOM   384  C CA  . GLU A 1 45  ? -14.187 7.803   -2.766  1.00 18.26 ? 51  GLU B CA  1 
ATOM   385  C C   . GLU A 1 45  ? -12.846 7.964   -3.502  1.00 17.74 ? 51  GLU B C   1 
ATOM   386  O O   . GLU A 1 45  ? -11.804 7.557   -2.947  1.00 17.70 ? 51  GLU B O   1 
ATOM   387  C CB  . GLU A 1 45  ? -14.699 6.392   -2.959  1.00 20.58 ? 51  GLU B CB  1 
ATOM   388  C CG  . GLU A 1 45  ? -15.996 6.047   -2.220  1.00 26.50 ? 51  GLU B CG  1 
ATOM   389  C CD  . GLU A 1 45  ? -16.441 4.615   -2.514  1.00 32.74 ? 51  GLU B CD  1 
ATOM   390  O OE1 . GLU A 1 45  ? -17.478 4.440   -3.199  1.00 40.62 ? 51  GLU B OE1 1 
ATOM   391  O OE2 . GLU A 1 45  ? -15.744 3.658   -2.117  1.00 37.89 ? 51  GLU B OE2 1 
ATOM   392  N N   . ARG A 1 46  ? -12.805 8.476   -4.729  1.00 15.96 ? 52  ARG B N   1 
ATOM   393  C CA  . ARG A 1 46  ? -11.556 8.374   -5.534  1.00 14.94 ? 52  ARG B CA  1 
ATOM   394  C C   . ARG A 1 46  ? -10.468 9.269   -4.994  1.00 14.96 ? 52  ARG B C   1 
ATOM   395  O O   . ARG A 1 46  ? -10.645 10.460  -4.716  1.00 16.07 ? 52  ARG B O   1 
ATOM   396  C CB  . ARG A 1 46  ? -11.811 8.783   -6.990  1.00 14.15 ? 52  ARG B CB  1 
ATOM   397  C CG  . ARG A 1 46  ? -12.750 7.887   -7.750  1.00 16.08 ? 52  ARG B CG  1 
ATOM   398  C CD  . ARG A 1 46  ? -12.578 8.094   -9.276  1.00 15.19 ? 52  ARG B CD  1 
ATOM   399  N NE  . ARG A 1 46  ? -13.579 7.318   -9.972  1.00 17.41 ? 52  ARG B NE  1 
ATOM   400  C CZ  . ARG A 1 46  ? -13.609 5.987   -10.078 1.00 16.12 ? 52  ARG B CZ  1 
ATOM   401  N NH1 . ARG A 1 46  ? -12.552 5.263   -9.702  1.00 15.25 ? 52  ARG B NH1 1 
ATOM   402  N NH2 . ARG A 1 46  ? -14.634 5.352   -10.648 1.00 19.03 ? 52  ARG B NH2 1 
ATOM   403  N N   . PHE A 1 47  ? -9.253  8.760   -4.863  1.00 13.63 ? 53  PHE B N   1 
ATOM   404  C CA  . PHE A 1 47  ? -8.096  9.599   -4.548  1.00 13.03 ? 53  PHE B CA  1 
ATOM   405  C C   . PHE A 1 47  ? -7.840  10.547  -5.741  1.00 15.63 ? 53  PHE B C   1 
ATOM   406  O O   . PHE A 1 47  ? -7.637  10.056  -6.863  1.00 15.84 ? 53  PHE B O   1 
ATOM   407  C CB  . PHE A 1 47  ? -6.835  8.792   -4.267  1.00 12.33 ? 53  PHE B CB  1 
ATOM   408  C CG  . PHE A 1 47  ? -6.886  8.078   -2.936  1.00 12.12 ? 53  PHE B CG  1 
ATOM   409  C CD1 . PHE A 1 47  ? -6.589  8.783   -1.779  1.00 12.38 ? 53  PHE B CD1 1 
ATOM   410  C CD2 . PHE A 1 47  ? -7.241  6.740   -2.814  1.00 13.43 ? 53  PHE B CD2 1 
ATOM   411  C CE1 . PHE A 1 47  ? -6.637  8.170   -0.535  1.00 13.39 ? 53  PHE B CE1 1 
ATOM   412  C CE2 . PHE A 1 47  ? -7.266  6.130   -1.558  1.00 13.70 ? 53  PHE B CE2 1 
ATOM   413  C CZ  . PHE A 1 47  ? -6.981  6.868   -0.426  1.00 12.42 ? 53  PHE B CZ  1 
ATOM   414  N N   . SER A 1 48  ? -7.878  11.848  -5.561  1.00 15.44 ? 54  SER B N   1 
ATOM   415  C CA  . SER A 1 48  ? -7.816  12.808  -6.702  1.00 16.95 ? 54  SER B CA  1 
ATOM   416  C C   . SER A 1 48  ? -6.382  13.176  -7.048  1.00 17.25 ? 54  SER B C   1 
ATOM   417  O O   . SER A 1 48  ? -6.110  13.397  -8.269  1.00 19.21 ? 54  SER B O   1 
ATOM   418  C CB  . SER A 1 48  ? -8.649  14.031  -6.354  1.00 18.32 ? 54  SER B CB  1 
ATOM   419  O OG  . SER A 1 48  ? -8.179  14.715  -5.223  1.00 18.06 ? 54  SER B OG  1 
ATOM   420  N N   . ASN A 1 49  ? -5.477  13.325  -6.114  1.00 15.34 ? 55  ASN B N   1 
ATOM   421  C CA  . ASN A 1 49  ? -4.184  14.005  -6.332  1.00 16.34 ? 55  ASN B CA  1 
ATOM   422  C C   . ASN A 1 49  ? -3.057  13.023  -6.650  1.00 16.52 ? 55  ASN B C   1 
ATOM   423  O O   . ASN A 1 49  ? -1.976  13.448  -7.087  1.00 18.25 ? 55  ASN B O   1 
ATOM   424  C CB  . ASN A 1 49  ? -3.768  14.917  -5.186  1.00 17.67 ? 55  ASN B CB  1 
ATOM   425  C CG  . ASN A 1 49  ? -4.587  16.204  -5.103  1.00 22.35 ? 55  ASN B CG  1 
ATOM   426  O OD1 . ASN A 1 49  ? -5.799  16.205  -5.279  1.00 25.22 ? 55  ASN B OD1 1 
ATOM   427  N ND2 . ASN A 1 49  ? -3.888  17.304  -4.838  1.00 28.05 ? 55  ASN B ND2 1 
ATOM   428  N N   . TYR A 1 50  ? -3.235  11.738  -6.310  1.00 13.87 ? 56  TYR B N   1 
ATOM   429  C CA  . TYR A 1 50  ? -2.128  10.764  -6.373  1.00 13.57 ? 56  TYR B CA  1 
ATOM   430  C C   . TYR A 1 50  ? -2.670  9.448   -6.949  1.00 12.31 ? 56  TYR B C   1 
ATOM   431  O O   . TYR A 1 50  ? -3.857  9.146   -6.830  1.00 13.14 ? 56  TYR B O   1 
ATOM   432  C CB  . TYR A 1 50  ? -1.618  10.471  -4.959  1.00 13.63 ? 56  TYR B CB  1 
ATOM   433  C CG  . TYR A 1 50  ? -1.344  11.698  -4.116  1.00 15.29 ? 56  TYR B CG  1 
ATOM   434  C CD1 . TYR A 1 50  ? -0.210  12.458  -4.353  1.00 17.29 ? 56  TYR B CD1 1 
ATOM   435  C CD2 . TYR A 1 50  ? -2.193  12.118  -3.098  1.00 16.28 ? 56  TYR B CD2 1 
ATOM   436  C CE1 . TYR A 1 50  ? 0.076   13.594  -3.589  1.00 19.06 ? 56  TYR B CE1 1 
ATOM   437  C CE2 . TYR A 1 50  ? -1.964  13.280  -2.375  1.00 17.00 ? 56  TYR B CE2 1 
ATOM   438  C CZ  . TYR A 1 50  ? -0.796  13.987  -2.591  1.00 17.79 ? 56  TYR B CZ  1 
ATOM   439  O OH  . TYR A 1 50  ? -0.555  15.108  -1.833  1.00 18.87 ? 56  TYR B OH  1 
ATOM   440  N N   . PRO A 1 51  ? -1.783  8.578   -7.503  1.00 12.19 ? 57  PRO B N   1 
ATOM   441  C CA  . PRO A 1 51  ? -2.203  7.325   -8.133  1.00 12.10 ? 57  PRO B CA  1 
ATOM   442  C C   . PRO A 1 51  ? -2.465  6.183   -7.124  1.00 11.62 ? 57  PRO B C   1 
ATOM   443  O O   . PRO A 1 51  ? -1.874  5.134   -7.192  1.00 12.40 ? 57  PRO B O   1 
ATOM   444  C CB  . PRO A 1 51  ? -1.032  6.997   -9.112  1.00 14.30 ? 57  PRO B CB  1 
ATOM   445  C CG  . PRO A 1 51  ? -0.171  8.243   -9.123  1.00 15.11 ? 57  PRO B CG  1 
ATOM   446  C CD  . PRO A 1 51  ? -0.384  8.865   -7.792  1.00 12.92 ? 57  PRO B CD  1 
ATOM   447  N N   . MET A 1 52  ? -3.430  6.447   -6.222  1.00 11.73 ? 58  MET B N   1 
ATOM   448  C CA  . MET A 1 52  ? -3.746  5.575   -5.068  1.00 10.58 ? 58  MET B CA  1 
ATOM   449  C C   . MET A 1 52  ? -5.027  4.819   -5.298  1.00 11.17 ? 58  MET B C   1 
ATOM   450  O O   . MET A 1 52  ? -5.977  5.221   -6.015  1.00 11.52 ? 58  MET B O   1 
ATOM   451  C CB  . MET A 1 52  ? -3.855  6.431   -3.817  1.00 11.19 ? 58  MET B CB  1 
ATOM   452  C CG  . MET A 1 52  ? -2.550  7.017   -3.402  1.00 11.01 ? 58  MET B CG  1 
ATOM   453  S SD  . MET A 1 52  ? -2.781  8.331   -2.158  1.00 13.01 ? 58  MET B SD  1 
ATOM   454  C CE  . MET A 1 52  ? -1.105  8.850   -1.814  1.00 13.82 ? 58  MET B CE  1 
ATOM   455  N N   . VAL A 1 53  ? -5.131  3.682   -4.599  1.00 10.99 ? 59  VAL B N   1 
ATOM   456  C CA  . VAL A 1 53  ? -6.327  2.806   -4.601  1.00 11.31 ? 59  VAL B CA  1 
ATOM   457  C C   . VAL A 1 53  ? -6.331  2.016   -3.288  1.00 12.28 ? 59  VAL B C   1 
ATOM   458  O O   . VAL A 1 53  ? -5.230  1.732   -2.752  1.00 11.72 ? 59  VAL B O   1 
ATOM   459  C CB  . VAL A 1 53  ? -6.373  1.896   -5.848  1.00 12.13 ? 59  VAL B CB  1 
ATOM   460  C CG1 . VAL A 1 53  ? -5.168  0.978   -5.935  1.00 12.46 ? 59  VAL B CG1 1 
ATOM   461  C CG2 . VAL A 1 53  ? -7.683  1.115   -5.965  1.00 12.16 ? 59  VAL B CG2 1 
ATOM   462  N N   . LEU A 1 54  ? -7.504  1.651   -2.820  1.00 11.76 ? 60  LEU B N   1 
ATOM   463  C CA  . LEU A 1 54  ? -7.651  0.789   -1.626  1.00 11.48 ? 60  LEU B CA  1 
ATOM   464  C C   . LEU A 1 54  ? -8.004  -0.626  -2.003  1.00 12.64 ? 60  LEU B C   1 
ATOM   465  O O   . LEU A 1 54  ? -8.711  -0.919  -3.022  1.00 13.46 ? 60  LEU B O   1 
ATOM   466  C CB  . LEU A 1 54  ? -8.731  1.333   -0.696  1.00 12.23 ? 60  LEU B CB  1 
ATOM   467  C CG  . LEU A 1 54  ? -8.539  2.762   -0.245  1.00 12.75 ? 60  LEU B CG  1 
ATOM   468  C CD1 . LEU A 1 54  ? -9.587  3.233   0.770   1.00 14.99 ? 60  LEU B CD1 1 
ATOM   469  C CD2 . LEU A 1 54  ? -7.137  3.003   0.287   1.00 12.83 ? 60  LEU B CD2 1 
ATOM   470  N N   . GLY A 1 55  ? -7.675  -1.558  -1.109  1.00 12.16 ? 61  GLY B N   1 
ATOM   471  C CA  . GLY A 1 55  ? -8.279  -2.903  -1.121  1.00 12.70 ? 61  GLY B CA  1 
ATOM   472  C C   . GLY A 1 55  ? -9.772  -2.840  -0.765  1.00 12.28 ? 61  GLY B C   1 
ATOM   473  O O   . GLY A 1 55  ? -10.152 -1.979  0.007   1.00 13.34 ? 61  GLY B O   1 
ATOM   474  N N   . ALA A 1 56  ? -10.527 -3.830  -1.200  1.00 14.71 ? 62  ALA B N   1 
ATOM   475  C CA  . ALA A 1 56  ? -11.977 -3.940  -0.897  1.00 16.15 ? 62  ALA B CA  1 
ATOM   476  C C   . ALA A 1 56  ? -12.179 -4.398  0.548   1.00 17.31 ? 62  ALA B C   1 
ATOM   477  O O   . ALA A 1 56  ? -13.201 -4.016  1.173   1.00 20.94 ? 62  ALA B O   1 
ATOM   478  C CB  . ALA A 1 56  ? -12.550 -4.914  -1.874  1.00 18.02 ? 62  ALA B CB  1 
ATOM   479  N N   . GLN A 1 57  ? -11.224 -5.163  1.055   1.00 16.19 ? 63  GLN B N   1 
ATOM   480  C CA  . GLN A 1 57  ? -11.403 -5.784  2.392   1.00 16.43 ? 63  GLN B CA  1 
ATOM   481  C C   . GLN A 1 57  ? -11.267 -4.713  3.469   1.00 17.80 ? 63  GLN B C   1 
ATOM   482  O O   . GLN A 1 57  ? -10.445 -3.766  3.352   1.00 18.49 ? 63  GLN B O   1 
ATOM   483  C CB  . GLN A 1 57  ? -10.370 -6.901  2.573   1.00 19.04 ? 63  GLN B CB  1 
ATOM   484  C CG  . GLN A 1 57  ? -10.611 -8.127  1.706   1.00 20.59 ? 63  GLN B CG  1 
ATOM   485  C CD  . GLN A 1 57  ? -10.355 -7.893  0.226   1.00 21.18 ? 63  GLN B CD  1 
ATOM   486  O OE1 . GLN A 1 57  ? -9.431  -7.176  -0.124  1.00 19.90 ? 63  GLN B OE1 1 
ATOM   487  N NE2 . GLN A 1 57  ? -11.128 -8.480  -0.660  1.00 23.19 ? 63  GLN B NE2 1 
ATOM   488  N N   . ARG A 1 58  ? -12.073 -4.824  4.524   1.00 18.16 ? 64  ARG B N   1 
ATOM   489  C CA  . ARG A 1 58  ? -11.993 -4.000  5.741   1.00 17.79 ? 64  ARG B CA  1 
ATOM   490  C C   . ARG A 1 58  ? -11.679 -4.884  6.946   1.00 16.34 ? 64  ARG B C   1 
ATOM   491  O O   . ARG A 1 58  ? -12.261 -5.984  7.054   1.00 20.06 ? 64  ARG B O   1 
ATOM   492  C CB  . ARG A 1 58  ? -13.337 -3.318  6.070   1.00 22.77 ? 64  ARG B CB  1 
ATOM   493  C CG  . ARG A 1 58  ? -13.758 -2.132  5.200   1.00 31.36 ? 64  ARG B CG  1 
ATOM   494  C CD  . ARG A 1 58  ? -13.607 -2.410  3.722   1.00 33.86 ? 64  ARG B CD  1 
ATOM   495  N NE  . ARG A 1 58  ? -14.383 -1.810  2.631   1.00 38.20 ? 64  ARG B NE  1 
ATOM   496  C CZ  . ARG A 1 58  ? -15.232 -0.786  2.673   1.00 38.02 ? 64  ARG B CZ  1 
ATOM   497  N NH1 . ARG A 1 58  ? -15.819 -0.408  1.550   1.00 41.05 ? 64  ARG B NH1 1 
ATOM   498  N NH2 . ARG A 1 58  ? -15.516 -0.147  3.786   1.00 37.42 ? 64  ARG B NH2 1 
ATOM   499  N N   . PHE A 1 59  ? -10.747 -4.464  7.764   1.00 15.56 ? 65  PHE B N   1 
ATOM   500  C CA  . PHE A 1 59  ? -10.290 -5.274  8.935   1.00 15.53 ? 65  PHE B CA  1 
ATOM   501  C C   . PHE A 1 59  ? -10.484 -4.460  10.203  1.00 14.60 ? 65  PHE B C   1 
ATOM   502  O O   . PHE A 1 59  ? -10.032 -3.323  10.302  1.00 14.62 ? 65  PHE B O   1 
ATOM   503  C CB  . PHE A 1 59  ? -8.790  -5.631  8.766   1.00 17.14 ? 65  PHE B CB  1 
ATOM   504  C CG  . PHE A 1 59  ? -8.477  -6.392  7.491   1.00 19.69 ? 65  PHE B CG  1 
ATOM   505  C CD1 . PHE A 1 59  ? -9.151  -7.581  7.227   1.00 22.53 ? 65  PHE B CD1 1 
ATOM   506  C CD2 . PHE A 1 59  ? -7.565  -5.944  6.570   1.00 27.15 ? 65  PHE B CD2 1 
ATOM   507  C CE1 . PHE A 1 59  ? -8.913  -8.326  6.079   1.00 24.90 ? 65  PHE B CE1 1 
ATOM   508  C CE2 . PHE A 1 59  ? -7.301  -6.707  5.427   1.00 21.74 ? 65  PHE B CE2 1 
ATOM   509  C CZ  . PHE A 1 59  ? -8.004  -7.856  5.171   1.00 23.94 ? 65  PHE B CZ  1 
ATOM   510  N N   A SER A 1 60  ? -11.138 -5.056  11.213  0.25 14.82 ? 66  SER B N   1 
ATOM   511  N N   B SER A 1 60  ? -11.141 -5.062  11.205  0.25 15.21 ? 66  SER B N   1 
ATOM   512  C CA  A SER A 1 60  ? -11.388 -4.403  12.525  0.25 15.14 ? 66  SER B CA  1 
ATOM   513  C CA  B SER A 1 60  ? -11.399 -4.444  12.532  0.25 15.82 ? 66  SER B CA  1 
ATOM   514  C C   A SER A 1 60  ? -10.911 -5.287  13.692  0.25 15.02 ? 66  SER B C   1 
ATOM   515  C C   B SER A 1 60  ? -11.015 -5.399  13.661  0.25 15.78 ? 66  SER B C   1 
ATOM   516  O O   A SER A 1 60  ? -10.950 -4.810  14.847  0.25 14.41 ? 66  SER B O   1 
ATOM   517  O O   B SER A 1 60  ? -11.467 -5.182  14.786  0.25 14.94 ? 66  SER B O   1 
ATOM   518  C CB  A SER A 1 60  ? -12.844 -3.995  12.638  0.25 15.39 ? 66  SER B CB  1 
ATOM   519  C CB  B SER A 1 60  ? -12.838 -4.091  12.666  0.25 16.07 ? 66  SER B CB  1 
ATOM   520  O OG  A SER A 1 60  ? -13.094 -2.815  11.851  0.25 15.98 ? 66  SER B OG  1 
ATOM   521  O OG  B SER A 1 60  ? -13.607 -5.254  12.504  0.25 17.46 ? 66  SER B OG  1 
ATOM   522  N N   A SER A 1 61  ? -10.371 -6.472  13.392  0.25 14.89 ? 67  SER B N   1 
ATOM   523  N N   B SER A 1 61  ? -10.231 -6.427  13.366  0.25 16.52 ? 67  SER B N   1 
ATOM   524  C CA  A SER A 1 61  ? -9.840  -7.426  14.394  0.25 16.21 ? 67  SER B CA  1 
ATOM   525  C CA  B SER A 1 61  ? -9.842  -7.449  14.357  0.25 18.61 ? 67  SER B CA  1 
ATOM   526  C C   A SER A 1 61  ? -8.831  -8.366  13.729  0.25 16.84 ? 67  SER B C   1 
ATOM   527  C C   B SER A 1 61  ? -8.906  -8.463  13.709  0.25 18.14 ? 67  SER B C   1 
ATOM   528  O O   A SER A 1 61  ? -8.753  -8.356  12.504  0.25 16.67 ? 67  SER B O   1 
ATOM   529  O O   B SER A 1 61  ? -8.994  -8.643  12.477  0.25 17.10 ? 67  SER B O   1 
ATOM   530  C CB  A SER A 1 61  ? -10.973 -8.217  15.017  0.25 16.36 ? 67  SER B CB  1 
ATOM   531  C CB  B SER A 1 61  ? -11.072 -8.133  14.903  0.25 20.30 ? 67  SER B CB  1 
ATOM   532  O OG  A SER A 1 61  ? -11.510 -9.140  14.088  0.25 15.91 ? 67  SER B OG  1 
ATOM   533  O OG  B SER A 1 61  ? -10.706 -9.071  15.897  0.25 23.71 ? 67  SER B OG  1 
ATOM   534  N N   . GLY A 1 62  ? -8.107  -9.155  14.524  1.00 18.87 ? 68  GLY B N   1 
ATOM   535  C CA  . GLY A 1 62  ? -7.351  -10.305 14.007  1.00 19.85 ? 68  GLY B CA  1 
ATOM   536  C C   . GLY A 1 62  ? -5.987  -9.950  13.441  1.00 16.36 ? 68  GLY B C   1 
ATOM   537  O O   . GLY A 1 62  ? -5.509  -8.802  13.564  1.00 17.48 ? 68  GLY B O   1 
ATOM   538  N N   . LYS A 1 63  ? -5.415  -10.977 12.864  1.00 16.11 ? 69  LYS B N   1 
ATOM   539  C CA  . LYS A 1 63  ? -4.102  -10.933 12.235  1.00 16.88 ? 69  LYS B CA  1 
ATOM   540  C C   . LYS A 1 63  ? -4.313  -11.212 10.757  1.00 16.76 ? 69  LYS B C   1 
ATOM   541  O O   . LYS A 1 63  ? -4.977  -12.195 10.394  1.00 18.47 ? 69  LYS B O   1 
ATOM   542  C CB  . LYS A 1 63  ? -3.183  -11.957 12.893  1.00 18.40 ? 69  LYS B CB  1 
ATOM   543  C CG  . LYS A 1 63  ? -2.842  -11.686 14.354  1.00 19.50 ? 69  LYS B CG  1 
ATOM   544  C CD  . LYS A 1 63  ? -2.010  -12.822 15.023  1.00 23.01 ? 69  LYS B CD  1 
ATOM   545  C CE  . LYS A 1 63  ? -1.694  -12.555 16.476  1.00 25.80 ? 69  LYS B CE  1 
ATOM   546  N NZ  . LYS A 1 63  ? -0.802  -13.605 17.037  1.00 29.11 ? 69  LYS B NZ  1 
ATOM   547  N N   . MET A 1 64  ? -3.685  -10.402 9.906   1.00 15.19 ? 70  MET B N   1 
ATOM   548  C CA  . MET A 1 64  ? -3.826  -10.466 8.439   1.00 14.91 ? 70  MET B CA  1 
ATOM   549  C C   . MET A 1 64  ? -2.451  -10.334 7.787   1.00 14.39 ? 70  MET B C   1 
ATOM   550  O O   . MET A 1 64  ? -1.642  -9.561  8.269   1.00 15.15 ? 70  MET B O   1 
ATOM   551  C CB  . MET A 1 64  ? -4.626  -9.279  7.934   1.00 16.00 ? 70  MET B CB  1 
ATOM   552  C CG  . MET A 1 64  ? -6.122  -9.287  8.195   1.00 16.79 ? 70  MET B CG  1 
ATOM   553  S SD  . MET A 1 64  ? -6.712  -9.127  9.930   1.00 18.72 ? 70  MET B SD  1 
ATOM   554  C CE  . MET A 1 64  ? -5.991  -7.589  10.453  1.00 18.70 ? 70  MET B CE  1 
ATOM   555  N N   . TYR A 1 65  ? -2.222  -10.999 6.685   1.00 14.22 ? 71  TYR B N   1 
ATOM   556  C CA  . TYR A 1 65  ? -0.914  -10.978 5.977   1.00 14.49 ? 71  TYR B CA  1 
ATOM   557  C C   . TYR A 1 65  ? -1.204  -11.026 4.485   1.00 15.47 ? 71  TYR B C   1 
ATOM   558  O O   . TYR A 1 65  ? -2.048  -11.859 4.021   1.00 15.54 ? 71  TYR B O   1 
ATOM   559  C CB  . TYR A 1 65  ? -0.043  -12.162 6.391   1.00 16.26 ? 71  TYR B CB  1 
ATOM   560  C CG  . TYR A 1 65  ? 1.287   -12.240 5.692   1.00 15.13 ? 71  TYR B CG  1 
ATOM   561  C CD1 . TYR A 1 65  ? 2.333   -11.402 6.046   1.00 14.90 ? 71  TYR B CD1 1 
ATOM   562  C CD2 . TYR A 1 65  ? 1.470   -13.080 4.587   1.00 15.58 ? 71  TYR B CD2 1 
ATOM   563  C CE1 . TYR A 1 65  ? 3.562   -11.442 5.375   1.00 15.97 ? 71  TYR B CE1 1 
ATOM   564  C CE2 . TYR A 1 65  ? 2.675   -13.111 3.906   1.00 15.71 ? 71  TYR B CE2 1 
ATOM   565  C CZ  . TYR A 1 65  ? 3.715   -12.305 4.295   1.00 14.92 ? 71  TYR B CZ  1 
ATOM   566  O OH  . TYR A 1 65  ? 4.913   -12.335 3.636   1.00 17.60 ? 71  TYR B OH  1 
ATOM   567  N N   . TRP A 1 66  ? -0.532  -10.192 3.701   1.00 12.56 ? 72  TRP B N   1 
ATOM   568  C CA  . TRP A 1 66  ? -0.577  -10.306 2.227   1.00 13.15 ? 72  TRP B CA  1 
ATOM   569  C C   . TRP A 1 66  ? 0.783   -9.895  1.645   1.00 14.02 ? 72  TRP B C   1 
ATOM   570  O O   . TRP A 1 66  ? 1.594   -9.289  2.345   1.00 14.01 ? 72  TRP B O   1 
ATOM   571  C CB  . TRP A 1 66  ? -1.768  -9.532  1.618   1.00 12.66 ? 72  TRP B CB  1 
ATOM   572  C CG  . TRP A 1 66  ? -1.767  -8.059  1.836   1.00 12.56 ? 72  TRP B CG  1 
ATOM   573  C CD1 . TRP A 1 66  ? -1.342  -7.088  0.963   1.00 12.60 ? 72  TRP B CD1 1 
ATOM   574  C CD2 . TRP A 1 66  ? -2.254  -7.335  2.968   1.00 13.43 ? 72  TRP B CD2 1 
ATOM   575  N NE1 . TRP A 1 66  ? -1.513  -5.838  1.504   1.00 12.88 ? 72  TRP B NE1 1 
ATOM   576  C CE2 . TRP A 1 66  ? -2.084  -5.954  2.738   1.00 13.42 ? 72  TRP B CE2 1 
ATOM   577  C CE3 . TRP A 1 66  ? -2.833  -7.739  4.185   1.00 15.37 ? 72  TRP B CE3 1 
ATOM   578  C CZ2 . TRP A 1 66  ? -2.473  -4.976  3.639   1.00 13.77 ? 72  TRP B CZ2 1 
ATOM   579  C CZ3 . TRP A 1 66  ? -3.248  -6.775  5.079   1.00 16.81 ? 72  TRP B CZ3 1 
ATOM   580  C CH2 . TRP A 1 66  ? -3.030  -5.419  4.825   1.00 15.29 ? 72  TRP B CH2 1 
ATOM   581  N N   . GLU A 1 67  ? 0.993   -10.167 0.351   1.00 12.69 ? 73  GLU B N   1 
ATOM   582  C CA  . GLU A 1 67  ? 2.260   -9.875  -0.354  1.00 12.50 ? 73  GLU B CA  1 
ATOM   583  C C   . GLU A 1 67  ? 1.993   -9.121  -1.645  1.00 12.12 ? 73  GLU B C   1 
ATOM   584  O O   . GLU A 1 67  ? 0.969   -9.359  -2.292  1.00 13.05 ? 73  GLU B O   1 
ATOM   585  C CB  . GLU A 1 67  ? 3.045   -11.155 -0.659  1.00 14.33 ? 73  GLU B CB  1 
ATOM   586  C CG  . GLU A 1 67  ? 3.560   -11.801 0.630   1.00 16.78 ? 73  GLU B CG  1 
ATOM   587  C CD  . GLU A 1 67  ? 4.338   -13.081 0.422   1.00 20.66 ? 73  GLU B CD  1 
ATOM   588  O OE1 . GLU A 1 67  ? 4.416   -13.534 -0.769  1.00 24.20 ? 73  GLU B OE1 1 
ATOM   589  O OE2 . GLU A 1 67  ? 4.885   -13.641 1.452   1.00 18.97 ? 73  GLU B OE2 1 
ATOM   590  N N   . VAL A 1 68  ? 2.864   -8.180  -1.945  1.00 12.81 ? 74  VAL B N   1 
ATOM   591  C CA  . VAL A 1 68  ? 2.753   -7.336  -3.136  1.00 12.13 ? 74  VAL B CA  1 
ATOM   592  C C   . VAL A 1 68  ? 4.050   -7.395  -3.921  1.00 11.72 ? 74  VAL B C   1 
ATOM   593  O O   . VAL A 1 68  ? 5.142   -7.193  -3.367  1.00 13.51 ? 74  VAL B O   1 
ATOM   594  C CB  . VAL A 1 68  ? 2.427   -5.887  -2.766  1.00 11.97 ? 74  VAL B CB  1 
ATOM   595  C CG1 . VAL A 1 68  ? 2.213   -5.090  -4.028  1.00 13.40 ? 74  VAL B CG1 1 
ATOM   596  C CG2 . VAL A 1 68  ? 1.265   -5.799  -1.791  1.00 13.68 ? 74  VAL B CG2 1 
ATOM   597  N N   . ASP A 1 69  ? 3.931   -7.572  -5.246  1.00 12.51 ? 75  ASP B N   1 
ATOM   598  C CA  . ASP A 1 69  ? 5.068   -7.542  -6.191  1.00 14.11 ? 75  ASP B CA  1 
ATOM   599  C C   . ASP A 1 69  ? 5.307   -6.115  -6.657  1.00 12.37 ? 75  ASP B C   1 
ATOM   600  O O   . ASP A 1 69  ? 4.322   -5.441  -7.120  1.00 13.03 ? 75  ASP B O   1 
ATOM   601  C CB  . ASP A 1 69  ? 4.796   -8.456  -7.401  1.00 16.03 ? 75  ASP B CB  1 
ATOM   602  C CG  . ASP A 1 69  ? 6.053   -8.738  -8.225  1.00 18.03 ? 75  ASP B CG  1 
ATOM   603  O OD1 . ASP A 1 69  ? 6.631   -7.827  -8.764  1.00 18.12 ? 75  ASP B OD1 1 
ATOM   604  O OD2 . ASP A 1 69  ? 6.559   -9.884  -8.155  1.00 23.60 ? 75  ASP B OD2 1 
ATOM   605  N N   . VAL A 1 70  ? 6.537   -5.656  -6.499  1.00 12.65 ? 76  VAL B N   1 
ATOM   606  C CA  . VAL A 1 70  ? 6.995   -4.295  -6.876  1.00 13.09 ? 76  VAL B CA  1 
ATOM   607  C C   . VAL A 1 70  ? 8.114   -4.318  -7.938  1.00 13.83 ? 76  VAL B C   1 
ATOM   608  O O   . VAL A 1 70  ? 8.820   -3.330  -8.105  1.00 14.40 ? 76  VAL B O   1 
ATOM   609  C CB  . VAL A 1 70  ? 7.426   -3.510  -5.604  1.00 12.77 ? 76  VAL B CB  1 
ATOM   610  C CG1 . VAL A 1 70  ? 6.240   -3.332  -4.603  1.00 12.69 ? 76  VAL B CG1 1 
ATOM   611  C CG2 . VAL A 1 70  ? 8.622   -4.091  -4.888  1.00 13.44 ? 76  VAL B CG2 1 
ATOM   612  N N   . THR A 1 71  ? 8.296   -5.456  -8.585  1.00 14.03 ? 77  THR B N   1 
ATOM   613  C CA  . THR A 1 71  ? 9.383   -5.654  -9.568  1.00 15.66 ? 77  THR B CA  1 
ATOM   614  C C   . THR A 1 71  ? 9.438   -4.485  -10.566 1.00 15.91 ? 77  THR B C   1 
ATOM   615  O O   . THR A 1 71  ? 8.403   -4.099  -11.149 1.00 15.82 ? 77  THR B O   1 
ATOM   616  C CB  . THR A 1 71  ? 9.182   -6.958  -10.334 1.00 16.04 ? 77  THR B CB  1 
ATOM   617  O OG1 . THR A 1 71  ? 9.206   -8.065  -9.427  1.00 19.12 ? 77  THR B OG1 1 
ATOM   618  C CG2 . THR A 1 71  ? 10.270  -7.070  -11.387 1.00 20.25 ? 77  THR B CG2 1 
ATOM   619  N N   . GLN A 1 72  ? 10.657  -3.983  -10.742 1.00 18.32 ? 78  GLN B N   1 
ATOM   620  C CA  . GLN A 1 72  ? 11.114  -2.944  -11.715 1.00 21.00 ? 78  GLN B CA  1 
ATOM   621  C C   . GLN A 1 72  ? 10.447  -1.590  -11.500 1.00 21.97 ? 78  GLN B C   1 
ATOM   622  O O   . GLN A 1 72  ? 10.616  -0.699  -12.345 1.00 25.80 ? 78  GLN B O   1 
ATOM   623  C CB  . GLN A 1 72  ? 10.975  -3.407  -13.167 1.00 29.41 ? 78  GLN B CB  1 
ATOM   624  C CG  . GLN A 1 72  ? 9.552   -3.640  -13.648 1.00 37.68 ? 78  GLN B CG  1 
ATOM   625  C CD  . GLN A 1 72  ? 9.341   -3.347  -15.121 1.00 41.93 ? 78  GLN B CD  1 
ATOM   626  O OE1 . GLN A 1 72  ? 8.710   -4.124  -15.840 1.00 48.72 ? 78  GLN B OE1 1 
ATOM   627  N NE2 . GLN A 1 72  ? 9.772   -2.168  -15.551 1.00 47.48 ? 78  GLN B NE2 1 
ATOM   628  N N   . LYS A 1 73  ? 9.754   -1.349  -10.397 1.00 15.24 ? 79  LYS B N   1 
ATOM   629  C CA  . LYS A 1 73  ? 9.244   0.003   -10.133 1.00 13.73 ? 79  LYS B CA  1 
ATOM   630  C C   . LYS A 1 73  ? 10.273  0.936   -9.501  1.00 13.16 ? 79  LYS B C   1 
ATOM   631  O O   . LYS A 1 73  ? 11.139  0.462   -8.688  1.00 15.34 ? 79  LYS B O   1 
ATOM   632  C CB  . LYS A 1 73  ? 8.019   -0.104  -9.225  1.00 13.33 ? 79  LYS B CB  1 
ATOM   633  C CG  . LYS A 1 73  ? 6.818   -0.756  -9.946  1.00 14.49 ? 79  LYS B CG  1 
ATOM   634  C CD  . LYS A 1 73  ? 5.503   -0.647  -9.237  1.00 15.62 ? 79  LYS B CD  1 
ATOM   635  C CE  . LYS A 1 73  ? 4.946   0.758   -9.123  1.00 14.19 ? 79  LYS B CE  1 
ATOM   636  N NZ  . LYS A 1 73  ? 4.826   1.449   -10.448 1.00 12.84 ? 79  LYS B NZ  1 
ATOM   637  N N   . GLU A 1 74  ? 10.211  2.206   -9.842  1.00 12.19 ? 80  GLU B N   1 
ATOM   638  C CA  . GLU A 1 74  ? 11.066  3.254   -9.279  1.00 12.02 ? 80  GLU B CA  1 
ATOM   639  C C   . GLU A 1 74  ? 10.436  3.947   -8.071  1.00 12.35 ? 80  GLU B C   1 
ATOM   640  O O   . GLU A 1 74  ? 11.098  4.656   -7.349  1.00 13.05 ? 80  GLU B O   1 
ATOM   641  C CB  . GLU A 1 74  ? 11.382  4.337   -10.332 1.00 13.38 ? 80  GLU B CB  1 
ATOM   642  C CG  . GLU A 1 74  ? 12.108  3.834   -11.570 1.00 14.62 ? 80  GLU B CG  1 
ATOM   643  C CD  . GLU A 1 74  ? 12.254  4.933   -12.631 1.00 15.44 ? 80  GLU B CD  1 
ATOM   644  O OE1 . GLU A 1 74  ? 13.103  4.725   -13.525 1.00 19.10 ? 80  GLU B OE1 1 
ATOM   645  O OE2 . GLU A 1 74  ? 11.535  5.957   -12.558 1.00 16.97 ? 80  GLU B OE2 1 
ATOM   646  N N   . ALA A 1 75  ? 9.101   3.921   -7.949  1.00 11.48 ? 81  ALA B N   1 
ATOM   647  C CA  . ALA A 1 75  ? 8.391   4.649   -6.893  1.00 11.51 ? 81  ALA B CA  1 
ATOM   648  C C   . ALA A 1 75  ? 7.066   3.947   -6.618  1.00 12.66 ? 81  ALA B C   1 
ATOM   649  O O   . ALA A 1 75  ? 6.374   3.507   -7.555  1.00 12.01 ? 81  ALA B O   1 
ATOM   650  C CB  . ALA A 1 75  ? 8.156   6.080   -7.308  1.00 12.61 ? 81  ALA B CB  1 
ATOM   651  N N   . TRP A 1 76  ? 6.714   3.878   -5.326  1.00 11.30 ? 82  TRP B N   1 
ATOM   652  C CA  . TRP A 1 76  ? 5.432   3.271   -4.855  1.00 11.16 ? 82  TRP B CA  1 
ATOM   653  C C   . TRP A 1 76  ? 5.300   3.530   -3.367  1.00 11.44 ? 82  TRP B C   1 
ATOM   654  O O   . TRP A 1 76  ? 6.310   3.790   -2.711  1.00 11.87 ? 82  TRP B O   1 
ATOM   655  C CB  . TRP A 1 76  ? 5.391   1.757   -5.152  1.00 12.12 ? 82  TRP B CB  1 
ATOM   656  C CG  . TRP A 1 76  ? 6.581   0.955   -4.745  1.00 11.72 ? 82  TRP B CG  1 
ATOM   657  C CD1 . TRP A 1 76  ? 7.611   0.550   -5.524  1.00 13.02 ? 82  TRP B CD1 1 
ATOM   658  C CD2 . TRP A 1 76  ? 6.955   0.477   -3.423  1.00 11.79 ? 82  TRP B CD2 1 
ATOM   659  N NE1 . TRP A 1 76  ? 8.552   -0.145  -4.850  1.00 12.66 ? 82  TRP B NE1 1 
ATOM   660  C CE2 . TRP A 1 76  ? 8.195   -0.171  -3.513  1.00 12.83 ? 82  TRP B CE2 1 
ATOM   661  C CE3 . TRP A 1 76  ? 6.380   0.589   -2.131  1.00 12.60 ? 82  TRP B CE3 1 
ATOM   662  C CZ2 . TRP A 1 76  ? 8.820   -0.815  -2.461  1.00 12.21 ? 82  TRP B CZ2 1 
ATOM   663  C CZ3 . TRP A 1 76  ? 7.019   -0.011  -1.058  1.00 12.60 ? 82  TRP B CZ3 1 
ATOM   664  C CH2 . TRP A 1 76  ? 8.228   -0.703  -1.231  1.00 13.10 ? 82  TRP B CH2 1 
ATOM   665  N N   . ASP A 1 77  ? 4.068   3.446   -2.896  1.00 11.17 ? 83  ASP B N   1 
ATOM   666  C CA  . ASP A 1 77  ? 3.776   3.425   -1.432  1.00 11.55 ? 83  ASP B CA  1 
ATOM   667  C C   . ASP A 1 77  ? 2.956   2.157   -1.153  1.00 11.44 ? 83  ASP B C   1 
ATOM   668  O O   . ASP A 1 77  ? 2.052   1.855   -1.968  1.00 11.14 ? 83  ASP B O   1 
ATOM   669  C CB  . ASP A 1 77  ? 2.974   4.627   -0.956  1.00 12.86 ? 83  ASP B CB  1 
ATOM   670  C CG  . ASP A 1 77  ? 3.377   6.005   -1.443  1.00 14.14 ? 83  ASP B CG  1 
ATOM   671  O OD1 . ASP A 1 77  ? 4.556   6.206   -1.564  1.00 17.60 ? 83  ASP B OD1 1 
ATOM   672  O OD2 . ASP A 1 77  ? 2.461   6.859   -1.656  1.00 16.78 ? 83  ASP B OD2 1 
ATOM   673  N N   . LEU A 1 78  ? 3.128   1.491   -0.017  1.00 10.22 ? 84  LEU B N   1 
ATOM   674  C CA  . LEU A 1 78  ? 2.367   0.299   0.391   1.00 10.40 ? 84  LEU B CA  1 
ATOM   675  C C   . LEU A 1 78  ? 2.094   0.368   1.883   1.00 10.59 ? 84  LEU B C   1 
ATOM   676  O O   . LEU A 1 78  ? 2.948   0.784   2.668   1.00 10.65 ? 84  LEU B O   1 
ATOM   677  C CB  . LEU A 1 78  ? 3.125   -0.979  0.083   1.00 10.59 ? 84  LEU B CB  1 
ATOM   678  C CG  . LEU A 1 78  ? 3.242   -1.403  -1.369  1.00 12.45 ? 84  LEU B CG  1 
ATOM   679  C CD1 . LEU A 1 78  ? 4.168   -2.608  -1.461  1.00 13.20 ? 84  LEU B CD1 1 
ATOM   680  C CD2 . LEU A 1 78  ? 1.888   -1.666  -1.972  1.00 12.61 ? 84  LEU B CD2 1 
ATOM   681  N N   . GLY A 1 79  ? 0.915   -0.141  2.258   1.00 9.59  ? 85  GLY B N   1 
ATOM   682  C CA  . GLY A 1 79  ? 0.646   -0.435  3.675   1.00 10.65 ? 85  GLY B CA  1 
ATOM   683  C C   . GLY A 1 79  ? -0.841  -0.589  3.898   1.00 9.34  ? 85  GLY B C   1 
ATOM   684  O O   . GLY A 1 79  ? -1.508  -1.298  3.168   1.00 10.12 ? 85  GLY B O   1 
ATOM   685  N N   A VAL A 1 80  ? -1.308  0.007   4.994   0.25 9.81  ? 86  VAL B N   1 
ATOM   686  N N   B VAL A 1 80  ? -1.327  0.062   4.938   0.25 10.30 ? 86  VAL B N   1 
ATOM   687  C CA  A VAL A 1 80  ? -2.751  0.071   5.362   0.25 9.82  ? 86  VAL B CA  1 
ATOM   688  C CA  B VAL A 1 80  ? -2.751  -0.034  5.346   0.25 10.61 ? 86  VAL B CA  1 
ATOM   689  C C   A VAL A 1 80  ? -3.122  1.500   5.723   0.25 10.33 ? 86  VAL B C   1 
ATOM   690  C C   B VAL A 1 80  ? -3.146  1.365   5.839   0.25 10.87 ? 86  VAL B C   1 
ATOM   691  O O   A VAL A 1 80  ? -2.264  2.337   6.059   0.25 10.90 ? 86  VAL B O   1 
ATOM   692  O O   B VAL A 1 80  ? -2.270  2.099   6.290   0.25 11.67 ? 86  VAL B O   1 
ATOM   693  C CB  A VAL A 1 80  ? -3.118  -0.833  6.554   0.25 10.40 ? 86  VAL B CB  1 
ATOM   694  C CB  B VAL A 1 80  ? -2.891  -1.156  6.400   0.25 11.94 ? 86  VAL B CB  1 
ATOM   695  C CG1 A VAL A 1 80  ? -2.997  -2.279  6.154   0.25 10.30 ? 86  VAL B CG1 1 
ATOM   696  C CG1 B VAL A 1 80  ? -2.237  -0.763  7.714   0.25 11.85 ? 86  VAL B CG1 1 
ATOM   697  C CG2 A VAL A 1 80  ? -2.278  -0.535  7.786   0.25 10.31 ? 86  VAL B CG2 1 
ATOM   698  C CG2 B VAL A 1 80  ? -4.327  -1.590  6.602   0.25 12.87 ? 86  VAL B CG2 1 
ATOM   699  N N   . CYS A 1 81  ? -4.421  1.744   5.705   1.00 10.56 ? 87  CYS B N   1 
ATOM   700  C CA  . CYS A 1 81  ? -4.918  3.041   6.154   1.00 11.73 ? 87  CYS B CA  1 
ATOM   701  C C   . CYS A 1 81  ? -6.320  2.894   6.752   1.00 11.60 ? 87  CYS B C   1 
ATOM   702  O O   . CYS A 1 81  ? -7.025  1.895   6.514   1.00 11.68 ? 87  CYS B O   1 
ATOM   703  C CB  . CYS A 1 81  ? -4.944  4.058   5.015   1.00 12.86 ? 87  CYS B CB  1 
ATOM   704  S SG  . CYS A 1 81  ? -6.095  3.667   3.668   1.00 13.20 ? 87  CYS B SG  1 
ATOM   705  N N   A ARG A 1 82  ? -6.704  3.902   7.507   0.25 11.72 ? 88  ARG B N   1 
ATOM   706  N N   B ARG A 1 82  ? -6.704  3.887   7.537   0.25 11.49 ? 88  ARG B N   1 
ATOM   707  C CA  A ARG A 1 82  ? -8.104  3.991   7.975   0.25 12.33 ? 88  ARG B CA  1 
ATOM   708  C CA  B ARG A 1 82  ? -8.086  3.978   8.083   0.25 11.95 ? 88  ARG B CA  1 
ATOM   709  C C   A ARG A 1 82  ? -9.069  4.024   6.793   0.25 12.08 ? 88  ARG B C   1 
ATOM   710  C C   B ARG A 1 82  ? -9.091  4.173   6.930   0.25 11.98 ? 88  ARG B C   1 
ATOM   711  O O   A ARG A 1 82  ? -8.784  4.579   5.741   0.25 11.44 ? 88  ARG B O   1 
ATOM   712  O O   B ARG A 1 82  ? -8.808  5.012   6.008   0.25 11.52 ? 88  ARG B O   1 
ATOM   713  C CB  A ARG A 1 82  ? -8.311  5.251   8.805   0.25 13.17 ? 88  ARG B CB  1 
ATOM   714  C CB  B ARG A 1 82  ? -8.136  5.121   9.105   0.25 12.43 ? 88  ARG B CB  1 
ATOM   715  C CG  A ARG A 1 82  ? -7.506  5.224   10.085  0.25 13.86 ? 88  ARG B CG  1 
ATOM   716  C CG  B ARG A 1 82  ? -9.384  5.133   9.979   0.25 12.68 ? 88  ARG B CG  1 
ATOM   717  C CD  A ARG A 1 82  ? -7.783  6.429   10.949  0.25 15.38 ? 88  ARG B CD  1 
ATOM   718  C CD  B ARG A 1 82  ? -9.449  6.315   10.921  0.25 13.29 ? 88  ARG B CD  1 
ATOM   719  N NE  A ARG A 1 82  ? -6.888  6.459   12.098  0.25 14.42 ? 88  ARG B NE  1 
ATOM   720  N NE  B ARG A 1 82  ? -8.288  6.340   11.787  0.25 13.37 ? 88  ARG B NE  1 
ATOM   721  C CZ  A ARG A 1 82  ? -6.347  7.563   12.573  0.25 15.05 ? 88  ARG B CZ  1 
ATOM   722  C CZ  B ARG A 1 82  ? -7.431  7.363   11.888  0.25 13.31 ? 88  ARG B CZ  1 
ATOM   723  N NH1 A ARG A 1 82  ? -6.593  8.720   11.989  0.25 15.39 ? 88  ARG B NH1 1 
ATOM   724  N NH1 B ARG A 1 82  ? -7.640  8.486   11.236  0.25 14.69 ? 88  ARG B NH1 1 
ATOM   725  N NH2 A ARG A 1 82  ? -5.550  7.493   13.620  0.25 16.66 ? 88  ARG B NH2 1 
ATOM   726  N NH2 B ARG A 1 82  ? -6.380  7.271   12.679  0.25 13.32 ? 88  ARG B NH2 1 
ATOM   727  N N   . ASP A 1 83  ? -10.257 3.492   6.991   1.00 13.04 ? 89  ASP B N   1 
ATOM   728  C CA  . ASP A 1 83  ? -11.305 3.609   5.959   1.00 14.54 ? 89  ASP B CA  1 
ATOM   729  C C   . ASP A 1 83  ? -11.636 5.083   5.758   1.00 15.25 ? 89  ASP B C   1 
ATOM   730  O O   . ASP A 1 83  ? -12.091 5.424   4.627   1.00 18.10 ? 89  ASP B O   1 
ATOM   731  C CB  . ASP A 1 83  ? -12.528 2.791   6.379   1.00 16.92 ? 89  ASP B CB  1 
ATOM   732  C CG  . ASP A 1 83  ? -13.195 3.167   7.665   1.00 20.17 ? 89  ASP B CG  1 
ATOM   733  O OD1 . ASP A 1 83  ? -12.707 4.038   8.412   1.00 23.28 ? 89  ASP B OD1 1 
ATOM   734  O OD2 . ASP A 1 83  ? -14.314 2.604   7.875   1.00 24.19 ? 89  ASP B OD2 1 
ATOM   735  N N   . SER A 1 84  ? -11.499 5.938   6.763   1.00 13.66 ? 90  SER B N   1 
ATOM   736  C CA  . SER A 1 84  ? -11.952 7.343   6.691   1.00 16.64 ? 90  SER B CA  1 
ATOM   737  C C   . SER A 1 84  ? -10.865 8.349   6.260   1.00 14.72 ? 90  SER B C   1 
ATOM   738  O O   . SER A 1 84  ? -11.020 9.545   6.465   1.00 16.04 ? 90  SER B O   1 
ATOM   739  C CB  . SER A 1 84  ? -12.555 7.715   8.029   1.00 18.87 ? 90  SER B CB  1 
ATOM   740  O OG  . SER A 1 84  ? -11.637 7.584   9.033   1.00 19.50 ? 90  SER B OG  1 
ATOM   741  N N   . VAL A 1 85  ? -9.716  7.878   5.742   1.00 13.61 ? 91  VAL B N   1 
ATOM   742  C CA  . VAL A 1 85  ? -8.699  8.835   5.274   1.00 13.73 ? 91  VAL B CA  1 
ATOM   743  C C   . VAL A 1 85  ? -9.290  9.785   4.228   1.00 13.96 ? 91  VAL B C   1 
ATOM   744  O O   . VAL A 1 85  ? -10.150 9.390   3.419   1.00 14.55 ? 91  VAL B O   1 
ATOM   745  C CB  . VAL A 1 85  ? -7.411  8.163   4.748   1.00 13.24 ? 91  VAL B CB  1 
ATOM   746  C CG1 . VAL A 1 85  ? -6.684  7.436   5.876   1.00 13.00 ? 91  VAL B CG1 1 
ATOM   747  C CG2 . VAL A 1 85  ? -7.628  7.294   3.543   1.00 13.25 ? 91  VAL B CG2 1 
ATOM   748  N N   . GLN A 1 86  ? -8.735  10.980  4.257   1.00 15.08 ? 92  GLN B N   1 
ATOM   749  C CA  . GLN A 1 86  ? -8.971  12.020  3.215   1.00 15.85 ? 92  GLN B CA  1 
ATOM   750  C C   . GLN A 1 86  ? -8.682  11.435  1.824   1.00 15.91 ? 92  GLN B C   1 
ATOM   751  O O   . GLN A 1 86  ? -7.647  10.809  1.643   1.00 16.45 ? 92  GLN B O   1 
ATOM   752  C CB  . GLN A 1 86  ? -8.062  13.205  3.549   1.00 19.06 ? 92  GLN B CB  1 
ATOM   753  C CG  . GLN A 1 86  ? -8.054  14.378  2.564   1.00 22.66 ? 92  GLN B CG  1 
ATOM   754  C CD  . GLN A 1 86  ? -6.980  15.389  2.936   1.00 25.84 ? 92  GLN B CD  1 
ATOM   755  O OE1 . GLN A 1 86  ? -6.382  15.379  4.038   1.00 26.53 ? 92  GLN B OE1 1 
ATOM   756  N NE2 . GLN A 1 86  ? -6.672  16.305  2.011   1.00 27.13 ? 92  GLN B NE2 1 
ATOM   757  N N   . ARG A 1 87  ? -9.515  11.767  0.853   1.00 15.02 ? 93  ARG B N   1 
ATOM   758  C CA  . ARG A 1 87  ? -9.393  11.287  -0.553  1.00 13.83 ? 93  ARG B CA  1 
ATOM   759  C C   . ARG A 1 87  ? -8.980  12.457  -1.458  1.00 15.32 ? 93  ARG B C   1 
ATOM   760  O O   . ARG A 1 87  ? -8.364  12.177  -2.502  1.00 15.56 ? 93  ARG B O   1 
ATOM   761  C CB  . ARG A 1 87  ? -10.663 10.662  -1.099  1.00 15.66 ? 93  ARG B CB  1 
ATOM   762  C CG  . ARG A 1 87  ? -11.227 9.547   -0.236  1.00 14.09 ? 93  ARG B CG  1 
ATOM   763  C CD  . ARG A 1 87  ? -10.223 8.417   0.068   1.00 14.68 ? 93  ARG B CD  1 
ATOM   764  N NE  . ARG A 1 87  ? -10.782 7.504   1.098   1.00 15.75 ? 93  ARG B NE  1 
ATOM   765  C CZ  . ARG A 1 87  ? -11.599 6.504   0.863   1.00 15.26 ? 93  ARG B CZ  1 
ATOM   766  N NH1 . ARG A 1 87  ? -11.957 6.212   -0.362  1.00 17.65 ? 93  ARG B NH1 1 
ATOM   767  N NH2 . ARG A 1 87  ? -12.094 5.807   1.860   1.00 18.18 ? 93  ARG B NH2 1 
ATOM   768  N N   . LYS A 1 88  ? -9.371  13.700  -1.146  1.00 15.31 ? 94  LYS B N   1 
ATOM   769  C CA  . LYS A 1 88  ? -9.242  14.850  -2.081  1.00 15.65 ? 94  LYS B CA  1 
ATOM   770  C C   . LYS A 1 88  ? -8.159  15.788  -1.632  1.00 17.56 ? 94  LYS B C   1 
ATOM   771  O O   . LYS A 1 88  ? -8.038  16.035  -0.420  1.00 19.36 ? 94  LYS B O   1 
ATOM   772  C CB  . LYS A 1 88  ? -10.588 15.557  -2.215  1.00 16.52 ? 94  LYS B CB  1 
ATOM   773  C CG  . LYS A 1 88  ? -11.756 14.673  -2.541  1.00 17.81 ? 94  LYS B CG  1 
ATOM   774  C CD  . LYS A 1 88  ? -11.619 13.851  -3.838  1.00 18.47 ? 94  LYS B CD  1 
ATOM   775  C CE  . LYS A 1 88  ? -12.870 13.076  -4.119  1.00 19.05 ? 94  LYS B CE  1 
ATOM   776  N NZ  . LYS A 1 88  ? -12.788 12.245  -5.348  1.00 19.73 ? 94  LYS B NZ  1 
ATOM   777  N N   . GLY A 1 89  ? -7.438  16.382  -2.567  1.00 18.08 ? 95  GLY B N   1 
ATOM   778  C CA  . GLY A 1 89  ? -6.405  17.358  -2.235  1.00 18.35 ? 95  GLY B CA  1 
ATOM   779  C C   . GLY A 1 89  ? -5.081  16.762  -1.810  1.00 20.19 ? 95  GLY B C   1 
ATOM   780  O O   . GLY A 1 89  ? -4.895  15.492  -1.943  1.00 19.05 ? 95  GLY B O   1 
ATOM   781  N N   . GLN A 1 90  ? -4.225  17.614  -1.271  1.00 20.42 ? 96  GLN B N   1 
ATOM   782  C CA  . GLN A 1 90  ? -2.873  17.254  -0.834  1.00 21.70 ? 96  GLN B CA  1 
ATOM   783  C C   . GLN A 1 90  ? -2.882  16.804  0.625   1.00 20.97 ? 96  GLN B C   1 
ATOM   784  O O   . GLN A 1 90  ? -3.684  17.307  1.438   1.00 21.53 ? 96  GLN B O   1 
ATOM   785  C CB  . GLN A 1 90  ? -1.942  18.449  -1.065  1.00 26.33 ? 96  GLN B CB  1 
ATOM   786  C CG  . GLN A 1 90  ? -1.774  18.724  -2.544  1.00 33.91 ? 96  GLN B CG  1 
ATOM   787  C CD  . GLN A 1 90  ? -1.133  20.051  -2.823  1.00 42.85 ? 96  GLN B CD  1 
ATOM   788  O OE1 . GLN A 1 90  ? 0.036   20.110  -3.200  1.00 54.86 ? 96  GLN B OE1 1 
ATOM   789  N NE2 . GLN A 1 90  ? -1.904  21.114  -2.623  1.00 47.79 ? 96  GLN B NE2 1 
ATOM   790  N N   . PHE A 1 91  ? -2.082  15.784  0.915   1.00 17.79 ? 97  PHE B N   1 
ATOM   791  C CA  . PHE A 1 91  ? -1.869  15.294  2.295   1.00 17.93 ? 97  PHE B CA  1 
ATOM   792  C C   . PHE A 1 91  ? -0.583  14.481  2.369   1.00 17.45 ? 97  PHE B C   1 
ATOM   793  O O   . PHE A 1 91  ? -0.084  13.966  1.353   1.00 18.91 ? 97  PHE B O   1 
ATOM   794  C CB  . PHE A 1 91  ? -3.040  14.432  2.756   1.00 17.64 ? 97  PHE B CB  1 
ATOM   795  C CG  . PHE A 1 91  ? -3.343  13.276  1.842   1.00 17.29 ? 97  PHE B CG  1 
ATOM   796  C CD1 . PHE A 1 91  ? -2.684  12.062  1.998   1.00 18.20 ? 97  PHE B CD1 1 
ATOM   797  C CD2 . PHE A 1 91  ? -4.334  13.367  0.879   1.00 17.12 ? 97  PHE B CD2 1 
ATOM   798  C CE1 . PHE A 1 91  ? -3.008  10.977  1.202   1.00 16.94 ? 97  PHE B CE1 1 
ATOM   799  C CE2 . PHE A 1 91  ? -4.649  12.288  0.068   1.00 16.75 ? 97  PHE B CE2 1 
ATOM   800  C CZ  . PHE A 1 91  ? -3.986  11.090  0.241   1.00 17.34 ? 97  PHE B CZ  1 
ATOM   801  N N   A SER A 1 92  ? -0.010  14.376  3.564   0.25 18.13 ? 98  SER B N   1 
ATOM   802  N N   B SER A 1 92  ? -0.066  14.362  3.592   0.25 17.25 ? 98  SER B N   1 
ATOM   803  C CA  A SER A 1 92  ? 1.171   13.516  3.812   0.25 18.35 ? 98  SER B CA  1 
ATOM   804  C CA  B SER A 1 92  ? 1.124   13.550  3.938   0.25 16.98 ? 98  SER B CA  1 
ATOM   805  C C   A SER A 1 92  ? 0.704   12.162  4.348   0.25 16.65 ? 98  SER B C   1 
ATOM   806  C C   B SER A 1 92  ? 0.679   12.148  4.369   0.25 15.73 ? 98  SER B C   1 
ATOM   807  O O   A SER A 1 92  ? -0.341  12.085  5.030   0.25 16.96 ? 98  SER B O   1 
ATOM   808  O O   B SER A 1 92  ? -0.411  12.013  4.985   0.25 15.74 ? 98  SER B O   1 
ATOM   809  C CB  A SER A 1 92  ? 2.136   14.143  4.764   0.25 21.04 ? 98  SER B CB  1 
ATOM   810  C CB  B SER A 1 92  ? 1.938   14.221  5.020   0.25 18.05 ? 98  SER B CB  1 
ATOM   811  O OG  A SER A 1 92  ? 1.444   14.554  5.924   0.25 24.30 ? 98  SER B OG  1 
ATOM   812  O OG  B SER A 1 92  ? 2.538   15.408  4.512   0.25 19.90 ? 98  SER B OG  1 
ATOM   813  N N   . LEU A 1 93  ? 1.483   11.137  4.035   1.00 15.15 ? 99  LEU B N   1 
ATOM   814  C CA  . LEU A 1 93  ? 1.281   9.787   4.568   1.00 15.60 ? 99  LEU B CA  1 
ATOM   815  C C   . LEU A 1 93  ? 1.895   9.727   5.950   1.00 15.75 ? 99  LEU B C   1 
ATOM   816  O O   . LEU A 1 93  ? 3.103   9.644   6.109   1.00 17.70 ? 99  LEU B O   1 
ATOM   817  C CB  . LEU A 1 93  ? 1.902   8.729   3.661   1.00 16.10 ? 99  LEU B CB  1 
ATOM   818  C CG  . LEU A 1 93  ? 1.319   8.653   2.259   1.00 16.96 ? 99  LEU B CG  1 
ATOM   819  C CD1 . LEU A 1 93  ? 2.047   7.612   1.409   1.00 17.42 ? 99  LEU B CD1 1 
ATOM   820  C CD2 . LEU A 1 93  ? -0.167  8.372   2.294   1.00 18.20 ? 99  LEU B CD2 1 
ATOM   821  N N   . SER A 1 94  ? 1.072   9.669   7.006   1.00 14.67 ? 100 SER B N   1 
ATOM   822  C CA  . SER A 1 94  ? 1.531   9.649   8.402   1.00 14.51 ? 100 SER B CA  1 
ATOM   823  C C   . SER A 1 94  ? 0.490   8.928   9.224   1.00 12.59 ? 100 SER B C   1 
ATOM   824  O O   . SER A 1 94  ? -0.695  8.984   8.880   1.00 13.00 ? 100 SER B O   1 
ATOM   825  C CB  . SER A 1 94  ? 1.756   11.020  9.012   1.00 16.09 ? 100 SER B CB  1 
ATOM   826  O OG  . SER A 1 94  ? 0.526   11.723  9.053   1.00 19.57 ? 100 SER B OG  1 
ATOM   827  N N   . PRO A 1 95  ? 0.856   8.399   10.377  1.00 12.74 ? 101 PRO B N   1 
ATOM   828  C CA  . PRO A 1 95  ? -0.131  7.834   11.297  1.00 14.24 ? 101 PRO B CA  1 
ATOM   829  C C   . PRO A 1 95  ? -1.142  8.881   11.778  1.00 14.12 ? 101 PRO B C   1 
ATOM   830  O O   . PRO A 1 95  ? -2.337  8.539   11.889  1.00 14.36 ? 101 PRO B O   1 
ATOM   831  C CB  . PRO A 1 95  ? 0.701   7.236   12.453  1.00 14.90 ? 101 PRO B CB  1 
ATOM   832  C CG  . PRO A 1 95  ? 2.039   6.913   11.773  1.00 15.05 ? 101 PRO B CG  1 
ATOM   833  C CD  . PRO A 1 95  ? 2.213   8.057   10.802  1.00 14.28 ? 101 PRO B CD  1 
ATOM   834  N N   . GLU A 1 96  ? -0.729  10.129  11.923  1.00 15.68 ? 102 GLU B N   1 
ATOM   835  C CA  . GLU A 1 96  ? -1.668  11.200  12.352  1.00 18.08 ? 102 GLU B CA  1 
ATOM   836  C C   . GLU A 1 96  ? -2.771  11.361  11.312  1.00 17.54 ? 102 GLU B C   1 
ATOM   837  O O   . GLU A 1 96  ? -3.925  11.704  11.662  1.00 19.52 ? 102 GLU B O   1 
ATOM   838  C CB  . GLU A 1 96  ? -0.891  12.487  12.603  1.00 22.63 ? 102 GLU B CB  1 
ATOM   839  C CG  . GLU A 1 96  ? 0.254   12.285  13.572  1.00 32.93 ? 102 GLU B CG  1 
ATOM   840  C CD  . GLU A 1 96  ? 1.635   12.185  12.935  1.00 39.08 ? 102 GLU B CD  1 
ATOM   841  O OE1 . GLU A 1 96  ? 2.090   11.027  12.608  1.00 25.53 ? 102 GLU B OE1 1 
ATOM   842  O OE2 . GLU A 1 96  ? 2.285   13.278  12.819  1.00 46.05 ? 102 GLU B OE2 1 
ATOM   843  N N   . ASN A 1 97  ? -2.482  11.143  10.016  1.00 14.94 ? 103 ASN B N   1 
ATOM   844  C CA  . ASN A 1 97  ? -3.487  11.240  8.940   1.00 15.39 ? 103 ASN B CA  1 
ATOM   845  C C   . ASN A 1 97  ? -4.136  9.890   8.644   1.00 13.86 ? 103 ASN B C   1 
ATOM   846  O O   . ASN A 1 97  ? -4.970  9.810   7.758   1.00 15.06 ? 103 ASN B O   1 
ATOM   847  C CB  . ASN A 1 97  ? -2.888  11.830  7.648   1.00 16.32 ? 103 ASN B CB  1 
ATOM   848  C CG  . ASN A 1 97  ? -2.559  13.292  7.756   1.00 19.59 ? 103 ASN B CG  1 
ATOM   849  O OD1 . ASN A 1 97  ? -3.123  14.001  8.619   1.00 21.50 ? 103 ASN B OD1 1 
ATOM   850  N ND2 . ASN A 1 97  ? -1.643  13.761  6.911   1.00 21.14 ? 103 ASN B ND2 1 
ATOM   851  N N   . GLY A 1 98  ? -3.847  8.833   9.403   1.00 12.39 ? 104 GLY B N   1 
ATOM   852  C CA  . GLY A 1 98  ? -4.498  7.530   9.237   1.00 12.59 ? 104 GLY B CA  1 
ATOM   853  C C   . GLY A 1 98  ? -3.821  6.558   8.280   1.00 11.34 ? 104 GLY B C   1 
ATOM   854  O O   . GLY A 1 98  ? -4.466  5.669   7.781   1.00 12.11 ? 104 GLY B O   1 
ATOM   855  N N   . PHE A 1 99  ? -2.493  6.704   8.090   1.00 11.96 ? 105 PHE B N   1 
ATOM   856  C CA  . PHE A 1 99  ? -1.726  5.794   7.196   1.00 11.22 ? 105 PHE B CA  1 
ATOM   857  C C   . PHE A 1 99  ? -0.540  5.141   7.897   1.00 10.50 ? 105 PHE B C   1 
ATOM   858  O O   . PHE A 1 99  ? 0.196   5.878   8.612   1.00 12.46 ? 105 PHE B O   1 
ATOM   859  C CB  . PHE A 1 99  ? -1.149  6.596   6.007   1.00 11.81 ? 105 PHE B CB  1 
ATOM   860  C CG  . PHE A 1 99  ? -2.185  7.250   5.115   1.00 11.47 ? 105 PHE B CG  1 
ATOM   861  C CD1 . PHE A 1 99  ? -2.620  8.532   5.368   1.00 12.34 ? 105 PHE B CD1 1 
ATOM   862  C CD2 . PHE A 1 99  ? -2.691  6.595   4.008   1.00 12.01 ? 105 PHE B CD2 1 
ATOM   863  C CE1 . PHE A 1 99  ? -3.584  9.135   4.557   1.00 13.25 ? 105 PHE B CE1 1 
ATOM   864  C CE2 . PHE A 1 99  ? -3.639  7.199   3.198   1.00 13.03 ? 105 PHE B CE2 1 
ATOM   865  C CZ  . PHE A 1 99  ? -4.053  8.468   3.476   1.00 11.85 ? 105 PHE B CZ  1 
ATOM   866  N N   . TRP A 1 100 ? -0.341  3.853   7.643   1.00 10.44 ? 106 TRP B N   1 
ATOM   867  C CA  . TRP A 1 100 ? 0.830   3.087   8.136   1.00 9.95  ? 106 TRP B CA  1 
ATOM   868  C C   . TRP A 1 100 ? 1.463   2.455   6.911   1.00 9.65  ? 106 TRP B C   1 
ATOM   869  O O   . TRP A 1 100 ? 0.985   1.427   6.396   1.00 10.36 ? 106 TRP B O   1 
ATOM   870  C CB  . TRP A 1 100 ? 0.415   2.056   9.204   1.00 10.11 ? 106 TRP B CB  1 
ATOM   871  C CG  . TRP A 1 100 ? -0.129  2.745   10.428  1.00 9.87  ? 106 TRP B CG  1 
ATOM   872  C CD1 . TRP A 1 100 ? 0.523   3.114   11.563  1.00 11.97 ? 106 TRP B CD1 1 
ATOM   873  C CD2 . TRP A 1 100 ? -1.508  3.165   10.622  1.00 10.68 ? 106 TRP B CD2 1 
ATOM   874  N NE1 . TRP A 1 100 ? -0.329  3.799   12.418  1.00 12.53 ? 106 TRP B NE1 1 
ATOM   875  C CE2 . TRP A 1 100 ? -1.567  3.843   11.857  1.00 11.67 ? 106 TRP B CE2 1 
ATOM   876  C CE3 . TRP A 1 100 ? -2.660  3.059   9.851   1.00 11.34 ? 106 TRP B CE3 1 
ATOM   877  C CZ2 . TRP A 1 100 ? -2.781  4.417   12.306  1.00 13.15 ? 106 TRP B CZ2 1 
ATOM   878  C CZ3 . TRP A 1 100 ? -3.842  3.623   10.309  1.00 13.50 ? 106 TRP B CZ3 1 
ATOM   879  C CH2 . TRP A 1 100 ? -3.889  4.293   11.512  1.00 13.01 ? 106 TRP B CH2 1 
ATOM   880  N N   . THR A 1 101 ? 2.520   3.115   6.401   1.00 10.51 ? 107 THR B N   1 
ATOM   881  C CA  . THR A 1 101 ? 3.038   2.847   5.036   1.00 10.16 ? 107 THR B CA  1 
ATOM   882  C C   . THR A 1 101 ? 4.584   2.893   5.028   1.00 10.02 ? 107 THR B C   1 
ATOM   883  O O   . THR A 1 101 ? 5.197   3.547   5.863   1.00 10.15 ? 107 THR B O   1 
ATOM   884  C CB  . THR A 1 101 ? 2.512   3.859   4.010   1.00 10.58 ? 107 THR B CB  1 
ATOM   885  O OG1 . THR A 1 101 ? 2.968   5.163   4.342   1.00 11.89 ? 107 THR B OG1 1 
ATOM   886  C CG2 . THR A 1 101 ? 1.004   3.770   3.898   1.00 10.82 ? 107 THR B CG2 1 
ATOM   887  N N   . ILE A 1 102 ? 5.112   2.246   3.991   1.00 10.42 ? 108 ILE B N   1 
ATOM   888  C CA  . ILE A 1 102 ? 6.544   2.447   3.568   1.00 10.12 ? 108 ILE B CA  1 
ATOM   889  C C   . ILE A 1 102 ? 6.503   2.834   2.084   1.00 10.69 ? 108 ILE B C   1 
ATOM   890  O O   . ILE A 1 102 ? 5.479   2.588   1.393   1.00 10.85 ? 108 ILE B O   1 
ATOM   891  C CB  . ILE A 1 102 ? 7.456   1.226   3.847   1.00 10.83 ? 108 ILE B CB  1 
ATOM   892  C CG1 . ILE A 1 102 ? 7.103   0.020   2.982   1.00 11.86 ? 108 ILE B CG1 1 
ATOM   893  C CG2 . ILE A 1 102 ? 7.402   0.890   5.332   1.00 11.92 ? 108 ILE B CG2 1 
ATOM   894  C CD1 . ILE A 1 102 ? 8.079   -1.132  3.022   1.00 12.54 ? 108 ILE B CD1 1 
ATOM   895  N N   . TRP A 1 103 ? 7.626   3.305   1.599   1.00 10.91 ? 109 TRP B N   1 
ATOM   896  C CA  . TRP A 1 103 ? 7.713   3.691   0.180   1.00 11.02 ? 109 TRP B CA  1 
ATOM   897  C C   . TRP A 1 103 ? 9.126   3.586   -0.322  1.00 11.08 ? 109 TRP B C   1 
ATOM   898  O O   . TRP A 1 103 ? 10.126  3.591   0.410   1.00 11.74 ? 109 TRP B O   1 
ATOM   899  C CB  . TRP A 1 103 ? 7.158   5.057   -0.063  1.00 13.42 ? 109 TRP B CB  1 
ATOM   900  C CG  . TRP A 1 103 ? 7.831   6.190   0.593   1.00 14.92 ? 109 TRP B CG  1 
ATOM   901  C CD1 . TRP A 1 103 ? 9.026   6.761   0.241   1.00 15.07 ? 109 TRP B CD1 1 
ATOM   902  C CD2 . TRP A 1 103 ? 7.271   6.995   1.616   1.00 15.61 ? 109 TRP B CD2 1 
ATOM   903  N NE1 . TRP A 1 103 ? 9.232   7.878   0.981   1.00 18.25 ? 109 TRP B NE1 1 
ATOM   904  C CE2 . TRP A 1 103 ? 8.164   8.073   1.813   1.00 16.66 ? 109 TRP B CE2 1 
ATOM   905  C CE3 . TRP A 1 103 ? 6.065   6.936   2.326   1.00 16.83 ? 109 TRP B CE3 1 
ATOM   906  C CZ2 . TRP A 1 103 ? 7.937   9.042   2.785   1.00 19.90 ? 109 TRP B CZ2 1 
ATOM   907  C CZ3 . TRP A 1 103 ? 5.824   7.931   3.232   1.00 18.83 ? 109 TRP B CZ3 1 
ATOM   908  C CH2 . TRP A 1 103 ? 6.734   8.956   3.444   1.00 18.65 ? 109 TRP B CH2 1 
ATOM   909  N N   . LEU A 1 104 ? 9.204   3.538   -1.668  1.00 11.35 ? 110 LEU B N   1 
ATOM   910  C CA  . LEU A 1 104 ? 10.431  3.770   -2.460  1.00 11.68 ? 110 LEU B CA  1 
ATOM   911  C C   . LEU A 1 104 ? 10.295  5.079   -3.220  1.00 11.42 ? 110 LEU B C   1 
ATOM   912  O O   . LEU A 1 104 ? 9.266   5.309   -3.832  1.00 11.78 ? 110 LEU B O   1 
ATOM   913  C CB  . LEU A 1 104 ? 10.593  2.653   -3.460  1.00 11.94 ? 110 LEU B CB  1 
ATOM   914  C CG  . LEU A 1 104 ? 11.733  2.811   -4.478  1.00 12.25 ? 110 LEU B CG  1 
ATOM   915  C CD1 . LEU A 1 104 ? 13.103  2.919   -3.833  1.00 13.32 ? 110 LEU B CD1 1 
ATOM   916  C CD2 . LEU A 1 104 ? 11.664  1.717   -5.514  1.00 14.05 ? 110 LEU B CD2 1 
ATOM   917  N N   . TRP A 1 105 ? 11.331  5.912   -3.155  1.00 12.73 ? 111 TRP B N   1 
ATOM   918  C CA  . TRP A 1 105 ? 11.362  7.188   -3.886  1.00 13.79 ? 111 TRP B CA  1 
ATOM   919  C C   . TRP A 1 105 ? 12.818  7.566   -4.092  1.00 15.42 ? 111 TRP B C   1 
ATOM   920  O O   . TRP A 1 105 ? 13.591  7.614   -3.128  1.00 15.50 ? 111 TRP B O   1 
ATOM   921  C CB  . TRP A 1 105 ? 10.658  8.229   -3.029  1.00 17.87 ? 111 TRP B CB  1 
ATOM   922  C CG  . TRP A 1 105 ? 10.810  9.617   -3.505  1.00 21.81 ? 111 TRP B CG  1 
ATOM   923  C CD1 . TRP A 1 105 ? 11.519  10.659  -2.962  1.00 22.90 ? 111 TRP B CD1 1 
ATOM   924  C CD2 . TRP A 1 105 ? 10.141  10.114  -4.658  1.00 21.30 ? 111 TRP B CD2 1 
ATOM   925  N NE1 . TRP A 1 105 ? 11.350  11.758  -3.744  1.00 22.27 ? 111 TRP B NE1 1 
ATOM   926  C CE2 . TRP A 1 105 ? 10.515  11.463  -4.784  1.00 19.47 ? 111 TRP B CE2 1 
ATOM   927  C CE3 . TRP A 1 105 ? 9.272   9.566   -5.598  1.00 20.51 ? 111 TRP B CE3 1 
ATOM   928  C CZ2 . TRP A 1 105 ? 10.048  12.283  -5.800  1.00 24.11 ? 111 TRP B CZ2 1 
ATOM   929  C CZ3 . TRP A 1 105 ? 8.844   10.361  -6.636  1.00 25.67 ? 111 TRP B CZ3 1 
ATOM   930  C CH2 . TRP A 1 105 ? 9.249   11.691  -6.763  1.00 24.49 ? 111 TRP B CH2 1 
ATOM   931  N N   . GLN A 1 106 ? 13.195  7.813   -5.364  1.00 14.31 ? 112 GLN B N   1 
ATOM   932  C CA  . GLN A 1 106 ? 14.568  8.308   -5.673  1.00 14.84 ? 112 GLN B CA  1 
ATOM   933  C C   . GLN A 1 106 ? 15.595  7.430   -5.019  1.00 15.86 ? 112 GLN B C   1 
ATOM   934  O O   . GLN A 1 106 ? 16.578  7.979   -4.386  1.00 17.24 ? 112 GLN B O   1 
ATOM   935  C CB  . GLN A 1 106 ? 14.677  9.782   -5.294  1.00 16.58 ? 112 GLN B CB  1 
ATOM   936  C CG  . GLN A 1 106 ? 13.704  10.637  -6.080  1.00 18.25 ? 112 GLN B CG  1 
ATOM   937  C CD  . GLN A 1 106 ? 13.901  12.132  -5.997  1.00 19.55 ? 112 GLN B CD  1 
ATOM   938  O OE1 . GLN A 1 106 ? 13.331  12.894  -6.808  1.00 23.20 ? 112 GLN B OE1 1 
ATOM   939  N NE2 . GLN A 1 106 ? 14.702  12.576  -5.039  1.00 18.91 ? 112 GLN B NE2 1 
ATOM   940  N N   . ASP A 1 107 ? 15.493  6.143   -5.235  1.00 16.41 ? 113 ASP B N   1 
ATOM   941  C CA  . ASP A 1 107 ? 16.534  5.185   -4.859  1.00 20.38 ? 113 ASP B CA  1 
ATOM   942  C C   . ASP A 1 107 ? 16.705  5.070   -3.331  1.00 20.88 ? 113 ASP B C   1 
ATOM   943  O O   . ASP A 1 107 ? 17.653  4.341   -2.917  1.00 27.83 ? 113 ASP B O   1 
ATOM   944  C CB  . ASP A 1 107 ? 17.838  5.674   -5.499  1.00 24.79 ? 113 ASP B CB  1 
ATOM   945  C CG  . ASP A 1 107 ? 18.860  4.607   -5.676  1.00 33.56 ? 113 ASP B CG  1 
ATOM   946  O OD1 . ASP A 1 107 ? 18.475  3.428   -5.903  1.00 36.64 ? 113 ASP B OD1 1 
ATOM   947  O OD2 . ASP A 1 107 ? 20.058  4.992   -5.641  1.00 43.24 ? 113 ASP B OD2 1 
ATOM   948  N N   . SER A 1 108 ? 15.765  5.554   -2.525  1.00 16.53 ? 114 SER B N   1 
ATOM   949  C CA  . SER A 1 108 ? 15.781  5.287   -1.059  1.00 18.28 ? 114 SER B CA  1 
ATOM   950  C C   . SER A 1 108 ? 14.427  4.770   -0.589  1.00 15.50 ? 114 SER B C   1 
ATOM   951  O O   . SER A 1 108 ? 13.340  5.147   -1.119  1.00 15.45 ? 114 SER B O   1 
ATOM   952  C CB  . SER A 1 108 ? 16.322  6.462   -0.322  1.00 23.29 ? 114 SER B CB  1 
ATOM   953  O OG  . SER A 1 108 ? 15.431  7.532   -0.264  1.00 30.39 ? 114 SER B OG  1 
ATOM   954  N N   . TYR A 1 109 ? 14.484  3.932   0.425   1.00 13.82 ? 115 TYR B N   1 
ATOM   955  C CA  . TYR A 1 109 ? 13.276  3.373   1.087   1.00 13.38 ? 115 TYR B CA  1 
ATOM   956  C C   . TYR A 1 109 ? 13.062  4.106   2.398   1.00 12.66 ? 115 TYR B C   1 
ATOM   957  O O   . TYR A 1 109 ? 14.027  4.336   3.154   1.00 13.70 ? 115 TYR B O   1 
ATOM   958  C CB  . TYR A 1 109 ? 13.430  1.886   1.292   1.00 13.66 ? 115 TYR B CB  1 
ATOM   959  C CG  . TYR A 1 109 ? 13.588  1.070   0.014   1.00 13.90 ? 115 TYR B CG  1 
ATOM   960  C CD1 . TYR A 1 109 ? 14.845  0.805   -0.506  1.00 15.66 ? 115 TYR B CD1 1 
ATOM   961  C CD2 . TYR A 1 109 ? 12.490  0.526   -0.631  1.00 13.78 ? 115 TYR B CD2 1 
ATOM   962  C CE1 . TYR A 1 109 ? 15.007  0.019   -1.643  1.00 15.64 ? 115 TYR B CE1 1 
ATOM   963  C CE2 . TYR A 1 109 ? 12.639  -0.220  -1.793  1.00 13.50 ? 115 TYR B CE2 1 
ATOM   964  C CZ  . TYR A 1 109 ? 13.904  -0.484  -2.277  1.00 14.26 ? 115 TYR B CZ  1 
ATOM   965  O OH  . TYR A 1 109 ? 14.075  -1.186  -3.453  1.00 15.52 ? 115 TYR B OH  1 
ATOM   966  N N   A GLU A 1 110 ? 11.814  4.500   2.681   0.25 12.59 ? 116 GLU B N   1 
ATOM   967  N N   B GLU A 1 110 ? 11.809  4.496   2.658   0.25 12.40 ? 116 GLU B N   1 
ATOM   968  C CA  A GLU A 1 110 ? 11.475  5.244   3.923   0.25 13.06 ? 116 GLU B CA  1 
ATOM   969  C CA  B GLU A 1 110 ? 11.414  5.260   3.869   0.25 12.71 ? 116 GLU B CA  1 
ATOM   970  C C   A GLU A 1 110 ? 10.123  4.796   4.482   0.25 11.54 ? 116 GLU B C   1 
ATOM   971  C C   B GLU A 1 110 ? 10.163  4.627   4.491   0.25 11.09 ? 116 GLU B C   1 
ATOM   972  O O   A GLU A 1 110 ? 9.208   4.493   3.725   0.25 12.04 ? 116 GLU B O   1 
ATOM   973  O O   B GLU A 1 110 ? 9.384   3.945   3.779   0.25 10.31 ? 116 GLU B O   1 
ATOM   974  C CB  A GLU A 1 110 ? 11.465  6.750   3.679   0.25 14.51 ? 116 GLU B CB  1 
ATOM   975  C CB  B GLU A 1 110 ? 11.157  6.728   3.533   0.25 14.13 ? 116 GLU B CB  1 
ATOM   976  C CG  A GLU A 1 110 ? 12.796  7.284   3.157   0.25 16.48 ? 116 GLU B CG  1 
ATOM   977  C CG  B GLU A 1 110 ? 12.344  7.439   2.886   0.25 16.48 ? 116 GLU B CG  1 
ATOM   978  C CD  A GLU A 1 110 ? 12.742  8.751   2.775   0.25 18.77 ? 116 GLU B CD  1 
ATOM   979  C CD  B GLU A 1 110 ? 13.385  7.972   3.864   0.25 18.07 ? 116 GLU B CD  1 
ATOM   980  O OE1 A GLU A 1 110 ? 11.710  9.170   2.222   0.25 20.44 ? 116 GLU B OE1 1 
ATOM   981  O OE1 B GLU A 1 110 ? 13.082  8.098   5.056   0.25 23.73 ? 116 GLU B OE1 1 
ATOM   982  O OE2 A GLU A 1 110 ? 13.727  9.475   3.033   0.25 18.33 ? 116 GLU B OE2 1 
ATOM   983  O OE2 B GLU A 1 110 ? 14.480  8.319   3.408   0.25 24.07 ? 116 GLU B OE2 1 
ATOM   984  N N   . ALA A 1 111 ? 10.010  4.807   5.811   1.00 11.46 ? 117 ALA B N   1 
ATOM   985  C CA  . ALA A 1 111 ? 8.727   4.570   6.490   1.00 11.62 ? 117 ALA B CA  1 
ATOM   986  C C   . ALA A 1 111 ? 8.018   5.903   6.653   1.00 12.14 ? 117 ALA B C   1 
ATOM   987  O O   . ALA A 1 111 ? 8.611   6.967   6.989   1.00 12.51 ? 117 ALA B O   1 
ATOM   988  C CB  . ALA A 1 111 ? 8.937   3.925   7.848   1.00 12.27 ? 117 ALA B CB  1 
ATOM   989  N N   . GLY A 1 112 ? 6.696   5.880   6.435   1.00 12.04 ? 118 GLY B N   1 
ATOM   990  C CA  . GLY A 1 112 ? 5.774   7.025   6.507   1.00 13.39 ? 118 GLY B CA  1 
ATOM   991  C C   . GLY A 1 112 ? 5.484   7.471   7.915   1.00 13.45 ? 118 GLY B C   1 
ATOM   992  O O   . GLY A 1 112 ? 4.353   7.547   8.325   1.00 15.92 ? 118 GLY B O   1 
ATOM   993  N N   . THR A 1 113 ? 6.470   7.696   8.743   1.00 15.68 ? 119 THR B N   1 
ATOM   994  C CA  . THR A 1 113 ? 6.321   8.443   9.996   1.00 16.88 ? 119 THR B CA  1 
ATOM   995  C C   . THR A 1 113 ? 6.368   9.944   9.711   1.00 16.50 ? 119 THR B C   1 
ATOM   996  O O   . THR A 1 113 ? 6.686   10.339  8.604   1.00 19.99 ? 119 THR B O   1 
ATOM   997  C CB  . THR A 1 113 ? 7.431   7.993   10.913  1.00 14.25 ? 119 THR B CB  1 
ATOM   998  O OG1 . THR A 1 113 ? 8.712   8.145   10.260  1.00 14.69 ? 119 THR B OG1 1 
ATOM   999  C CG2 . THR A 1 113 ? 7.331   6.573   11.353  1.00 16.40 ? 119 THR B CG2 1 
ATOM   1000 N N   . SER A 1 114 ? 6.137   10.786  10.729  1.00 20.27 ? 120 SER B N   1 
ATOM   1001 C CA  . SER A 1 114 ? 6.237   12.243  10.560  1.00 23.25 ? 120 SER B CA  1 
ATOM   1002 C C   . SER A 1 114 ? 7.229   12.798  11.584  1.00 25.65 ? 120 SER B C   1 
ATOM   1003 O O   . SER A 1 114 ? 6.980   12.757  12.788  1.00 26.81 ? 120 SER B O   1 
ATOM   1004 C CB  . SER A 1 114 ? 4.866   12.892  10.662  1.00 28.49 ? 120 SER B CB  1 
ATOM   1005 O OG  . SER A 1 114 ? 5.023   14.296  10.527  1.00 31.39 ? 120 SER B OG  1 
ATOM   1006 N N   . PRO A 1 115 ? 8.449   13.176  11.162  1.00 22.75 ? 121 PRO B N   1 
ATOM   1007 C CA  . PRO A 1 115 ? 8.911   13.080  9.781   1.00 23.87 ? 121 PRO B CA  1 
ATOM   1008 C C   . PRO A 1 115 ? 9.309   11.635  9.406   1.00 19.32 ? 121 PRO B C   1 
ATOM   1009 O O   . PRO A 1 115 ? 9.379   10.759  10.257  1.00 17.84 ? 121 PRO B O   1 
ATOM   1010 C CB  . PRO A 1 115 ? 10.139  13.986  9.777   1.00 27.19 ? 121 PRO B CB  1 
ATOM   1011 C CG  . PRO A 1 115 ? 10.711  13.816  11.164  1.00 26.46 ? 121 PRO B CG  1 
ATOM   1012 C CD  . PRO A 1 115 ? 9.506   13.661  12.079  1.00 25.26 ? 121 PRO B CD  1 
ATOM   1013 N N   . GLN A 1 116 ? 9.528   11.410  8.124   1.00 18.46 ? 122 GLN B N   1 
ATOM   1014 C CA  . GLN A 1 116 ? 9.802   10.066  7.570   1.00 16.71 ? 122 GLN B CA  1 
ATOM   1015 C C   . GLN A 1 116 ? 11.097  9.477   8.153   1.00 14.73 ? 122 GLN B C   1 
ATOM   1016 O O   . GLN A 1 116 ? 12.012  10.215  8.539   1.00 16.65 ? 122 GLN B O   1 
ATOM   1017 C CB  . GLN A 1 116 ? 9.813   10.045  6.038   1.00 21.71 ? 122 GLN B CB  1 
ATOM   1018 C CG  . GLN A 1 116 ? 11.009  10.696  5.378   1.00 28.30 ? 122 GLN B CG  1 
ATOM   1019 C CD  . GLN A 1 116 ? 10.754  12.133  4.999   1.00 42.02 ? 122 GLN B CD  1 
ATOM   1020 O OE1 . GLN A 1 116 ? 9.966   12.846  5.632   1.00 49.14 ? 122 GLN B OE1 1 
ATOM   1021 N NE2 . GLN A 1 116 ? 11.472  12.582  3.982   1.00 49.86 ? 122 GLN B NE2 1 
ATOM   1022 N N   . THR A 1 117 ? 11.152  8.167   8.182   1.00 13.19 ? 123 THR B N   1 
ATOM   1023 C CA  . THR A 1 117 ? 12.272  7.407   8.763   1.00 12.87 ? 123 THR B CA  1 
ATOM   1024 C C   . THR A 1 117 ? 13.005  6.678   7.648   1.00 12.28 ? 123 THR B C   1 
ATOM   1025 O O   . THR A 1 117 ? 12.403  5.876   6.916   1.00 13.65 ? 123 THR B O   1 
ATOM   1026 C CB  . THR A 1 117 ? 11.762  6.440   9.840   1.00 12.95 ? 123 THR B CB  1 
ATOM   1027 O OG1 . THR A 1 117 ? 11.129  7.207   10.854  1.00 14.72 ? 123 THR B OG1 1 
ATOM   1028 C CG2 . THR A 1 117 ? 12.907  5.637   10.415  1.00 13.78 ? 123 THR B CG2 1 
ATOM   1029 N N   . THR A 1 118 ? 14.336  6.790   7.610   1.00 13.40 ? 124 THR B N   1 
ATOM   1030 C CA  . THR A 1 118 ? 15.181  6.055   6.661   1.00 13.92 ? 124 THR B CA  1 
ATOM   1031 C C   . THR A 1 118 ? 15.167  4.576   6.947   1.00 13.42 ? 124 THR B C   1 
ATOM   1032 O O   . THR A 1 118 ? 15.330  4.161   8.147   1.00 16.85 ? 124 THR B O   1 
ATOM   1033 C CB  . THR A 1 118 ? 16.617  6.590   6.843   1.00 17.39 ? 124 THR B CB  1 
ATOM   1034 O OG1 . THR A 1 118 ? 16.626  7.950   6.444   1.00 20.62 ? 124 THR B OG1 1 
ATOM   1035 C CG2 . THR A 1 118 ? 17.636  5.763   6.091   1.00 21.52 ? 124 THR B CG2 1 
ATOM   1036 N N   . LEU A 1 119 ? 14.974  3.750   5.934   1.00 12.83 ? 125 LEU B N   1 
ATOM   1037 C CA  . LEU A 1 119 ? 14.998  2.287   6.044   1.00 12.73 ? 125 LEU B CA  1 
ATOM   1038 C C   . LEU A 1 119 ? 16.387  1.817   5.584   1.00 16.02 ? 125 LEU B C   1 
ATOM   1039 O O   . LEU A 1 119 ? 17.071  2.564   4.846   1.00 19.95 ? 125 LEU B O   1 
ATOM   1040 C CB  . LEU A 1 119 ? 13.890  1.587   5.245   1.00 13.06 ? 125 LEU B CB  1 
ATOM   1041 C CG  . LEU A 1 119 ? 12.477  2.005   5.649   1.00 12.88 ? 125 LEU B CG  1 
ATOM   1042 C CD1 . LEU A 1 119 ? 11.395  1.432   4.736   1.00 13.74 ? 125 LEU B CD1 1 
ATOM   1043 C CD2 . LEU A 1 119 ? 12.224  1.623   7.116   1.00 14.39 ? 125 LEU B CD2 1 
ATOM   1044 N N   . HIS A 1 120 ? 16.800  0.658   6.033   1.00 15.22 ? 126 HIS B N   1 
ATOM   1045 C CA  . HIS A 1 120 ? 18.142  0.074   5.732   1.00 15.97 ? 126 HIS B CA  1 
ATOM   1046 C C   . HIS A 1 120 ? 17.870  -1.248  5.045   1.00 16.51 ? 126 HIS B C   1 
ATOM   1047 O O   . HIS A 1 120 ? 17.644  -2.268  5.753   1.00 22.77 ? 126 HIS B O   1 
ATOM   1048 C CB  . HIS A 1 120 ? 18.943  -0.078  7.049   1.00 18.77 ? 126 HIS B CB  1 
ATOM   1049 C CG  . HIS A 1 120 ? 19.188  1.213   7.792   1.00 19.18 ? 126 HIS B CG  1 
ATOM   1050 N ND1 . HIS A 1 120 ? 18.363  1.641   8.844   1.00 24.60 ? 126 HIS B ND1 1 
ATOM   1051 C CD2 . HIS A 1 120 ? 20.095  2.192   7.617   1.00 23.67 ? 126 HIS B CD2 1 
ATOM   1052 C CE1 . HIS A 1 120 ? 18.765  2.854   9.249   1.00 24.67 ? 126 HIS B CE1 1 
ATOM   1053 N NE2 . HIS A 1 120 ? 19.875  3.162   8.582   1.00 22.19 ? 126 HIS B NE2 1 
ATOM   1054 N N   . ILE A 1 121 ? 17.846  -1.294  3.745   1.00 19.23 ? 127 ILE B N   1 
ATOM   1055 C CA  . ILE A 1 121 ? 17.553  -2.551  3.010   1.00 20.98 ? 127 ILE B CA  1 
ATOM   1056 C C   . ILE A 1 121 ? 18.799  -2.853  2.120   1.00 22.43 ? 127 ILE B C   1 
ATOM   1057 O O   . ILE A 1 121 ? 19.221  -1.995  1.363   1.00 29.33 ? 127 ILE B O   1 
ATOM   1058 C CB  . ILE A 1 121 ? 16.209  -2.451  2.245   1.00 22.12 ? 127 ILE B CB  1 
ATOM   1059 C CG1 . ILE A 1 121 ? 15.045  -1.876  3.066   1.00 19.11 ? 127 ILE B CG1 1 
ATOM   1060 C CG2 . ILE A 1 121 ? 15.832  -3.853  1.776   1.00 26.09 ? 127 ILE B CG2 1 
ATOM   1061 C CD1 . ILE A 1 121 ? 13.729  -1.815  2.293   1.00 19.76 ? 127 ILE B CD1 1 
ATOM   1062 N N   . GLN A 1 122 ? 19.420  -3.999  2.338   1.00 28.32 ? 128 GLN B N   1 
ATOM   1063 C CA  . GLN A 1 122 ? 20.662  -4.380  1.591   1.00 31.37 ? 128 GLN B CA  1 
ATOM   1064 C C   . GLN A 1 122 ? 20.283  -5.032  0.254   1.00 28.03 ? 128 GLN B C   1 
ATOM   1065 O O   . GLN A 1 122 ? 20.993  -4.785  -0.768  1.00 28.26 ? 128 GLN B O   1 
ATOM   1066 C CB  . GLN A 1 122 ? 21.504  -5.309  2.475   1.00 33.67 ? 128 GLN B CB  1 
ATOM   1067 C CG  . GLN A 1 122 ? 22.754  -5.880  1.789   1.00 43.84 ? 128 GLN B CG  1 
ATOM   1068 C CD  . GLN A 1 122 ? 23.789  -4.855  1.362   1.00 49.05 ? 128 GLN B CD  1 
ATOM   1069 O OE1 . GLN A 1 122 ? 23.828  -3.720  1.836   1.00 52.96 ? 128 GLN B OE1 1 
ATOM   1070 N NE2 . GLN A 1 122 ? 24.660  -5.259  0.450   1.00 54.12 ? 128 GLN B NE2 1 
ATOM   1071 N N   . VAL A 1 123 ? 19.138  -5.714  0.223   1.00 22.95 ? 129 VAL B N   1 
ATOM   1072 C CA  . VAL A 1 123 ? 18.653  -6.470  -0.975  1.00 20.53 ? 129 VAL B CA  1 
ATOM   1073 C C   . VAL A 1 123 ? 17.376  -5.799  -1.494  1.00 19.87 ? 129 VAL B C   1 
ATOM   1074 O O   . VAL A 1 123 ? 16.331  -5.923  -0.836  1.00 19.64 ? 129 VAL B O   1 
ATOM   1075 C CB  . VAL A 1 123 ? 18.409  -7.949  -0.646  1.00 22.97 ? 129 VAL B CB  1 
ATOM   1076 C CG1 . VAL A 1 123 ? 17.835  -8.730  -1.844  1.00 23.05 ? 129 VAL B CG1 1 
ATOM   1077 C CG2 . VAL A 1 123 ? 19.684  -8.626  -0.141  1.00 26.80 ? 129 VAL B CG2 1 
ATOM   1078 N N   . PRO A 1 124 ? 17.402  -4.964  -2.554  1.00 19.77 ? 130 PRO B N   1 
ATOM   1079 C CA  . PRO A 1 124 ? 16.194  -4.275  -3.016  1.00 19.05 ? 130 PRO B CA  1 
ATOM   1080 C C   . PRO A 1 124 ? 15.086  -5.282  -3.217  1.00 18.94 ? 130 PRO B C   1 
ATOM   1081 O O   . PRO A 1 124 ? 15.222  -6.278  -3.893  1.00 18.61 ? 130 PRO B O   1 
ATOM   1082 C CB  . PRO A 1 124 ? 16.665  -3.630  -4.336  1.00 23.02 ? 130 PRO B CB  1 
ATOM   1083 C CG  . PRO A 1 124 ? 18.140  -3.355  -4.049  1.00 22.48 ? 130 PRO B CG  1 
ATOM   1084 C CD  . PRO A 1 124 ? 18.602  -4.585  -3.347  1.00 23.37 ? 130 PRO B CD  1 
ATOM   1085 N N   . PRO A 1 125 ? 13.918  -5.106  -2.566  1.00 16.16 ? 131 PRO B N   1 
ATOM   1086 C CA  . PRO A 1 125 ? 12.856  -6.088  -2.645  1.00 15.97 ? 131 PRO B CA  1 
ATOM   1087 C C   . PRO A 1 125 ? 12.129  -6.100  -3.990  1.00 16.02 ? 131 PRO B C   1 
ATOM   1088 O O   . PRO A 1 125 ? 11.854  -5.033  -4.516  1.00 16.30 ? 131 PRO B O   1 
ATOM   1089 C CB  . PRO A 1 125 ? 11.934  -5.711  -1.463  1.00 17.25 ? 131 PRO B CB  1 
ATOM   1090 C CG  . PRO A 1 125 ? 12.274  -4.317  -1.145  1.00 19.18 ? 131 PRO B CG  1 
ATOM   1091 C CD  . PRO A 1 125 ? 13.704  -4.078  -1.534  1.00 17.11 ? 131 PRO B CD  1 
ATOM   1092 N N   . CYS A 1 126 ? 11.821  -7.298  -4.472  1.00 15.53 ? 132 CYS B N   1 
ATOM   1093 C CA  . CYS A 1 126 ? 10.871  -7.474  -5.604  1.00 16.51 ? 132 CYS B CA  1 
ATOM   1094 C C   . CYS A 1 126 ? 9.477   -7.806  -5.084  1.00 14.84 ? 132 CYS B C   1 
ATOM   1095 O O   . CYS A 1 126 ? 8.509   -7.612  -5.798  1.00 14.03 ? 132 CYS B O   1 
ATOM   1096 C CB  . CYS A 1 126 ? 11.306  -8.538  -6.592  1.00 19.62 ? 132 CYS B CB  1 
ATOM   1097 S SG  . CYS A 1 126 ? 12.912  -8.146  -7.346  1.00 26.23 ? 132 CYS B SG  1 
ATOM   1098 N N   A GLN A 1 127 ? 9.349   -8.368  -3.871  0.25 15.00 ? 133 GLN B N   1 
ATOM   1099 N N   B GLN A 1 127 ? 9.404   -8.194  -3.809  0.25 15.00 ? 133 GLN B N   1 
ATOM   1100 C CA  A GLN A 1 127 ? 8.023   -8.590  -3.222  0.25 15.23 ? 133 GLN B CA  1 
ATOM   1101 C CA  B GLN A 1 127 ? 8.136   -8.600  -3.165  0.25 15.83 ? 133 GLN B CA  1 
ATOM   1102 C C   A GLN A 1 127 ? 8.119   -8.237  -1.734  0.25 14.92 ? 133 GLN B C   1 
ATOM   1103 C C   B GLN A 1 127 ? 8.184   -8.118  -1.715  0.25 15.29 ? 133 GLN B C   1 
ATOM   1104 O O   A GLN A 1 127 ? 9.126   -8.590  -1.088  0.25 13.06 ? 133 GLN B O   1 
ATOM   1105 O O   B GLN A 1 127 ? 9.264   -8.153  -1.093  0.25 13.62 ? 133 GLN B O   1 
ATOM   1106 C CB  A GLN A 1 127 ? 7.465   -10.018 -3.328  0.25 16.96 ? 133 GLN B CB  1 
ATOM   1107 C CB  B GLN A 1 127 ? 7.923   -10.108 -3.307  0.25 18.44 ? 133 GLN B CB  1 
ATOM   1108 C CG  A GLN A 1 127 ? 7.194   -10.513 -4.743  0.25 18.67 ? 133 GLN B CG  1 
ATOM   1109 C CG  B GLN A 1 127 ? 7.718   -10.557 -4.746  0.25 20.45 ? 133 GLN B CG  1 
ATOM   1110 C CD  A GLN A 1 127 ? 8.420   -11.185 -5.308  0.25 20.65 ? 133 GLN B CD  1 
ATOM   1111 C CD  B GLN A 1 127 ? 7.148   -11.949 -4.865  0.25 21.53 ? 133 GLN B CD  1 
ATOM   1112 O OE1 A GLN A 1 127 ? 9.203   -11.790 -4.578  0.25 21.12 ? 133 GLN B OE1 1 
ATOM   1113 O OE1 B GLN A 1 127 ? 6.884   -12.627 -3.877  0.25 25.17 ? 133 GLN B OE1 1 
ATOM   1114 N NE2 A GLN A 1 127 ? 8.617   -11.042 -6.613  0.25 21.03 ? 133 GLN B NE2 1 
ATOM   1115 N NE2 B GLN A 1 127 ? 6.960   -12.391 -6.091  0.25 24.01 ? 133 GLN B NE2 1 
ATOM   1116 N N   . ILE A 1 128 ? 7.053   -7.592  -1.249  1.00 13.73 ? 134 ILE B N   1 
ATOM   1117 C CA  . ILE A 1 128 ? 6.933   -7.010  0.113   1.00 13.54 ? 134 ILE B CA  1 
ATOM   1118 C C   . ILE A 1 128 ? 5.817   -7.803  0.779   1.00 13.61 ? 134 ILE B C   1 
ATOM   1119 O O   . ILE A 1 128 ? 4.681   -7.915  0.230   1.00 12.75 ? 134 ILE B O   1 
ATOM   1120 C CB  . ILE A 1 128 ? 6.593   -5.517  0.071   1.00 14.75 ? 134 ILE B CB  1 
ATOM   1121 C CG1 . ILE A 1 128 ? 7.612   -4.626  -0.659  1.00 17.93 ? 134 ILE B CG1 1 
ATOM   1122 C CG2 . ILE A 1 128 ? 6.325   -4.992  1.488   1.00 14.56 ? 134 ILE B CG2 1 
ATOM   1123 C CD1 . ILE A 1 128 ? 8.851   -4.477  0.050   1.00 17.47 ? 134 ILE B CD1 1 
ATOM   1124 N N   . GLY A 1 129 ? 6.036   -8.270  2.006   1.00 13.59 ? 135 GLY B N   1 
ATOM   1125 C CA  . GLY A 1 129 ? 4.982   -8.819  2.866   1.00 13.29 ? 135 GLY B CA  1 
ATOM   1126 C C   . GLY A 1 129 ? 4.534   -7.813  3.905   1.00 12.63 ? 135 GLY B C   1 
ATOM   1127 O O   . GLY A 1 129 ? 5.322   -7.059  4.435   1.00 13.19 ? 135 GLY B O   1 
ATOM   1128 N N   . ILE A 1 130 ? 3.205   -7.710  4.055   1.00 12.87 ? 136 ILE B N   1 
ATOM   1129 C CA  . ILE A 1 130 ? 2.564   -6.758  5.002   1.00 12.27 ? 136 ILE B CA  1 
ATOM   1130 C C   . ILE A 1 130 ? 1.758   -7.566  6.013   1.00 13.19 ? 136 ILE B C   1 
ATOM   1131 O O   . ILE A 1 130 ? 0.910   -8.370  5.650   1.00 13.30 ? 136 ILE B O   1 
ATOM   1132 C CB  . ILE A 1 130 ? 1.664   -5.761  4.245   1.00 13.21 ? 136 ILE B CB  1 
ATOM   1133 C CG1 . ILE A 1 130 ? 2.498   -5.015  3.208   1.00 14.97 ? 136 ILE B CG1 1 
ATOM   1134 C CG2 . ILE A 1 130 ? 0.974   -4.786  5.206   1.00 13.71 ? 136 ILE B CG2 1 
ATOM   1135 C CD1 . ILE A 1 130 ? 1.719   -4.148  2.343   1.00 18.95 ? 136 ILE B CD1 1 
ATOM   1136 N N   . PHE A 1 131 ? 2.055   -7.340  7.275   1.00 12.43 ? 137 PHE B N   1 
ATOM   1137 C CA  . PHE A 1 131 ? 1.418   -8.045  8.419   1.00 12.17 ? 137 PHE B CA  1 
ATOM   1138 C C   . PHE A 1 131 ? 0.761   -7.007  9.309   1.00 12.04 ? 137 PHE B C   1 
ATOM   1139 O O   . PHE A 1 131 ? 1.370   -6.013  9.718   1.00 12.79 ? 137 PHE B O   1 
ATOM   1140 C CB  . PHE A 1 131 ? 2.448   -8.806  9.243   1.00 13.58 ? 137 PHE B CB  1 
ATOM   1141 C CG  . PHE A 1 131 ? 1.887   -9.461  10.480  1.00 15.00 ? 137 PHE B CG  1 
ATOM   1142 C CD1 . PHE A 1 131 ? 1.015   -10.513 10.368  1.00 16.63 ? 137 PHE B CD1 1 
ATOM   1143 C CD2 . PHE A 1 131 ? 2.241   -9.033  11.744  1.00 16.12 ? 137 PHE B CD2 1 
ATOM   1144 C CE1 . PHE A 1 131 ? 0.502   -11.133 11.506  1.00 19.55 ? 137 PHE B CE1 1 
ATOM   1145 C CE2 . PHE A 1 131 ? 1.723   -9.643  12.886  1.00 18.22 ? 137 PHE B CE2 1 
ATOM   1146 C CZ  . PHE A 1 131 ? 0.854   -10.691 12.750  1.00 17.80 ? 137 PHE B CZ  1 
ATOM   1147 N N   . VAL A 1 132 ? -0.526  -7.219  9.610   1.00 12.59 ? 138 VAL B N   1 
ATOM   1148 C CA  . VAL A 1 132 ? -1.301  -6.364  10.547  1.00 12.67 ? 138 VAL B CA  1 
ATOM   1149 C C   . VAL A 1 132 ? -1.807  -7.236  11.709  1.00 11.89 ? 138 VAL B C   1 
ATOM   1150 O O   . VAL A 1 132 ? -2.461  -8.258  11.472  1.00 14.32 ? 138 VAL B O   1 
ATOM   1151 C CB  . VAL A 1 132 ? -2.463  -5.663  9.835   1.00 12.89 ? 138 VAL B CB  1 
ATOM   1152 C CG1 . VAL A 1 132 ? -3.227  -4.799  10.819  1.00 15.11 ? 138 VAL B CG1 1 
ATOM   1153 C CG2 . VAL A 1 132 ? -1.970  -4.837  8.654   1.00 14.25 ? 138 VAL B CG2 1 
ATOM   1154 N N   . ASP A 1 133 ? -1.484  -6.816  12.913  1.00 12.67 ? 139 ASP B N   1 
ATOM   1155 C CA  . ASP A 1 133 ? -2.104  -7.405  14.141  1.00 14.53 ? 139 ASP B CA  1 
ATOM   1156 C C   . ASP A 1 133 ? -2.969  -6.299  14.744  1.00 12.17 ? 139 ASP B C   1 
ATOM   1157 O O   . ASP A 1 133 ? -2.459  -5.353  15.367  1.00 13.00 ? 139 ASP B O   1 
ATOM   1158 C CB  . ASP A 1 133 ? -1.075  -7.939  15.107  1.00 14.39 ? 139 ASP B CB  1 
ATOM   1159 C CG  . ASP A 1 133 ? -1.653  -8.637  16.340  1.00 17.53 ? 139 ASP B CG  1 
ATOM   1160 O OD1 . ASP A 1 133 ? -2.818  -8.322  16.720  1.00 17.63 ? 139 ASP B OD1 1 
ATOM   1161 O OD2 . ASP A 1 133 ? -0.863  -9.449  16.889  1.00 21.96 ? 139 ASP B OD2 1 
ATOM   1162 N N   . TYR A 1 134 ? -4.286  -6.395  14.533  1.00 14.21 ? 140 TYR B N   1 
ATOM   1163 C CA  . TYR A 1 134 ? -5.206  -5.311  14.943  1.00 13.80 ? 140 TYR B CA  1 
ATOM   1164 C C   . TYR A 1 134 ? -5.192  -5.071  16.460  1.00 15.04 ? 140 TYR B C   1 
ATOM   1165 O O   . TYR A 1 134 ? -4.977  -3.994  16.954  1.00 16.82 ? 140 TYR B O   1 
ATOM   1166 C CB  . TYR A 1 134 ? -6.631  -5.566  14.435  1.00 14.14 ? 140 TYR B CB  1 
ATOM   1167 C CG  . TYR A 1 134 ? -7.455  -4.295  14.453  1.00 14.23 ? 140 TYR B CG  1 
ATOM   1168 C CD1 . TYR A 1 134 ? -7.910  -3.747  15.636  1.00 15.15 ? 140 TYR B CD1 1 
ATOM   1169 C CD2 . TYR A 1 134 ? -7.675  -3.544  13.296  1.00 14.00 ? 140 TYR B CD2 1 
ATOM   1170 C CE1 . TYR A 1 134 ? -8.601  -2.556  15.674  1.00 14.53 ? 140 TYR B CE1 1 
ATOM   1171 C CE2 . TYR A 1 134 ? -8.364  -2.339  13.316  1.00 14.46 ? 140 TYR B CE2 1 
ATOM   1172 C CZ  . TYR A 1 134 ? -8.834  -1.825  14.512  1.00 14.35 ? 140 TYR B CZ  1 
ATOM   1173 O OH  . TYR A 1 134 ? -9.469  -0.607  14.582  1.00 14.37 ? 140 TYR B OH  1 
ATOM   1174 N N   . GLU A 1 135 ? -5.306  -6.158  17.188  1.00 16.86 ? 141 GLU B N   1 
ATOM   1175 C CA  . GLU A 1 135 ? -5.400  -6.068  18.671  1.00 17.24 ? 141 GLU B CA  1 
ATOM   1176 C C   . GLU A 1 135 ? -4.096  -5.573  19.254  1.00 16.78 ? 141 GLU B C   1 
ATOM   1177 O O   . GLU A 1 135 ? -4.128  -4.733  20.179  1.00 19.75 ? 141 GLU B O   1 
ATOM   1178 C CB  . GLU A 1 135 ? -5.797  -7.403  19.271  1.00 19.40 ? 141 GLU B CB  1 
ATOM   1179 C CG  . GLU A 1 135 ? -7.318  -7.582  19.236  1.00 26.22 ? 141 GLU B CG  1 
ATOM   1180 C CD  . GLU A 1 135 ? -7.870  -7.801  17.868  1.00 29.77 ? 141 GLU B CD  1 
ATOM   1181 O OE1 . GLU A 1 135 ? -8.971  -7.413  17.646  1.00 26.91 ? 141 GLU B OE1 1 
ATOM   1182 O OE2 . GLU A 1 135 ? -7.160  -8.413  17.031  1.00 32.61 ? 141 GLU B OE2 1 
ATOM   1183 N N   . ALA A 1 136 ? -2.946  -6.023  18.741  1.00 15.49 ? 142 ALA B N   1 
ATOM   1184 C CA  . ALA A 1 136 ? -1.631  -5.607  19.226  1.00 16.36 ? 142 ALA B CA  1 
ATOM   1185 C C   . ALA A 1 136 ? -1.277  -4.174  18.796  1.00 16.74 ? 142 ALA B C   1 
ATOM   1186 O O   . ALA A 1 136 ? -0.404  -3.556  19.423  1.00 19.07 ? 142 ALA B O   1 
ATOM   1187 C CB  . ALA A 1 136 ? -0.595  -6.586  18.734  1.00 17.63 ? 142 ALA B CB  1 
ATOM   1188 N N   . GLY A 1 137 ? -1.930  -3.590  17.789  1.00 14.54 ? 143 GLY B N   1 
ATOM   1189 C CA  . GLY A 1 137 ? -1.578  -2.281  17.241  1.00 13.68 ? 143 GLY B CA  1 
ATOM   1190 C C   . GLY A 1 137 ? -0.223  -2.334  16.497  1.00 12.65 ? 143 GLY B C   1 
ATOM   1191 O O   . GLY A 1 137 ? 0.612   -1.454  16.755  1.00 14.18 ? 143 GLY B O   1 
ATOM   1192 N N   . VAL A 1 138 ? -0.072  -3.321  15.631  1.00 12.77 ? 144 VAL B N   1 
ATOM   1193 C CA  . VAL A 1 138 ? 1.215   -3.546  14.894  1.00 13.46 ? 144 VAL B CA  1 
ATOM   1194 C C   . VAL A 1 138 ? 0.948   -3.595  13.396  1.00 12.73 ? 144 VAL B C   1 
ATOM   1195 O O   . VAL A 1 138 ? 0.043   -4.328  12.937  1.00 13.02 ? 144 VAL B O   1 
ATOM   1196 C CB  . VAL A 1 138 ? 1.860   -4.855  15.372  1.00 14.30 ? 144 VAL B CB  1 
ATOM   1197 C CG1 . VAL A 1 138 ? 3.025   -5.278  14.473  1.00 15.30 ? 144 VAL B CG1 1 
ATOM   1198 C CG2 . VAL A 1 138 ? 2.285   -4.698  16.828  1.00 15.84 ? 144 VAL B CG2 1 
ATOM   1199 N N   . VAL A 1 139 ? 1.817   -2.911  12.648  1.00 12.35 ? 145 VAL B N   1 
ATOM   1200 C CA  . VAL A 1 139 ? 1.941   -3.113  11.170  1.00 11.08 ? 145 VAL B CA  1 
ATOM   1201 C C   . VAL A 1 139 ? 3.427   -3.374  10.856  1.00 10.89 ? 145 VAL B C   1 
ATOM   1202 O O   . VAL A 1 139 ? 4.245   -2.481  11.161  1.00 11.96 ? 145 VAL B O   1 
ATOM   1203 C CB  . VAL A 1 139 ? 1.430   -1.882  10.398  1.00 11.19 ? 145 VAL B CB  1 
ATOM   1204 C CG1 . VAL A 1 139 ? 1.469   -2.161  8.896   1.00 11.03 ? 145 VAL B CG1 1 
ATOM   1205 C CG2 . VAL A 1 139 ? 0.034   -1.523  10.857  1.00 11.48 ? 145 VAL B CG2 1 
ATOM   1206 N N   . SER A 1 140 ? 3.709   -4.497  10.250  1.00 10.86 ? 146 SER B N   1 
ATOM   1207 C CA  . SER A 1 140 ? 5.098   -4.865  9.929   1.00 11.55 ? 146 SER B CA  1 
ATOM   1208 C C   . SER A 1 140 ? 5.233   -5.178  8.439   1.00 11.51 ? 146 SER B C   1 
ATOM   1209 O O   . SER A 1 140 ? 4.330   -5.676  7.809   1.00 12.75 ? 146 SER B O   1 
ATOM   1210 C CB  . SER A 1 140 ? 5.562   -6.048  10.756  1.00 12.08 ? 146 SER B CB  1 
ATOM   1211 O OG  . SER A 1 140 ? 5.654   -5.711  12.140  1.00 13.57 ? 146 SER B OG  1 
ATOM   1212 N N   . PHE A 1 141 ? 6.434   -4.916  7.958   1.00 10.84 ? 147 PHE B N   1 
ATOM   1213 C CA  . PHE A 1 141 ? 6.808   -5.052  6.540   1.00 11.03 ? 147 PHE B CA  1 
ATOM   1214 C C   . PHE A 1 141 ? 8.013   -5.974  6.450   1.00 10.84 ? 147 PHE B C   1 
ATOM   1215 O O   . PHE A 1 141 ? 9.007   -5.779  7.189   1.00 12.14 ? 147 PHE B O   1 
ATOM   1216 C CB  . PHE A 1 141 ? 7.116   -3.686  5.886   1.00 11.24 ? 147 PHE B CB  1 
ATOM   1217 C CG  . PHE A 1 141 ? 5.930   -2.760  5.893   1.00 10.83 ? 147 PHE B CG  1 
ATOM   1218 C CD1 . PHE A 1 141 ? 5.648   -1.979  7.018   1.00 11.06 ? 147 PHE B CD1 1 
ATOM   1219 C CD2 . PHE A 1 141 ? 5.155   -2.608  4.745   1.00 11.05 ? 147 PHE B CD2 1 
ATOM   1220 C CE1 . PHE A 1 141 ? 4.505   -1.167  7.021   1.00 11.71 ? 147 PHE B CE1 1 
ATOM   1221 C CE2 . PHE A 1 141 ? 4.020   -1.801  4.790   1.00 10.10 ? 147 PHE B CE2 1 
ATOM   1222 C CZ  . PHE A 1 141 ? 3.742   -1.033  5.892   1.00 10.40 ? 147 PHE B CZ  1 
ATOM   1223 N N   . TYR A 1 142 ? 7.967   -6.885  5.481   1.00 11.39 ? 148 TYR B N   1 
ATOM   1224 C CA  . TYR A 1 142 ? 8.985   -7.955  5.309   1.00 12.84 ? 148 TYR B CA  1 
ATOM   1225 C C   . TYR A 1 142 ? 9.493   -7.957  3.870   1.00 14.08 ? 148 TYR B C   1 
ATOM   1226 O O   . TYR A 1 142 ? 8.752   -7.805  2.898   1.00 14.24 ? 148 TYR B O   1 
ATOM   1227 C CB  . TYR A 1 142 ? 8.429   -9.311  5.727   1.00 13.44 ? 148 TYR B CB  1 
ATOM   1228 C CG  . TYR A 1 142 ? 8.055   -9.369  7.185   1.00 13.77 ? 148 TYR B CG  1 
ATOM   1229 C CD1 . TYR A 1 142 ? 8.992   -9.619  8.169   1.00 15.20 ? 148 TYR B CD1 1 
ATOM   1230 C CD2 . TYR A 1 142 ? 6.766   -9.083  7.596   1.00 14.94 ? 148 TYR B CD2 1 
ATOM   1231 C CE1 . TYR A 1 142 ? 8.652   -9.582  9.515   1.00 15.46 ? 148 TYR B CE1 1 
ATOM   1232 C CE2 . TYR A 1 142 ? 6.394   -9.066  8.931   1.00 15.15 ? 148 TYR B CE2 1 
ATOM   1233 C CZ  . TYR A 1 142 ? 7.346   -9.345  9.906   1.00 15.80 ? 148 TYR B CZ  1 
ATOM   1234 O OH  . TYR A 1 142 ? 7.045   -9.290  11.260  1.00 18.50 ? 148 TYR B OH  1 
ATOM   1235 N N   . ASN A 1 143 ? 10.778  -8.290  3.726   1.00 14.69 ? 149 ASN B N   1 
ATOM   1236 C CA  . ASN A 1 143 ? 11.485  -8.339  2.410   1.00 14.51 ? 149 ASN B CA  1 
ATOM   1237 C C   . ASN A 1 143 ? 11.423  -9.785  1.914   1.00 14.55 ? 149 ASN B C   1 
ATOM   1238 O O   . ASN A 1 143 ? 12.275  -10.636 2.359   1.00 16.77 ? 149 ASN B O   1 
ATOM   1239 C CB  . ASN A 1 143 ? 12.920  -7.852  2.582   1.00 14.55 ? 149 ASN B CB  1 
ATOM   1240 C CG  . ASN A 1 143 ? 13.679  -7.783  1.265   1.00 15.25 ? 149 ASN B CG  1 
ATOM   1241 O OD1 . ASN A 1 143 ? 13.232  -8.404  0.296   1.00 16.86 ? 149 ASN B OD1 1 
ATOM   1242 N ND2 . ASN A 1 143 ? 14.712  -6.982  1.215   1.00 16.88 ? 149 ASN B ND2 1 
ATOM   1243 N N   . ILE A 1 144 ? 10.513  -10.145 1.019   1.00 16.00 ? 150 ILE B N   1 
ATOM   1244 C CA  . ILE A 1 144 ? 10.297  -11.562 0.644   1.00 17.22 ? 150 ILE B CA  1 
ATOM   1245 C C   . ILE A 1 144 ? 11.523  -12.000 -0.178  1.00 19.14 ? 150 ILE B C   1 
ATOM   1246 O O   . ILE A 1 144 ? 11.888  -13.179 -0.082  1.00 21.06 ? 150 ILE B O   1 
ATOM   1247 C CB  . ILE A 1 144 ? 8.965   -11.713 -0.113  1.00 18.23 ? 150 ILE B CB  1 
ATOM   1248 C CG1 . ILE A 1 144 ? 7.763   -11.211 0.707   1.00 18.97 ? 150 ILE B CG1 1 
ATOM   1249 C CG2 . ILE A 1 144 ? 8.762   -13.148 -0.613  1.00 20.35 ? 150 ILE B CG2 1 
ATOM   1250 C CD1 . ILE A 1 144 ? 7.767   -11.679 2.127   1.00 23.25 ? 150 ILE B CD1 1 
ATOM   1251 N N   . THR A 1 145 ? 12.126  -11.095 -0.925  1.00 18.35 ? 151 THR B N   1 
ATOM   1252 C CA  . THR A 1 145 ? 13.319  -11.379 -1.790  1.00 18.99 ? 151 THR B CA  1 
ATOM   1253 C C   . THR A 1 145 ? 14.482  -11.811 -0.900  1.00 22.60 ? 151 THR B C   1 
ATOM   1254 O O   . THR A 1 145 ? 15.257  -12.711 -1.334  1.00 25.98 ? 151 THR B O   1 
ATOM   1255 C CB  . THR A 1 145 ? 13.673  -10.136 -2.616  1.00 17.81 ? 151 THR B CB  1 
ATOM   1256 O OG1 . THR A 1 145 ? 12.500  -9.723  -3.316  1.00 18.23 ? 151 THR B OG1 1 
ATOM   1257 C CG2 . THR A 1 145 ? 14.796  -10.413 -3.600  1.00 20.26 ? 151 THR B CG2 1 
ATOM   1258 N N   . ASP A 1 146 ? 14.593  -11.261 0.308   1.00 21.54 ? 152 ASP B N   1 
ATOM   1259 C CA  . ASP A 1 146 ? 15.684  -11.559 1.285   1.00 21.27 ? 152 ASP B CA  1 
ATOM   1260 C C   . ASP A 1 146 ? 15.187  -12.473 2.417   1.00 20.91 ? 152 ASP B C   1 
ATOM   1261 O O   . ASP A 1 146 ? 15.358  -12.099 3.580   1.00 22.33 ? 152 ASP B O   1 
ATOM   1262 C CB  . ASP A 1 146 ? 16.331  -10.262 1.705   1.00 21.61 ? 152 ASP B CB  1 
ATOM   1263 C CG  . ASP A 1 146 ? 17.471  -10.446 2.688   1.00 27.06 ? 152 ASP B CG  1 
ATOM   1264 O OD1 . ASP A 1 146 ? 18.296  -11.346 2.442   1.00 27.08 ? 152 ASP B OD1 1 
ATOM   1265 O OD2 . ASP A 1 146 ? 17.497  -9.717  3.696   1.00 25.68 ? 152 ASP B OD2 1 
ATOM   1266 N N   . HIS A 1 147 ? 14.565  -13.596 2.094   1.00 23.75 ? 153 HIS B N   1 
ATOM   1267 C CA  . HIS A 1 147 ? 14.204  -14.670 3.060   1.00 26.54 ? 153 HIS B CA  1 
ATOM   1268 C C   . HIS A 1 147 ? 13.277  -14.095 4.143   1.00 27.15 ? 153 HIS B C   1 
ATOM   1269 O O   . HIS A 1 147 ? 13.300  -14.563 5.276   1.00 29.26 ? 153 HIS B O   1 
ATOM   1270 C CB  . HIS A 1 147 ? 15.434  -15.303 3.744   1.00 31.97 ? 153 HIS B CB  1 
ATOM   1271 C CG  . HIS A 1 147 ? 16.609  -15.686 2.889   1.00 40.22 ? 153 HIS B CG  1 
ATOM   1272 N ND1 . HIS A 1 147 ? 16.666  -16.883 2.187   1.00 45.05 ? 153 HIS B ND1 1 
ATOM   1273 C CD2 . HIS A 1 147 ? 17.809  -15.084 2.704   1.00 46.27 ? 153 HIS B CD2 1 
ATOM   1274 C CE1 . HIS A 1 147 ? 17.824  -16.972 1.557   1.00 48.98 ? 153 HIS B CE1 1 
ATOM   1275 N NE2 . HIS A 1 147 ? 18.549  -15.880 1.860   1.00 48.49 ? 153 HIS B NE2 1 
ATOM   1276 N N   . GLY A 1 148 ? 12.462  -13.089 3.819   1.00 22.98 ? 154 GLY B N   1 
ATOM   1277 C CA  . GLY A 1 148 ? 11.461  -12.588 4.785   1.00 18.38 ? 154 GLY B CA  1 
ATOM   1278 C C   . GLY A 1 148 ? 12.030  -11.636 5.820   1.00 17.89 ? 154 GLY B C   1 
ATOM   1279 O O   . GLY A 1 148 ? 11.404  -11.533 6.846   1.00 17.89 ? 154 GLY B O   1 
ATOM   1280 N N   . SER A 1 149 ? 13.177  -11.029 5.598   1.00 16.20 ? 155 SER B N   1 
ATOM   1281 C CA  . SER A 1 149 ? 13.830  -10.191 6.623   1.00 14.60 ? 155 SER B CA  1 
ATOM   1282 C C   . SER A 1 149 ? 12.939  -8.994  6.975   1.00 16.16 ? 155 SER B C   1 
ATOM   1283 O O   . SER A 1 149 ? 12.267  -8.402  6.089   1.00 15.00 ? 155 SER B O   1 
ATOM   1284 C CB  . SER A 1 149 ? 15.206  -9.770  6.187   1.00 16.74 ? 155 SER B CB  1 
ATOM   1285 O OG  . SER A 1 149 ? 15.234  -9.044  4.971   1.00 17.11 ? 155 SER B OG  1 
ATOM   1286 N N   . LEU A 1 150 ? 12.967  -8.562  8.207   1.00 14.63 ? 156 LEU B N   1 
ATOM   1287 C CA  . LEU A 1 150 ? 12.158  -7.395  8.648   1.00 12.88 ? 156 LEU B CA  1 
ATOM   1288 C C   . LEU A 1 150 ? 12.667  -6.125  7.994   1.00 12.85 ? 156 LEU B C   1 
ATOM   1289 O O   . LEU A 1 150 ? 13.897  -5.811  7.997   1.00 13.95 ? 156 LEU B O   1 
ATOM   1290 C CB  . LEU A 1 150 ? 12.237  -7.255  10.175  1.00 13.65 ? 156 LEU B CB  1 
ATOM   1291 C CG  . LEU A 1 150 ? 11.426  -6.101  10.773  1.00 13.71 ? 156 LEU B CG  1 
ATOM   1292 C CD1 . LEU A 1 150 ? 9.930   -6.289  10.631  1.00 13.79 ? 156 LEU B CD1 1 
ATOM   1293 C CD2 . LEU A 1 150 ? 11.765  -5.985  12.288  1.00 14.46 ? 156 LEU B CD2 1 
ATOM   1294 N N   . ILE A 1 151 ? 11.729  -5.324  7.473   1.00 12.13 ? 157 ILE B N   1 
ATOM   1295 C CA  . ILE A 1 151 ? 11.983  -3.983  6.968   1.00 12.16 ? 157 ILE B CA  1 
ATOM   1296 C C   . ILE A 1 151 ? 11.675  -2.930  8.029   1.00 11.74 ? 157 ILE B C   1 
ATOM   1297 O O   . ILE A 1 151 ? 12.410  -1.996  8.283   1.00 11.69 ? 157 ILE B O   1 
ATOM   1298 C CB  . ILE A 1 151 ? 11.219  -3.746  5.647   1.00 12.77 ? 157 ILE B CB  1 
ATOM   1299 C CG1 . ILE A 1 151 ? 11.709  -4.677  4.547   1.00 13.72 ? 157 ILE B CG1 1 
ATOM   1300 C CG2 . ILE A 1 151 ? 11.325  -2.290  5.222   1.00 12.73 ? 157 ILE B CG2 1 
ATOM   1301 C CD1 . ILE A 1 151 ? 10.832  -4.652  3.286   1.00 14.05 ? 157 ILE B CD1 1 
ATOM   1302 N N   . TYR A 1 152 ? 10.443  -2.988  8.567   1.00 11.19 ? 158 TYR B N   1 
ATOM   1303 C CA  . TYR A 1 152 ? 9.988   -1.939  9.505   1.00 10.60 ? 158 TYR B CA  1 
ATOM   1304 C C   . TYR A 1 152 ? 8.765   -2.454  10.285  1.00 10.85 ? 158 TYR B C   1 
ATOM   1305 O O   . TYR A 1 152 ? 7.938   -3.159  9.707   1.00 11.57 ? 158 TYR B O   1 
ATOM   1306 C CB  . TYR A 1 152 ? 9.526   -0.662  8.746   1.00 10.99 ? 158 TYR B CB  1 
ATOM   1307 C CG  . TYR A 1 152 ? 9.328   0.518   9.649   1.00 10.77 ? 158 TYR B CG  1 
ATOM   1308 C CD1 . TYR A 1 152 ? 10.413  1.273   10.102  1.00 11.82 ? 158 TYR B CD1 1 
ATOM   1309 C CD2 . TYR A 1 152 ? 8.053   0.895   10.077  1.00 11.00 ? 158 TYR B CD2 1 
ATOM   1310 C CE1 . TYR A 1 152 ? 10.221  2.334   10.975  1.00 12.49 ? 158 TYR B CE1 1 
ATOM   1311 C CE2 . TYR A 1 152 ? 7.864   1.929   10.962  1.00 11.89 ? 158 TYR B CE2 1 
ATOM   1312 C CZ  . TYR A 1 152 ? 8.945   2.647   11.402  1.00 12.19 ? 158 TYR B CZ  1 
ATOM   1313 O OH  . TYR A 1 152 ? 8.808   3.658   12.316  1.00 14.90 ? 158 TYR B OH  1 
ATOM   1314 N N   . THR A 1 153 ? 8.673   -2.027  11.546  1.00 11.02 ? 159 THR B N   1 
ATOM   1315 C CA  . THR A 1 153 ? 7.499   -2.268  12.425  1.00 12.43 ? 159 THR B CA  1 
ATOM   1316 C C   . THR A 1 153 ? 7.015   -0.951  12.991  1.00 10.95 ? 159 THR B C   1 
ATOM   1317 O O   . THR A 1 153 ? 7.727   -0.261  13.721  1.00 12.72 ? 159 THR B O   1 
ATOM   1318 C CB  . THR A 1 153 ? 7.825   -3.257  13.575  1.00 12.46 ? 159 THR B CB  1 
ATOM   1319 O OG1 . THR A 1 153 ? 8.011   -4.524  12.969  1.00 13.00 ? 159 THR B OG1 1 
ATOM   1320 C CG2 . THR A 1 153 ? 6.697   -3.331  14.592  1.00 14.51 ? 159 THR B CG2 1 
ATOM   1321 N N   . PHE A 1 154 ? 5.738   -0.617  12.687  1.00 11.48 ? 160 PHE B N   1 
ATOM   1322 C CA  . PHE A 1 154 ? 4.966   0.406   13.429  1.00 11.85 ? 160 PHE B CA  1 
ATOM   1323 C C   . PHE A 1 154 ? 4.311   -0.313  14.613  1.00 12.00 ? 160 PHE B C   1 
ATOM   1324 O O   . PHE A 1 154 ? 3.598   -1.285  14.416  1.00 12.54 ? 160 PHE B O   1 
ATOM   1325 C CB  . PHE A 1 154 ? 3.830   0.985   12.594  1.00 12.50 ? 160 PHE B CB  1 
ATOM   1326 C CG  . PHE A 1 154 ? 4.230   1.829   11.402  1.00 10.11 ? 160 PHE B CG  1 
ATOM   1327 C CD1 . PHE A 1 154 ? 4.453   1.266   10.151  1.00 10.09 ? 160 PHE B CD1 1 
ATOM   1328 C CD2 . PHE A 1 154 ? 4.272   3.191   11.530  1.00 10.69 ? 160 PHE B CD2 1 
ATOM   1329 C CE1 . PHE A 1 154 ? 4.742   2.089   9.079   1.00 10.74 ? 160 PHE B CE1 1 
ATOM   1330 C CE2 . PHE A 1 154 ? 4.586   4.024   10.454  1.00 10.71 ? 160 PHE B CE2 1 
ATOM   1331 C CZ  . PHE A 1 154 ? 4.797   3.442   9.226   1.00 10.18 ? 160 PHE B CZ  1 
ATOM   1332 N N   . SER A 1 155 ? 4.623   0.174   15.819  1.00 14.05 ? 161 SER B N   1 
ATOM   1333 C CA  . SER A 1 155 ? 3.973   -0.377  17.019  1.00 15.43 ? 161 SER B CA  1 
ATOM   1334 C C   . SER A 1 155 ? 3.255   0.747   17.744  1.00 15.57 ? 161 SER B C   1 
ATOM   1335 O O   . SER A 1 155 ? 3.398   1.932   17.416  1.00 16.93 ? 161 SER B O   1 
ATOM   1336 C CB  . SER A 1 155 ? 5.008   -1.094  17.836  1.00 17.08 ? 161 SER B CB  1 
ATOM   1337 O OG  . SER A 1 155 ? 5.925   -0.200  18.401  1.00 21.19 ? 161 SER B OG  1 
ATOM   1338 N N   . GLU A 1 156 ? 2.426   0.350   18.734  1.00 18.04 ? 162 GLU B N   1 
ATOM   1339 C CA  . GLU A 1 156 ? 1.561   1.316   19.472  1.00 20.01 ? 162 GLU B CA  1 
ATOM   1340 C C   . GLU A 1 156 ? 0.679   2.073   18.479  1.00 18.19 ? 162 GLU B C   1 
ATOM   1341 O O   . GLU A 1 156 ? 0.446   3.302   18.659  1.00 20.84 ? 162 GLU B O   1 
ATOM   1342 C CB  . GLU A 1 156 ? 2.358   2.348   20.268  1.00 25.33 ? 162 GLU B CB  1 
ATOM   1343 C CG  . GLU A 1 156 ? 3.574   1.811   20.998  1.00 31.46 ? 162 GLU B CG  1 
ATOM   1344 C CD  . GLU A 1 156 ? 4.126   2.894   21.906  1.00 41.87 ? 162 GLU B CD  1 
ATOM   1345 O OE1 . GLU A 1 156 ? 4.945   3.718   21.428  1.00 43.75 ? 162 GLU B OE1 1 
ATOM   1346 O OE2 . GLU A 1 156 ? 3.653   2.973   23.059  1.00 47.39 ? 162 GLU B OE2 1 
ATOM   1347 N N   . CYS A 1 157 ? 0.229   1.380   17.430  1.00 16.14 ? 163 CYS B N   1 
ATOM   1348 C CA  . CYS A 1 157 ? -0.611  2.032   16.406  1.00 15.01 ? 163 CYS B CA  1 
ATOM   1349 C C   . CYS A 1 157 ? -1.980  2.373   17.003  1.00 16.87 ? 163 CYS B C   1 
ATOM   1350 O O   . CYS A 1 157 ? -2.535  1.510   17.753  1.00 19.23 ? 163 CYS B O   1 
ATOM   1351 C CB  . CYS A 1 157 ? -0.850  1.181   15.157  1.00 13.94 ? 163 CYS B CB  1 
ATOM   1352 S SG  . CYS A 1 157 ? 0.684   0.818   14.249  1.00 14.34 ? 163 CYS B SG  1 
ATOM   1353 N N   . VAL A 1 158 ? -2.484  3.539   16.670  1.00 16.66 ? 164 VAL B N   1 
ATOM   1354 C CA  . VAL A 1 158 ? -3.841  3.946   17.102  1.00 17.62 ? 164 VAL B CA  1 
ATOM   1355 C C   . VAL A 1 158 ? -4.690  3.945   15.828  1.00 15.01 ? 164 VAL B C   1 
ATOM   1356 O O   . VAL A 1 158 ? -4.841  4.975   15.139  1.00 18.29 ? 164 VAL B O   1 
ATOM   1357 C CB  . VAL A 1 158 ? -3.774  5.262   17.929  1.00 20.05 ? 164 VAL B CB  1 
ATOM   1358 C CG1 . VAL A 1 158 ? -5.208  5.645   18.324  1.00 20.57 ? 164 VAL B CG1 1 
ATOM   1359 C CG2 . VAL A 1 158 ? -2.883  5.137   19.157  1.00 22.50 ? 164 VAL B CG2 1 
ATOM   1360 N N   . PHE A 1 159 ? -5.204  2.793   15.401  1.00 14.78 ? 165 PHE B N   1 
ATOM   1361 C CA  . PHE A 1 159 ? -5.944  2.595   14.136  1.00 14.41 ? 165 PHE B CA  1 
ATOM   1362 C C   . PHE A 1 159 ? -7.182  3.490   14.120  1.00 17.37 ? 165 PHE B C   1 
ATOM   1363 O O   . PHE A 1 159 ? -7.403  4.188   13.133  1.00 17.66 ? 165 PHE B O   1 
ATOM   1364 C CB  . PHE A 1 159 ? -6.211  1.119   13.874  1.00 14.24 ? 165 PHE B CB  1 
ATOM   1365 C CG  . PHE A 1 159 ? -4.961  0.282   13.722  1.00 13.05 ? 165 PHE B CG  1 
ATOM   1366 C CD1 . PHE A 1 159 ? -3.924  0.685   12.871  1.00 13.69 ? 165 PHE B CD1 1 
ATOM   1367 C CD2 . PHE A 1 159 ? -4.849  -0.931  14.381  1.00 15.18 ? 165 PHE B CD2 1 
ATOM   1368 C CE1 . PHE A 1 159 ? -2.795  -0.124  12.725  1.00 13.59 ? 165 PHE B CE1 1 
ATOM   1369 C CE2 . PHE A 1 159 ? -3.724  -1.729  14.245  1.00 15.04 ? 165 PHE B CE2 1 
ATOM   1370 C CZ  . PHE A 1 159 ? -2.721  -1.343  13.379  1.00 13.59 ? 165 PHE B CZ  1 
ATOM   1371 N N   . ALA A 1 160 ? -7.974  3.463   15.191  1.00 15.38 ? 166 ALA B N   1 
ATOM   1372 C CA  . ALA A 1 160 ? -9.124  4.365   15.386  1.00 15.88 ? 166 ALA B CA  1 
ATOM   1373 C C   . ALA A 1 160 ? -10.197 4.131   14.349  1.00 15.61 ? 166 ALA B C   1 
ATOM   1374 O O   . ALA A 1 160 ? -10.988 5.099   14.095  1.00 17.63 ? 166 ALA B O   1 
ATOM   1375 C CB  . ALA A 1 160 ? -8.699  5.782   15.471  1.00 16.21 ? 166 ALA B CB  1 
ATOM   1376 N N   . GLY A 1 161 ? -10.318 2.941   13.820  1.00 16.53 ? 167 GLY B N   1 
ATOM   1377 C CA  . GLY A 1 161 ? -11.366 2.577   12.856  1.00 18.14 ? 167 GLY B CA  1 
ATOM   1378 C C   . GLY A 1 161 ? -11.009 1.347   12.064  1.00 15.14 ? 167 GLY B C   1 
ATOM   1379 O O   . GLY A 1 161 ? -9.899  0.773   12.271  1.00 14.78 ? 167 GLY B O   1 
ATOM   1380 N N   . PRO A 1 162 ? -11.868 0.929   11.156  1.00 14.01 ? 168 PRO B N   1 
ATOM   1381 C CA  . PRO A 1 162 ? -11.573 -0.169  10.251  1.00 13.39 ? 168 PRO B CA  1 
ATOM   1382 C C   . PRO A 1 162 ? -10.366 0.209   9.377   1.00 13.73 ? 168 PRO B C   1 
ATOM   1383 O O   . PRO A 1 162 ? -10.193 1.376   9.033   1.00 13.81 ? 168 PRO B O   1 
ATOM   1384 C CB  . PRO A 1 162 ? -12.821 -0.373  9.398   1.00 13.83 ? 168 PRO B CB  1 
ATOM   1385 C CG  . PRO A 1 162 ? -13.885 0.438   10.150  1.00 14.39 ? 168 PRO B CG  1 
ATOM   1386 C CD  . PRO A 1 162 ? -13.196 1.514   10.890  1.00 13.63 ? 168 PRO B CD  1 
ATOM   1387 N N   . LEU A 1 163 ? -9.599  -0.808  9.038   1.00 13.44 ? 169 LEU B N   1 
ATOM   1388 C CA  . LEU A 1 163 ? -8.383  -0.657  8.171   1.00 12.84 ? 169 LEU B CA  1 
ATOM   1389 C C   . LEU A 1 163 ? -8.664  -1.214  6.789   1.00 13.31 ? 169 LEU B C   1 
ATOM   1390 O O   . LEU A 1 163 ? -9.342  -2.229  6.628   1.00 14.71 ? 169 LEU B O   1 
ATOM   1391 C CB  . LEU A 1 163 ? -7.174  -1.369  8.780   1.00 13.17 ? 169 LEU B CB  1 
ATOM   1392 C CG  . LEU A 1 163 ? -6.613  -0.751  10.054  1.00 13.98 ? 169 LEU B CG  1 
ATOM   1393 C CD1 . LEU A 1 163 ? -5.540  -1.672  10.570  1.00 14.21 ? 169 LEU B CD1 1 
ATOM   1394 C CD2 . LEU A 1 163 ? -6.083  0.655   9.816   1.00 14.73 ? 169 LEU B CD2 1 
ATOM   1395 N N   . ARG A 1 164 ? -8.063  -0.583  5.767   1.00 12.49 ? 170 ARG B N   1 
ATOM   1396 C CA  . ARG A 1 164 ? -8.068  -1.080  4.381   1.00 12.13 ? 170 ARG B CA  1 
ATOM   1397 C C   . ARG A 1 164 ? -6.632  -1.203  3.852   1.00 10.61 ? 170 ARG B C   1 
ATOM   1398 O O   . ARG A 1 164 ? -5.811  -0.345  4.137   1.00 11.56 ? 170 ARG B O   1 
ATOM   1399 C CB  . ARG A 1 164 ? -8.899  -0.161  3.488   1.00 13.43 ? 170 ARG B CB  1 
ATOM   1400 C CG  . ARG A 1 164 ? -10.363 -0.178  3.963   1.00 16.13 ? 170 ARG B CG  1 
ATOM   1401 C CD  . ARG A 1 164 ? -11.326 0.642   3.159   1.00 19.75 ? 170 ARG B CD  1 
ATOM   1402 N NE  . ARG A 1 164 ? -11.458 0.006   1.872   1.00 17.86 ? 170 ARG B NE  1 
ATOM   1403 C CZ  . ARG A 1 164 ? -12.261 0.486   0.936   1.00 18.60 ? 170 ARG B CZ  1 
ATOM   1404 N NH1 . ARG A 1 164 ? -13.012 1.523   1.213   1.00 19.31 ? 170 ARG B NH1 1 
ATOM   1405 N NH2 . ARG A 1 164 ? -12.308 -0.077  -0.249  1.00 16.50 ? 170 ARG B NH2 1 
ATOM   1406 N N   . PRO A 1 165 ? -6.363  -2.237  3.034   1.00 10.74 ? 171 PRO B N   1 
ATOM   1407 C CA  . PRO A 1 165 ? -5.069  -2.290  2.323   1.00 10.53 ? 171 PRO B CA  1 
ATOM   1408 C C   . PRO A 1 165 ? -4.942  -1.035  1.441   1.00 10.60 ? 171 PRO B C   1 
ATOM   1409 O O   . PRO A 1 165 ? -5.911  -0.550  0.884   1.00 11.40 ? 171 PRO B O   1 
ATOM   1410 C CB  . PRO A 1 165 ? -5.140  -3.561  1.463   1.00 11.17 ? 171 PRO B CB  1 
ATOM   1411 C CG  . PRO A 1 165 ? -6.181  -4.441  2.214   1.00 12.72 ? 171 PRO B CG  1 
ATOM   1412 C CD  . PRO A 1 165 ? -7.187  -3.424  2.702   1.00 13.07 ? 171 PRO B CD  1 
ATOM   1413 N N   . PHE A 1 166 ? -3.742  -0.465  1.411   1.00 9.71  ? 172 PHE B N   1 
ATOM   1414 C CA  . PHE A 1 166 ? -3.436  0.814   0.746   1.00 10.50 ? 172 PHE B CA  1 
ATOM   1415 C C   . PHE A 1 166 ? -2.305  0.595   -0.259  1.00 9.59  ? 172 PHE B C   1 
ATOM   1416 O O   . PHE A 1 166 ? -1.263  -0.006  0.027   1.00 10.04 ? 172 PHE B O   1 
ATOM   1417 C CB  . PHE A 1 166 ? -3.029  1.861   1.774   1.00 10.81 ? 172 PHE B CB  1 
ATOM   1418 C CG  . PHE A 1 166 ? -2.576  3.169   1.164   1.00 10.79 ? 172 PHE B CG  1 
ATOM   1419 C CD1 . PHE A 1 166 ? -3.498  4.084   0.680   1.00 11.65 ? 172 PHE B CD1 1 
ATOM   1420 C CD2 . PHE A 1 166 ? -1.230  3.446   1.019   1.00 12.06 ? 172 PHE B CD2 1 
ATOM   1421 C CE1 . PHE A 1 166 ? -3.063  5.272   0.092   1.00 11.98 ? 172 PHE B CE1 1 
ATOM   1422 C CE2 . PHE A 1 166 ? -0.814  4.624   0.405   1.00 11.53 ? 172 PHE B CE2 1 
ATOM   1423 C CZ  . PHE A 1 166 ? -1.730  5.535   -0.043  1.00 12.12 ? 172 PHE B CZ  1 
ATOM   1424 N N   . PHE A 1 167 ? -2.445  1.252   -1.427  1.00 9.48  ? 173 PHE B N   1 
ATOM   1425 C CA  . PHE A 1 167 ? -1.516  1.127   -2.583  1.00 9.92  ? 173 PHE B CA  1 
ATOM   1426 C C   . PHE A 1 167 ? -1.332  2.493   -3.257  1.00 10.72 ? 173 PHE B C   1 
ATOM   1427 O O   . PHE A 1 167 ? -2.336  3.160   -3.503  1.00 11.13 ? 173 PHE B O   1 
ATOM   1428 C CB  . PHE A 1 167 ? -2.026  0.140   -3.651  1.00 10.22 ? 173 PHE B CB  1 
ATOM   1429 C CG  . PHE A 1 167 ? -2.409  -1.213  -3.063  1.00 10.63 ? 173 PHE B CG  1 
ATOM   1430 C CD1 . PHE A 1 167 ? -3.686  -1.422  -2.557  1.00 10.61 ? 173 PHE B CD1 1 
ATOM   1431 C CD2 . PHE A 1 167 ? -1.517  -2.285  -3.024  1.00 12.55 ? 173 PHE B CD2 1 
ATOM   1432 C CE1 . PHE A 1 167 ? -4.066  -2.620  -1.969  1.00 11.18 ? 173 PHE B CE1 1 
ATOM   1433 C CE2 . PHE A 1 167 ? -1.914  -3.510  -2.488  1.00 12.77 ? 173 PHE B CE2 1 
ATOM   1434 C CZ  . PHE A 1 167 ? -3.192  -3.664  -1.968  1.00 12.25 ? 173 PHE B CZ  1 
ATOM   1435 N N   . ASN A 1 168 ? -0.121  2.775   -3.674  1.00 10.73 ? 174 ASN B N   1 
ATOM   1436 C CA  . ASN A 1 168 ? 0.184   3.899   -4.585  1.00 9.97  ? 174 ASN B CA  1 
ATOM   1437 C C   . ASN A 1 168 ? 1.149   3.357   -5.622  1.00 10.34 ? 174 ASN B C   1 
ATOM   1438 O O   . ASN A 1 168 ? 2.269   2.948   -5.288  1.00 10.80 ? 174 ASN B O   1 
ATOM   1439 C CB  . ASN A 1 168 ? 0.787   5.089   -3.852  1.00 10.42 ? 174 ASN B CB  1 
ATOM   1440 C CG  . ASN A 1 168 ? 0.994   6.304   -4.727  1.00 12.57 ? 174 ASN B CG  1 
ATOM   1441 O OD1 . ASN A 1 168 ? 0.749   6.295   -5.925  1.00 13.28 ? 174 ASN B OD1 1 
ATOM   1442 N ND2 . ASN A 1 168 ? 1.345   7.395   -4.098  1.00 13.47 ? 174 ASN B ND2 1 
ATOM   1443 N N   . VAL A 1 169 ? 0.744   3.368   -6.904  1.00 10.78 ? 175 VAL B N   1 
ATOM   1444 C CA  . VAL A 1 169 ? 1.618   2.869   -8.000  1.00 10.96 ? 175 VAL B CA  1 
ATOM   1445 C C   . VAL A 1 169 ? 2.688   3.905   -8.354  1.00 11.49 ? 175 VAL B C   1 
ATOM   1446 O O   . VAL A 1 169 ? 3.616   3.563   -9.138  1.00 12.06 ? 175 VAL B O   1 
ATOM   1447 C CB  . VAL A 1 169 ? 0.850   2.464   -9.277  1.00 12.24 ? 175 VAL B CB  1 
ATOM   1448 C CG1 . VAL A 1 169 ? -0.103  1.326   -9.014  1.00 13.26 ? 175 VAL B CG1 1 
ATOM   1449 C CG2 . VAL A 1 169 ? 0.105   3.621   -9.910  1.00 12.76 ? 175 VAL B CG2 1 
ATOM   1450 N N   . GLY A 1 170 ? 2.539   5.138   -7.848  1.00 11.94 ? 176 GLY B N   1 
ATOM   1451 C CA  . GLY A 1 170 ? 3.432   6.263   -8.214  1.00 12.53 ? 176 GLY B CA  1 
ATOM   1452 C C   . GLY A 1 170 ? 3.212   6.821   -9.592  1.00 12.40 ? 176 GLY B C   1 
ATOM   1453 O O   . GLY A 1 170 ? 2.542   6.239   -10.433 1.00 12.00 ? 176 GLY B O   1 
ATOM   1454 N N   . PHE A 1 171 ? 3.697   8.048   -9.750  1.00 12.67 ? 177 PHE B N   1 
ATOM   1455 C CA  . PHE A 1 171 ? 3.694   8.726   -11.063 1.00 12.53 ? 177 PHE B CA  1 
ATOM   1456 C C   . PHE A 1 171 ? 4.677   8.035   -11.989 1.00 12.39 ? 177 PHE B C   1 
ATOM   1457 O O   . PHE A 1 171 ? 5.544   7.281   -11.582 1.00 12.52 ? 177 PHE B O   1 
ATOM   1458 C CB  . PHE A 1 171 ? 3.926   10.240  -10.923 1.00 13.86 ? 177 PHE B CB  1 
ATOM   1459 C CG  . PHE A 1 171 ? 2.788   10.979  -10.264 1.00 14.24 ? 177 PHE B CG  1 
ATOM   1460 C CD1 . PHE A 1 171 ? 1.630   11.270  -10.949 1.00 16.88 ? 177 PHE B CD1 1 
ATOM   1461 C CD2 . PHE A 1 171 ? 2.890   11.403  -8.950  1.00 16.11 ? 177 PHE B CD2 1 
ATOM   1462 C CE1 . PHE A 1 171 ? 0.572   11.929  -10.326 1.00 17.73 ? 177 PHE B CE1 1 
ATOM   1463 C CE2 . PHE A 1 171 ? 1.831   12.065  -8.342  1.00 17.33 ? 177 PHE B CE2 1 
ATOM   1464 C CZ  . PHE A 1 171 ? 0.716   12.359  -9.041  1.00 17.51 ? 177 PHE B CZ  1 
ATOM   1465 N N   . ASN A 1 172 ? 4.566   8.397   -13.268 1.00 12.59 ? 178 ASN B N   1 
ATOM   1466 C CA  . ASN A 1 172 ? 5.517   7.878   -14.282 1.00 11.97 ? 178 ASN B CA  1 
ATOM   1467 C C   . ASN A 1 172 ? 5.982   9.063   -15.148 1.00 11.99 ? 178 ASN B C   1 
ATOM   1468 O O   . ASN A 1 172 ? 6.007   8.967   -16.388 1.00 14.71 ? 178 ASN B O   1 
ATOM   1469 C CB  . ASN A 1 172 ? 4.892   6.785   -15.116 1.00 12.57 ? 178 ASN B CB  1 
ATOM   1470 C CG  . ASN A 1 172 ? 5.861   6.110   -16.034 1.00 12.60 ? 178 ASN B CG  1 
ATOM   1471 O OD1 . ASN A 1 172 ? 7.058   6.028   -15.796 1.00 12.73 ? 178 ASN B OD1 1 
ATOM   1472 N ND2 . ASN A 1 172 ? 5.319   5.563   -17.117 1.00 14.78 ? 178 ASN B ND2 1 
ATOM   1473 N N   . TYR A 1 173 ? 6.502   10.079  -14.519 1.00 12.86 ? 179 TYR B N   1 
ATOM   1474 C CA  . TYR A 1 173 ? 7.152   11.214  -15.237 1.00 12.11 ? 179 TYR B CA  1 
ATOM   1475 C C   . TYR A 1 173 ? 8.398   10.706  -15.948 1.00 13.51 ? 179 TYR B C   1 
ATOM   1476 O O   . TYR A 1 173 ? 8.775   11.333  -17.019 1.00 15.09 ? 179 TYR B O   1 
ATOM   1477 C CB  . TYR A 1 173 ? 7.504   12.352  -14.267 1.00 13.00 ? 179 TYR B CB  1 
ATOM   1478 C CG  . TYR A 1 173 ? 6.343   13.063  -13.628 1.00 15.51 ? 179 TYR B CG  1 
ATOM   1479 C CD1 . TYR A 1 173 ? 5.600   13.985  -14.346 1.00 19.14 ? 179 TYR B CD1 1 
ATOM   1480 C CD2 . TYR A 1 173 ? 6.058   12.871  -12.281 1.00 18.14 ? 179 TYR B CD2 1 
ATOM   1481 C CE1 . TYR A 1 173 ? 4.478   14.589  -13.788 1.00 20.18 ? 179 TYR B CE1 1 
ATOM   1482 C CE2 . TYR A 1 173 ? 4.932   13.479  -11.720 1.00 17.80 ? 179 TYR B CE2 1 
ATOM   1483 C CZ  . TYR A 1 173 ? 4.167   14.343  -12.469 1.00 20.91 ? 179 TYR B CZ  1 
ATOM   1484 O OH  . TYR A 1 173 ? 3.067   15.010  -11.948 1.00 25.81 ? 179 TYR B OH  1 
ATOM   1485 N N   . SER A 1 174 ? 9.153   9.753   -15.443 1.00 12.93 ? 180 SER B N   1 
ATOM   1486 C CA  . SER A 1 174 ? 10.476  9.297   -15.950 1.00 13.92 ? 180 SER B CA  1 
ATOM   1487 C C   . SER A 1 174 ? 10.326  8.332   -17.130 1.00 14.47 ? 180 SER B C   1 
ATOM   1488 O O   . SER A 1 174 ? 11.343  8.092   -17.815 1.00 16.65 ? 180 SER B O   1 
ATOM   1489 C CB  . SER A 1 174 ? 11.267  8.591   -14.901 1.00 15.05 ? 180 SER B CB  1 
ATOM   1490 O OG  . SER A 1 174 ? 10.566  7.396   -14.492 1.00 14.61 ? 180 SER B OG  1 
ATOM   1491 N N   . GLY A 1 175 ? 9.162   7.733   -17.317 1.00 12.82 ? 181 GLY B N   1 
ATOM   1492 C CA  . GLY A 1 175 ? 9.049   6.622   -18.279 1.00 13.14 ? 181 GLY B CA  1 
ATOM   1493 C C   . GLY A 1 175 ? 9.615   5.328   -17.756 1.00 14.28 ? 181 GLY B C   1 
ATOM   1494 O O   . GLY A 1 175 ? 9.628   4.349   -18.517 1.00 16.79 ? 181 GLY B O   1 
ATOM   1495 N N   . GLY A 1 176 ? 10.138  5.298   -16.527 1.00 13.49 ? 182 GLY B N   1 
ATOM   1496 C CA  . GLY A 1 176 ? 10.705  4.098   -15.916 1.00 13.55 ? 182 GLY B CA  1 
ATOM   1497 C C   . GLY A 1 176 ? 9.845   3.481   -14.808 1.00 13.37 ? 182 GLY B C   1 
ATOM   1498 O O   . GLY A 1 176 ? 10.295  2.466   -14.238 1.00 15.77 ? 182 GLY B O   1 
ATOM   1499 N N   . ASN A 1 177 ? 8.640   3.980   -14.592 1.00 11.77 ? 183 ASN B N   1 
ATOM   1500 C CA  . ASN A 1 177 ? 7.790   3.496   -13.489 1.00 11.71 ? 183 ASN B CA  1 
ATOM   1501 C C   . ASN A 1 177 ? 6.412   3.012   -13.961 1.00 11.79 ? 183 ASN B C   1 
ATOM   1502 O O   . ASN A 1 177 ? 5.491   2.998   -13.171 1.00 13.60 ? 183 ASN B O   1 
ATOM   1503 C CB  . ASN A 1 177 ? 7.622   4.575   -12.418 1.00 11.46 ? 183 ASN B CB  1 
ATOM   1504 C CG  . ASN A 1 177 ? 7.166   3.984   -11.089 1.00 11.90 ? 183 ASN B CG  1 
ATOM   1505 O OD1 . ASN A 1 177 ? 7.568   2.884   -10.732 1.00 12.27 ? 183 ASN B OD1 1 
ATOM   1506 N ND2 . ASN A 1 177 ? 6.309   4.741   -10.409 1.00 11.70 ? 183 ASN B ND2 1 
ATOM   1507 N N   . ALA A 1 178 ? 6.310   2.464   -15.166 1.00 12.50 ? 184 ALA B N   1 
ATOM   1508 C CA  . ALA A 1 178 ? 4.999   2.011   -15.688 1.00 13.59 ? 184 ALA B CA  1 
ATOM   1509 C C   . ALA A 1 178 ? 4.559   0.662   -15.098 1.00 12.88 ? 184 ALA B C   1 
ATOM   1510 O O   . ALA A 1 178 ? 3.376   0.359   -15.190 1.00 14.88 ? 184 ALA B O   1 
ATOM   1511 C CB  . ALA A 1 178 ? 5.065   1.898   -17.232 1.00 15.26 ? 184 ALA B CB  1 
ATOM   1512 N N   . ALA A 1 179 ? 5.491   -0.103  -14.559 1.00 12.72 ? 185 ALA B N   1 
ATOM   1513 C CA  . ALA A 1 179 ? 5.169   -1.489  -14.131 1.00 12.37 ? 185 ALA B CA  1 
ATOM   1514 C C   . ALA A 1 179 ? 4.046   -1.490  -13.080 1.00 12.83 ? 185 ALA B C   1 
ATOM   1515 O O   . ALA A 1 179 ? 3.906   -0.568  -12.260 1.00 12.53 ? 185 ALA B O   1 
ATOM   1516 C CB  . ALA A 1 179 ? 6.385   -2.212  -13.630 1.00 13.08 ? 185 ALA B CB  1 
ATOM   1517 N N   . PRO A 1 180 ? 3.241   -2.557  -13.042 1.00 13.01 ? 186 PRO B N   1 
ATOM   1518 C CA  . PRO A 1 180 ? 2.160   -2.646  -12.058 1.00 12.63 ? 186 PRO B CA  1 
ATOM   1519 C C   . PRO A 1 180 ? 2.598   -3.029  -10.618 1.00 11.41 ? 186 PRO B C   1 
ATOM   1520 O O   . PRO A 1 180 ? 3.692   -3.542  -10.434 1.00 12.61 ? 186 PRO B O   1 
ATOM   1521 C CB  . PRO A 1 180 ? 1.313   -3.810  -12.612 1.00 14.27 ? 186 PRO B CB  1 
ATOM   1522 C CG  . PRO A 1 180 ? 2.324   -4.695  -13.278 1.00 15.74 ? 186 PRO B CG  1 
ATOM   1523 C CD  . PRO A 1 180 ? 3.282   -3.713  -13.958 1.00 15.29 ? 186 PRO B CD  1 
ATOM   1524 N N   . LEU A 1 181 ? 1.726   -2.741  -9.662  1.00 12.01 ? 187 LEU B N   1 
ATOM   1525 C CA  . LEU A 1 181 ? 1.701   -3.468  -8.379  1.00 12.07 ? 187 LEU B CA  1 
ATOM   1526 C C   . LEU A 1 181 ? 0.857   -4.719  -8.588  1.00 12.36 ? 187 LEU B C   1 
ATOM   1527 O O   . LEU A 1 181 ? -0.258  -4.586  -9.146  1.00 14.17 ? 187 LEU B O   1 
ATOM   1528 C CB  . LEU A 1 181 ? 1.148   -2.571  -7.290  1.00 12.18 ? 187 LEU B CB  1 
ATOM   1529 C CG  . LEU A 1 181 ? 2.004   -1.350  -6.907  1.00 12.93 ? 187 LEU B CG  1 
ATOM   1530 C CD1 . LEU A 1 181 ? 1.301   -0.456  -5.888  1.00 13.46 ? 187 LEU B CD1 1 
ATOM   1531 C CD2 . LEU A 1 181 ? 3.353   -1.745  -6.369  1.00 14.86 ? 187 LEU B CD2 1 
ATOM   1532 N N   . LYS A 1 182 ? 1.279   -5.859  -8.056  1.00 12.70 ? 188 LYS B N   1 
ATOM   1533 C CA  . LYS A 1 182 ? 0.507   -7.116  -8.216  1.00 13.17 ? 188 LYS B CA  1 
ATOM   1534 C C   . LYS A 1 182 ? 0.342   -7.764  -6.851  1.00 13.34 ? 188 LYS B C   1 
ATOM   1535 O O   . LYS A 1 182 ? 1.373   -7.993  -6.168  1.00 13.80 ? 188 LYS B O   1 
ATOM   1536 C CB  . LYS A 1 182 ? 1.175   -8.107  -9.184  1.00 15.24 ? 188 LYS B CB  1 
ATOM   1537 C CG  . LYS A 1 182 ? 1.572   -7.578  -10.547 1.00 17.84 ? 188 LYS B CG  1 
ATOM   1538 C CD  . LYS A 1 182 ? 2.035   -8.695  -11.472 1.00 22.25 ? 188 LYS B CD  1 
ATOM   1539 C CE  . LYS A 1 182 ? 2.702   -8.225  -12.737 1.00 26.87 ? 188 LYS B CE  1 
ATOM   1540 N NZ  . LYS A 1 182 ? 3.271   -9.400  -13.450 1.00 32.74 ? 188 LYS B NZ  1 
ATOM   1541 N N   . LEU A 1 183 ? -0.849  -8.171  -6.508  1.00 13.31 ? 189 LEU B N   1 
ATOM   1542 C CA  . LEU A 1 183 ? -1.065  -9.014  -5.300  1.00 12.79 ? 189 LEU B CA  1 
ATOM   1543 C C   . LEU A 1 183 ? -0.621  -10.434 -5.625  1.00 15.22 ? 189 LEU B C   1 
ATOM   1544 O O   . LEU A 1 183 ? -1.195  -11.051 -6.570  1.00 18.93 ? 189 LEU B O   1 
ATOM   1545 C CB  . LEU A 1 183 ? -2.525  -8.915  -4.880  1.00 14.03 ? 189 LEU B CB  1 
ATOM   1546 C CG  . LEU A 1 183 ? -2.822  -7.605  -4.152  1.00 15.31 ? 189 LEU B CG  1 
ATOM   1547 C CD1 . LEU A 1 183 ? -4.255  -7.137  -4.263  1.00 19.89 ? 189 LEU B CD1 1 
ATOM   1548 C CD2 . LEU A 1 183 ? -2.316  -7.626  -2.705  1.00 13.80 ? 189 LEU B CD2 1 
ATOM   1549 N N   . CYS A 1 184 ? 0.324   -10.954 -4.860  1.00 16.29 ? 190 CYS B N   1 
ATOM   1550 C CA  . CYS A 1 184 ? 0.938   -12.295 -5.110  1.00 17.95 ? 190 CYS B CA  1 
ATOM   1551 C C   . CYS A 1 184 ? 0.032   -13.387 -4.606  1.00 19.60 ? 190 CYS B C   1 
ATOM   1552 O O   . CYS A 1 184 ? -0.614  -13.270 -3.581  1.00 19.19 ? 190 CYS B O   1 
ATOM   1553 C CB  . CYS A 1 184 ? 2.200   -12.462 -4.295  1.00 19.38 ? 190 CYS B CB  1 
ATOM   1554 S SG  . CYS A 1 184 ? 3.385   -11.141 -4.531  1.00 21.94 ? 190 CYS B SG  1 
ATOM   1555 N N   . PRO A 1 185 ? 0.042   -14.547 -5.286  1.00 24.96 ? 191 PRO B N   1 
ATOM   1556 C CA  . PRO A 1 185 ? -0.730  -15.680 -4.831  1.00 28.86 ? 191 PRO B CA  1 
ATOM   1557 C C   . PRO A 1 185 ? -0.186  -16.191 -3.493  1.00 27.22 ? 191 PRO B C   1 
ATOM   1558 O O   . PRO A 1 185 ? 1.025   -16.124 -3.250  1.00 27.68 ? 191 PRO B O   1 
ATOM   1559 C CB  . PRO A 1 185 ? -0.578  -16.664 -6.015  1.00 29.01 ? 191 PRO B CB  1 
ATOM   1560 C CG  . PRO A 1 185 ? 0.700   -16.296 -6.691  1.00 31.49 ? 191 PRO B CG  1 
ATOM   1561 C CD  . PRO A 1 185 ? 0.814   -14.799 -6.515  1.00 27.67 ? 191 PRO B CD  1 
ATOM   1562 N N   . LEU A 1 186 ? -1.118  -16.679 -2.683  1.00 31.43 ? 192 LEU B N   1 
ATOM   1563 C CA  . LEU A 1 186 ? -0.932  -17.495 -1.458  1.00 36.61 ? 192 LEU B CA  1 
ATOM   1564 C C   . LEU A 1 186 ? -0.179  -18.786 -1.793  1.00 41.84 ? 192 LEU B C   1 
ATOM   1565 O O   . LEU A 1 186 ? 0.460   -19.318 -0.869  1.00 45.89 ? 192 LEU B O   1 
ATOM   1566 C CB  . LEU A 1 186 ? -2.318  -17.836 -0.894  1.00 38.59 ? 192 LEU B CB  1 
HETATM 1567 C C4  . X1J B 2 .   ? -0.883  14.361  -13.419 0.59 34.88 ? 201 X1J B C4  1 
HETATM 1568 C C5  . X1J B 2 .   ? -1.374  14.653  -12.155 0.59 35.97 ? 201 X1J B C5  1 
HETATM 1569 C C6  . X1J B 2 .   ? -2.333  13.836  -11.565 0.59 35.40 ? 201 X1J B C6  1 
HETATM 1570 C C7  . X1J B 2 .   ? -1.022  15.792  -11.246 0.59 36.01 ? 201 X1J B C7  1 
HETATM 1571 C C8  . X1J B 2 .   ? -2.710  14.368  -10.212 0.59 36.12 ? 201 X1J B C8  1 
HETATM 1572 C C9  . X1J B 2 .   ? -2.550  16.792  -9.566  0.59 40.65 ? 201 X1J B C9  1 
HETATM 1573 C C10 . X1J B 2 .   ? -3.984  16.812  -9.133  0.59 39.74 ? 201 X1J B C10 1 
HETATM 1574 N N1  . X1J B 2 .   ? -2.119  15.717  -10.266 0.59 38.03 ? 201 X1J B N1  1 
HETATM 1575 N N2  . X1J B 2 .   ? -0.888  12.925  -15.357 0.59 34.12 ? 201 X1J B N2  1 
HETATM 1576 C C3  . X1J B 2 .   ? -1.368  13.234  -14.088 0.59 33.64 ? 201 X1J B C3  1 
HETATM 1577 C C1  . X1J B 2 .   ? -2.816  12.715  -12.228 0.59 33.88 ? 201 X1J B C1  1 
HETATM 1578 C C2  . X1J B 2 .   ? -2.331  12.419  -13.486 0.59 32.34 ? 201 X1J B C2  1 
HETATM 1579 O O1  . X1J B 2 .   ? -1.782  17.714  -9.298  0.59 42.43 ? 201 X1J B O1  1 
HETATM 1580 C C1  . EDO C 3 .   ? 3.104   11.169  -14.746 0.59 26.87 ? 202 EDO B C1  1 
HETATM 1581 O O1  . EDO C 3 .   ? 2.634   9.878   -14.395 0.59 23.35 ? 202 EDO B O1  1 
HETATM 1582 C C2  . EDO C 3 .   ? 2.084   12.072  -15.328 0.59 28.82 ? 202 EDO B C2  1 
HETATM 1583 O O2  . EDO C 3 .   ? 1.040   11.375  -15.973 0.59 30.67 ? 202 EDO B O2  1 
HETATM 1584 C C1  . EDO D 3 .   ? -5.512  23.566  -6.001  1.00 40.80 ? 203 EDO B C1  1 
HETATM 1585 O O1  . EDO D 3 .   ? -5.733  22.179  -5.793  1.00 32.55 ? 203 EDO B O1  1 
HETATM 1586 C C2  . EDO D 3 .   ? -4.086  23.947  -5.960  1.00 40.38 ? 203 EDO B C2  1 
HETATM 1587 O O2  . EDO D 3 .   ? -3.342  23.306  -6.970  1.00 48.33 ? 203 EDO B O2  1 
HETATM 1588 S S   . SO4 E 4 .   ? -0.409  17.258  5.999   1.00 41.33 ? 204 SO4 B S   1 
HETATM 1589 O O1  . SO4 E 4 .   ? -1.338  16.336  5.412   1.00 25.21 ? 204 SO4 B O1  1 
HETATM 1590 O O2  . SO4 E 4 .   ? -1.062  18.518  6.225   1.00 46.75 ? 204 SO4 B O2  1 
HETATM 1591 O O3  . SO4 E 4 .   ? 0.041   16.713  7.267   1.00 45.04 ? 204 SO4 B O3  1 
HETATM 1592 O O4  . SO4 E 4 .   ? 0.732   17.457  5.134   1.00 42.01 ? 204 SO4 B O4  1 
HETATM 1593 O O   . HOH F 5 .   ? -9.915  -0.099  -13.447 1.00 20.35 ? 301 HOH B O   1 
HETATM 1594 O O   . HOH F 5 .   ? 12.393  0.980   -14.447 1.00 36.91 ? 302 HOH B O   1 
HETATM 1595 O O   . HOH F 5 .   ? 1.534   1.461   -16.781 1.00 20.02 ? 303 HOH B O   1 
HETATM 1596 O O   . HOH F 5 .   ? 0.894   12.745  -18.195 1.00 35.56 ? 304 HOH B O   1 
HETATM 1597 O O   . HOH F 5 .   ? 0.703   5.884   -24.365 1.00 40.17 ? 305 HOH B O   1 
HETATM 1598 O O   . HOH F 5 .   ? -5.604  11.435  3.219   1.00 31.31 ? 306 HOH B O   1 
HETATM 1599 O O   . HOH F 5 .   ? 7.182   13.093  -18.212 1.00 27.30 ? 307 HOH B O   1 
HETATM 1600 O O   . HOH F 5 .   ? -14.286 12.588  -0.336  1.00 29.05 ? 308 HOH B O   1 
HETATM 1601 O O   . HOH F 5 .   ? -17.441 4.822   -18.941 1.00 27.93 ? 309 HOH B O   1 
HETATM 1602 O O   . HOH F 5 .   ? -9.455  4.181   -12.473 1.00 19.57 ? 310 HOH B O   1 
HETATM 1603 O O   . HOH F 5 .   ? 3.472   9.409   -1.571  1.00 33.61 ? 311 HOH B O   1 
HETATM 1604 O O   . HOH F 5 .   ? 3.246   4.408   -12.434 1.00 15.88 ? 312 HOH B O   1 
HETATM 1605 O O   . HOH F 5 .   ? -11.134 12.322  -8.270  1.00 27.58 ? 313 HOH B O   1 
HETATM 1606 O O   . HOH F 5 .   ? -13.813 11.340  -13.813 1.00 22.32 ? 314 HOH B O   1 
HETATM 1607 O O   . HOH F 5 .   ? 7.835   -2.553  -17.962 1.00 25.60 ? 315 HOH B O   1 
HETATM 1608 O O   . HOH F 5 .   ? -5.853  13.182  -3.226  1.00 15.12 ? 316 HOH B O   1 
HETATM 1609 O O   . HOH F 5 .   ? 12.976  7.632   -10.827 1.00 22.59 ? 317 HOH B O   1 
HETATM 1610 O O   . HOH F 5 .   ? -12.595 11.039  -11.322 1.00 26.44 ? 318 HOH B O   1 
HETATM 1611 O O   . HOH F 5 .   ? 2.067   1.863   -12.709 1.00 14.66 ? 319 HOH B O   1 
HETATM 1612 O O   . HOH F 5 .   ? 8.506   0.267   -14.178 1.00 17.76 ? 320 HOH B O   1 
HETATM 1613 O O   . HOH F 5 .   ? 10.462  -1.513  -6.667  1.00 14.59 ? 321 HOH B O   1 
HETATM 1614 O O   . HOH F 5 .   ? -14.435 2.632   -11.463 1.00 26.57 ? 322 HOH B O   1 
HETATM 1615 O O   . HOH F 5 .   ? 2.476   5.407   -17.414 1.00 31.36 ? 323 HOH B O   1 
HETATM 1616 O O   . HOH F 5 .   ? -4.804  20.405  -1.156  1.00 27.19 ? 324 HOH B O   1 
HETATM 1617 O O   . HOH F 5 .   ? -7.682  13.710  -14.908 1.00 22.89 ? 325 HOH B O   1 
HETATM 1618 O O   . HOH F 5 .   ? 11.833  8.115   -7.936  1.00 20.98 ? 326 HOH B O   1 
HETATM 1619 O O   . HOH F 5 .   ? 8.430   1.982   -17.233 1.00 17.42 ? 327 HOH B O   1 
HETATM 1620 O O   . HOH F 5 .   ? 2.513   10.017  -5.025  1.00 30.86 ? 328 HOH B O   1 
HETATM 1621 O O   . HOH F 5 .   ? -9.344  10.577  -9.504  1.00 22.42 ? 329 HOH B O   1 
HETATM 1622 O O   . HOH F 5 .   ? 6.329   4.914   -19.946 1.00 22.26 ? 330 HOH B O   1 
HETATM 1623 O O   . HOH F 5 .   ? 5.891   9.042   -7.841  1.00 15.76 ? 331 HOH B O   1 
HETATM 1624 O O   . HOH F 5 .   ? 10.546  -0.043  -17.645 1.00 36.93 ? 332 HOH B O   1 
HETATM 1625 O O   . HOH F 5 .   ? 5.333   -3.720  -17.183 1.00 37.02 ? 333 HOH B O   1 
HETATM 1626 O O   . HOH F 5 .   ? -15.453 14.584  -1.146  1.00 36.97 ? 334 HOH B O   1 
HETATM 1627 O O   . HOH F 5 .   ? -18.950 4.363   -16.760 1.00 43.53 ? 335 HOH B O   1 
HETATM 1628 O O   . HOH F 5 .   ? 3.321   12.503  -4.850  1.00 30.00 ? 336 HOH B O   1 
# 
